data_6NST
#
_entry.id   6NST
#
_cell.length_a   85.837
_cell.length_b   129.636
_cell.length_c   85.787
_cell.angle_alpha   90.000
_cell.angle_beta   114.250
_cell.angle_gamma   90.000
#
_symmetry.space_group_name_H-M   'P 1 21 1'
#
loop_
_entity.id
_entity.type
_entity.pdbx_description
1 polymer 'Branched-chain-amino-acid aminotransferase'
2 non-polymer 'SULFATE ION'
3 water water
#
_entity_poly.entity_id   1
_entity_poly.type   'polypeptide(L)'
_entity_poly.pdbx_seq_one_letter_code
;MSMADRDGVIWYDGELVQWRDATTHVLTHTHHYGMGVFEGVRAYDTPQGTAIFRLQAHTDRLFDSAHIMNMQIPYSRDEI
NEATRAAVRENNLESAYIRPMVFYGSEGMGLRASGLKVHVIIAAWSWGAYMGEEALQQGIKVRTSSFTRHHVNISMTRAK
SNGAYINSMLALQEAISGGADEAMMLDPEGYVAEGSGENIFIIKDGVIYTPEVTACLNGITRNTILTLAAEHGFKLVEKR
ITRDEVYIADEAFFTGTAAEVTPIREVDGRKIGAGRRGPVTEKLQKAYFDLVSGKTEAHAEWRTLVK
;
_entity_poly.pdbx_strand_id   A,B,C,D,E,F
#
# COMPACT_ATOMS: atom_id res chain seq x y z
N MET A 1 -40.54 -21.08 8.89
CA MET A 1 -39.20 -21.02 9.48
C MET A 1 -38.67 -19.58 9.52
N SER A 2 -38.41 -19.09 10.73
CA SER A 2 -37.95 -17.72 10.90
C SER A 2 -37.30 -17.59 12.28
N MET A 3 -36.51 -16.52 12.43
CA MET A 3 -35.89 -16.19 13.70
C MET A 3 -36.75 -15.26 14.54
N ALA A 4 -37.90 -14.83 14.02
CA ALA A 4 -38.82 -13.95 14.74
C ALA A 4 -40.01 -14.69 15.31
N ASP A 5 -40.60 -15.62 14.56
CA ASP A 5 -41.76 -16.37 15.03
C ASP A 5 -41.27 -17.53 15.89
N ARG A 6 -40.89 -17.20 17.13
CA ARG A 6 -40.44 -18.17 18.10
C ARG A 6 -41.03 -17.83 19.45
N ASP A 7 -41.11 -18.85 20.30
CA ASP A 7 -41.57 -18.67 21.67
C ASP A 7 -40.40 -18.36 22.59
N GLY A 8 -40.67 -17.55 23.61
CA GLY A 8 -39.66 -17.16 24.57
C GLY A 8 -39.69 -15.67 24.80
N VAL A 9 -38.60 -15.16 25.38
CA VAL A 9 -38.50 -13.75 25.72
C VAL A 9 -37.14 -13.23 25.26
N ILE A 10 -37.09 -11.91 25.06
CA ILE A 10 -35.86 -11.20 24.72
C ILE A 10 -35.76 -10.00 25.64
N TRP A 11 -34.58 -9.84 26.26
CA TRP A 11 -34.32 -8.64 27.05
C TRP A 11 -34.21 -7.45 26.11
N TYR A 12 -35.05 -6.44 26.34
CA TYR A 12 -35.17 -5.31 25.42
C TYR A 12 -35.28 -4.04 26.25
N ASP A 13 -34.15 -3.33 26.39
CA ASP A 13 -34.10 -2.01 27.02
C ASP A 13 -34.64 -2.05 28.46
N GLY A 14 -34.04 -2.92 29.26
CA GLY A 14 -34.35 -2.99 30.68
C GLY A 14 -35.45 -3.95 31.07
N GLU A 15 -36.22 -4.46 30.11
CA GLU A 15 -37.35 -5.33 30.38
C GLU A 15 -37.31 -6.54 29.45
N LEU A 16 -37.93 -7.62 29.91
CA LEU A 16 -38.16 -8.77 29.06
C LEU A 16 -39.46 -8.56 28.28
N VAL A 17 -39.42 -8.84 26.98
CA VAL A 17 -40.59 -8.74 26.14
C VAL A 17 -40.73 -10.06 25.39
N GLN A 18 -41.96 -10.36 24.97
CA GLN A 18 -42.19 -11.55 24.17
C GLN A 18 -41.33 -11.52 22.92
N TRP A 19 -40.88 -12.72 22.51
CA TRP A 19 -39.94 -12.82 21.40
C TRP A 19 -40.47 -12.14 20.15
N ARG A 20 -41.70 -12.46 19.76
CA ARG A 20 -42.29 -11.87 18.56
C ARG A 20 -42.59 -10.39 18.72
N ASP A 21 -42.65 -9.89 19.96
CA ASP A 21 -42.87 -8.48 20.22
C ASP A 21 -41.58 -7.67 20.25
N ALA A 22 -40.42 -8.33 20.28
CA ALA A 22 -39.13 -7.63 20.28
C ALA A 22 -38.86 -7.14 18.87
N THR A 23 -39.49 -6.03 18.51
CA THR A 23 -39.38 -5.43 17.20
C THR A 23 -38.76 -4.04 17.29
N THR A 24 -38.36 -3.54 16.13
CA THR A 24 -37.86 -2.17 16.01
C THR A 24 -38.44 -1.58 14.74
N HIS A 25 -38.51 -0.25 14.70
CA HIS A 25 -39.02 0.41 13.52
C HIS A 25 -38.10 0.16 12.34
N VAL A 26 -38.69 0.08 11.14
CA VAL A 26 -37.90 -0.23 9.95
C VAL A 26 -36.97 0.89 9.57
N LEU A 27 -37.16 2.10 10.12
CA LEU A 27 -36.23 3.20 9.94
C LEU A 27 -35.21 3.29 11.07
N THR A 28 -34.90 2.17 11.72
CA THR A 28 -33.85 2.14 12.74
C THR A 28 -32.52 2.55 12.13
N HIS A 29 -31.77 3.37 12.87
CA HIS A 29 -30.55 3.98 12.33
C HIS A 29 -29.49 2.93 12.05
N THR A 30 -29.23 2.03 13.01
CA THR A 30 -28.26 0.97 12.78
C THR A 30 -28.68 0.07 11.62
N HIS A 31 -29.99 -0.08 11.42
CA HIS A 31 -30.49 -0.89 10.31
C HIS A 31 -30.07 -0.31 8.96
N HIS A 32 -29.94 1.01 8.87
CA HIS A 32 -29.64 1.67 7.61
C HIS A 32 -28.17 2.04 7.46
N TYR A 33 -27.43 2.19 8.55
CA TYR A 33 -26.05 2.63 8.48
C TYR A 33 -25.06 1.71 9.18
N GLY A 34 -25.52 0.60 9.78
CA GLY A 34 -24.63 -0.37 10.35
C GLY A 34 -23.93 0.02 11.63
N MET A 35 -24.13 1.24 12.12
CA MET A 35 -23.45 1.73 13.32
C MET A 35 -24.07 1.05 14.54
N GLY A 36 -23.39 0.02 15.03
CA GLY A 36 -23.83 -0.67 16.23
C GLY A 36 -22.79 -1.71 16.57
N VAL A 37 -22.87 -2.19 17.82
CA VAL A 37 -21.92 -3.17 18.30
C VAL A 37 -22.71 -4.37 18.84
N PHE A 38 -22.06 -5.53 18.81
CA PHE A 38 -22.72 -6.75 19.26
C PHE A 38 -21.67 -7.73 19.78
N GLU A 39 -22.16 -8.83 20.35
CA GLU A 39 -21.30 -9.86 20.90
C GLU A 39 -21.87 -11.23 20.58
N GLY A 40 -20.99 -12.22 20.58
CA GLY A 40 -21.40 -13.61 20.49
C GLY A 40 -20.97 -14.35 21.73
N VAL A 41 -21.94 -14.86 22.49
CA VAL A 41 -21.67 -15.48 23.78
C VAL A 41 -22.32 -16.86 23.81
N ARG A 42 -21.68 -17.79 24.51
CA ARG A 42 -22.16 -19.16 24.63
C ARG A 42 -22.49 -19.49 26.08
N ALA A 43 -23.55 -20.24 26.27
CA ALA A 43 -23.88 -20.85 27.55
C ALA A 43 -23.81 -22.36 27.39
N TYR A 44 -23.06 -23.02 28.27
CA TYR A 44 -22.86 -24.46 28.20
C TYR A 44 -23.51 -25.16 29.38
N ASP A 45 -23.79 -26.45 29.17
CA ASP A 45 -24.32 -27.32 30.22
C ASP A 45 -23.16 -27.83 31.04
N THR A 46 -23.03 -27.35 32.27
CA THR A 46 -21.96 -27.72 33.18
C THR A 46 -22.50 -28.54 34.35
N PRO A 47 -21.64 -29.29 35.04
CA PRO A 47 -22.12 -30.03 36.23
C PRO A 47 -22.78 -29.16 37.27
N GLN A 48 -22.39 -27.89 37.38
CA GLN A 48 -23.00 -26.96 38.32
C GLN A 48 -24.26 -26.29 37.76
N GLY A 49 -24.59 -26.55 36.49
CA GLY A 49 -25.74 -25.94 35.85
C GLY A 49 -25.33 -25.20 34.59
N THR A 50 -26.34 -24.67 33.90
CA THR A 50 -26.09 -23.87 32.71
C THR A 50 -25.26 -22.65 33.07
N ALA A 51 -24.10 -22.51 32.43
CA ALA A 51 -23.16 -21.46 32.78
C ALA A 51 -22.68 -20.74 31.52
N ILE A 52 -22.58 -19.42 31.61
CA ILE A 52 -22.06 -18.60 30.53
C ILE A 52 -20.54 -18.59 30.60
N PHE A 53 -19.88 -18.83 29.47
CA PHE A 53 -18.42 -18.89 29.43
C PHE A 53 -17.85 -17.50 29.23
N ARG A 54 -17.06 -17.04 30.20
CA ARG A 54 -16.41 -15.74 30.18
C ARG A 54 -17.42 -14.63 29.88
N LEU A 55 -18.42 -14.53 30.76
CA LEU A 55 -19.42 -13.48 30.64
C LEU A 55 -18.78 -12.11 30.75
N GLN A 56 -17.82 -11.94 31.65
CA GLN A 56 -17.22 -10.63 31.87
C GLN A 56 -16.43 -10.16 30.65
N ALA A 57 -15.67 -11.06 30.03
CA ALA A 57 -14.86 -10.68 28.87
C ALA A 57 -15.73 -10.26 27.70
N HIS A 58 -16.88 -10.90 27.52
CA HIS A 58 -17.76 -10.52 26.42
C HIS A 58 -18.49 -9.21 26.72
N THR A 59 -18.87 -9.01 27.98
CA THR A 59 -19.51 -7.74 28.35
C THR A 59 -18.51 -6.59 28.30
N ASP A 60 -17.26 -6.83 28.74
CA ASP A 60 -16.23 -5.80 28.67
C ASP A 60 -15.91 -5.43 27.22
N ARG A 61 -15.89 -6.42 26.33
CA ARG A 61 -15.62 -6.12 24.93
C ARG A 61 -16.77 -5.37 24.28
N LEU A 62 -18.01 -5.66 24.70
CA LEU A 62 -19.14 -4.90 24.20
C LEU A 62 -19.02 -3.43 24.56
N PHE A 63 -18.66 -3.13 25.81
CA PHE A 63 -18.48 -1.74 26.22
C PHE A 63 -17.25 -1.12 25.57
N ASP A 64 -16.19 -1.91 25.38
CA ASP A 64 -15.05 -1.46 24.58
C ASP A 64 -15.48 -1.10 23.16
N SER A 65 -16.25 -1.98 22.52
CA SER A 65 -16.71 -1.71 21.16
C SER A 65 -17.56 -0.45 21.09
N ALA A 66 -18.45 -0.27 22.07
CA ALA A 66 -19.28 0.93 22.10
C ALA A 66 -18.44 2.17 22.40
N HIS A 67 -17.38 2.03 23.21
CA HIS A 67 -16.50 3.16 23.49
C HIS A 67 -15.71 3.56 22.26
N ILE A 68 -15.29 2.57 21.45
CA ILE A 68 -14.58 2.87 20.20
C ILE A 68 -15.50 3.61 19.24
N MET A 69 -16.75 3.20 19.15
CA MET A 69 -17.71 3.79 18.22
C MET A 69 -18.40 5.02 18.79
N ASN A 70 -18.00 5.47 19.98
CA ASN A 70 -18.62 6.62 20.64
C ASN A 70 -20.11 6.40 20.87
N MET A 71 -20.48 5.16 21.20
CA MET A 71 -21.85 4.82 21.55
C MET A 71 -21.94 4.66 23.06
N GLN A 72 -22.85 5.42 23.68
CA GLN A 72 -23.04 5.38 25.13
C GLN A 72 -24.14 4.37 25.46
N ILE A 73 -23.75 3.23 26.02
CA ILE A 73 -24.70 2.21 26.44
C ILE A 73 -25.49 2.73 27.62
N PRO A 74 -26.83 2.76 27.55
CA PRO A 74 -27.62 3.34 28.65
C PRO A 74 -27.70 2.43 29.87
N TYR A 75 -26.91 1.37 29.88
CA TYR A 75 -26.91 0.40 30.97
C TYR A 75 -25.47 0.10 31.34
N SER A 76 -25.29 -0.36 32.58
CA SER A 76 -23.96 -0.66 33.09
C SER A 76 -23.58 -2.09 32.81
N ARG A 77 -22.32 -2.42 33.08
CA ARG A 77 -21.85 -3.79 32.87
C ARG A 77 -22.59 -4.77 33.76
N ASP A 78 -22.87 -4.38 35.01
CA ASP A 78 -23.57 -5.28 35.93
C ASP A 78 -24.99 -5.58 35.43
N GLU A 79 -25.66 -4.59 34.86
CA GLU A 79 -26.98 -4.83 34.30
C GLU A 79 -26.90 -5.75 33.08
N ILE A 80 -25.90 -5.53 32.22
CA ILE A 80 -25.76 -6.35 31.03
C ILE A 80 -25.42 -7.79 31.39
N ASN A 81 -24.51 -7.98 32.36
CA ASN A 81 -24.21 -9.32 32.84
C ASN A 81 -25.46 -9.99 33.39
N GLU A 82 -26.25 -9.25 34.17
CA GLU A 82 -27.48 -9.81 34.72
C GLU A 82 -28.51 -10.08 33.62
N ALA A 83 -28.61 -9.18 32.65
CA ALA A 83 -29.56 -9.38 31.56
C ALA A 83 -29.15 -10.55 30.67
N THR A 84 -27.84 -10.72 30.46
CA THR A 84 -27.38 -11.85 29.65
C THR A 84 -27.74 -13.18 30.29
N ARG A 85 -27.60 -13.27 31.61
CA ARG A 85 -28.02 -14.47 32.32
C ARG A 85 -29.53 -14.66 32.27
N ALA A 86 -30.28 -13.55 32.36
CA ALA A 86 -31.74 -13.64 32.30
C ALA A 86 -32.21 -14.14 30.93
N ALA A 87 -31.55 -13.70 29.86
CA ALA A 87 -31.93 -14.13 28.52
C ALA A 87 -31.83 -15.64 28.37
N VAL A 88 -30.89 -16.27 29.07
CA VAL A 88 -30.75 -17.72 29.04
C VAL A 88 -31.68 -18.39 30.04
N ARG A 89 -31.74 -17.86 31.27
CA ARG A 89 -32.58 -18.46 32.31
C ARG A 89 -34.06 -18.41 31.92
N GLU A 90 -34.56 -17.22 31.58
CA GLU A 90 -35.99 -17.05 31.39
C GLU A 90 -36.52 -17.83 30.19
N ASN A 91 -35.64 -18.22 29.25
CA ASN A 91 -36.03 -19.09 28.15
C ASN A 91 -35.82 -20.56 28.47
N ASN A 92 -35.32 -20.87 29.67
CA ASN A 92 -35.11 -22.25 30.12
C ASN A 92 -34.19 -23.01 29.16
N LEU A 93 -33.11 -22.36 28.73
CA LEU A 93 -32.18 -22.93 27.77
C LEU A 93 -31.09 -23.70 28.50
N GLU A 94 -30.93 -24.97 28.15
CA GLU A 94 -29.87 -25.78 28.73
C GLU A 94 -28.51 -25.35 28.19
N SER A 95 -28.45 -25.00 26.90
CA SER A 95 -27.27 -24.40 26.30
C SER A 95 -27.76 -23.44 25.22
N ALA A 96 -27.00 -22.38 24.99
CA ALA A 96 -27.50 -21.34 24.10
C ALA A 96 -26.36 -20.53 23.53
N TYR A 97 -26.64 -19.91 22.39
CA TYR A 97 -25.84 -18.82 21.84
C TYR A 97 -26.56 -17.52 22.16
N ILE A 98 -25.82 -16.55 22.71
CA ILE A 98 -26.40 -15.29 23.15
C ILE A 98 -25.90 -14.19 22.23
N ARG A 99 -26.83 -13.30 21.84
CA ARG A 99 -26.53 -12.18 20.97
C ARG A 99 -26.88 -10.88 21.70
N PRO A 100 -25.96 -10.35 22.50
CA PRO A 100 -26.11 -8.98 22.99
C PRO A 100 -25.80 -8.02 21.86
N MET A 101 -26.66 -7.02 21.67
CA MET A 101 -26.51 -6.11 20.54
C MET A 101 -26.94 -4.71 20.94
N VAL A 102 -26.08 -3.74 20.65
CA VAL A 102 -26.31 -2.33 20.95
C VAL A 102 -26.49 -1.60 19.64
N PHE A 103 -27.56 -0.82 19.52
CA PHE A 103 -27.88 -0.18 18.25
C PHE A 103 -28.57 1.16 18.47
N TYR A 104 -28.39 2.06 17.51
CA TYR A 104 -29.08 3.34 17.53
C TYR A 104 -30.54 3.16 17.10
N GLY A 105 -31.43 3.95 17.71
CA GLY A 105 -32.85 3.81 17.48
C GLY A 105 -33.31 4.53 16.24
N SER A 106 -34.63 4.70 16.15
CA SER A 106 -35.23 5.40 15.00
C SER A 106 -35.59 6.84 15.32
N GLU A 107 -34.59 7.62 15.76
CA GLU A 107 -34.82 9.03 16.10
C GLU A 107 -34.51 9.95 14.93
N GLY A 108 -33.28 9.87 14.39
CA GLY A 108 -32.88 10.64 13.24
C GLY A 108 -32.59 9.75 12.04
N MET A 109 -32.20 10.42 10.95
CA MET A 109 -31.91 9.72 9.71
C MET A 109 -30.67 10.24 8.98
N GLY A 110 -29.98 11.24 9.54
CA GLY A 110 -28.76 11.73 8.95
C GLY A 110 -27.53 11.05 9.53
N LEU A 111 -26.39 11.26 8.86
CA LEU A 111 -25.13 10.69 9.31
C LEU A 111 -24.66 11.37 10.60
N SER A 114 -25.81 12.73 17.04
CA SER A 114 -26.85 13.74 17.04
C SER A 114 -27.85 13.52 18.18
N GLY A 115 -29.09 13.23 17.83
CA GLY A 115 -30.12 12.96 18.81
C GLY A 115 -30.59 11.52 18.78
N LEU A 116 -29.66 10.62 18.52
CA LEU A 116 -29.98 9.20 18.39
C LEU A 116 -30.03 8.53 19.76
N LYS A 117 -31.06 7.73 19.98
CA LYS A 117 -31.19 6.95 21.20
C LYS A 117 -30.53 5.59 21.04
N VAL A 118 -29.86 5.14 22.09
CA VAL A 118 -29.19 3.84 22.10
C VAL A 118 -30.11 2.81 22.70
N HIS A 119 -30.35 1.72 21.97
CA HIS A 119 -31.14 0.60 22.44
C HIS A 119 -30.26 -0.63 22.58
N VAL A 120 -30.65 -1.53 23.48
CA VAL A 120 -29.89 -2.74 23.75
C VAL A 120 -30.85 -3.93 23.77
N ILE A 121 -30.50 -5.00 23.07
CA ILE A 121 -31.27 -6.24 23.08
C ILE A 121 -30.34 -7.41 23.33
N ILE A 122 -30.84 -8.40 24.08
CA ILE A 122 -30.08 -9.61 24.35
C ILE A 122 -30.96 -10.81 24.11
N ALA A 123 -30.75 -11.49 22.99
CA ALA A 123 -31.53 -12.66 22.59
C ALA A 123 -30.68 -13.91 22.75
N ALA A 124 -31.32 -15.00 23.20
CA ALA A 124 -30.65 -16.27 23.41
C ALA A 124 -31.51 -17.39 22.85
N TRP A 125 -30.88 -18.27 22.08
CA TRP A 125 -31.58 -19.41 21.49
C TRP A 125 -30.69 -20.65 21.60
N SER A 126 -31.34 -21.81 21.56
CA SER A 126 -30.62 -23.07 21.71
C SER A 126 -29.60 -23.26 20.60
N TRP A 127 -28.50 -23.93 20.94
CA TRP A 127 -27.41 -24.15 19.99
C TRP A 127 -27.84 -25.05 18.83
N GLY A 132 -22.43 -28.34 13.14
CA GLY A 132 -21.63 -29.33 12.45
C GLY A 132 -20.70 -30.09 13.37
N GLU A 133 -21.05 -31.35 13.67
CA GLU A 133 -20.24 -32.18 14.54
C GLU A 133 -19.18 -32.97 13.78
N GLU A 134 -19.48 -33.40 12.56
CA GLU A 134 -18.48 -34.12 11.76
C GLU A 134 -17.30 -33.21 11.41
N ALA A 135 -17.58 -31.92 11.19
CA ALA A 135 -16.51 -30.96 10.93
C ALA A 135 -15.71 -30.62 12.19
N LEU A 136 -16.19 -31.02 13.37
CA LEU A 136 -15.53 -30.66 14.62
C LEU A 136 -14.40 -31.62 14.98
N GLN A 137 -14.38 -32.81 14.38
CA GLN A 137 -13.37 -33.82 14.70
C GLN A 137 -12.62 -34.34 13.48
N GLN A 138 -12.98 -33.91 12.27
CA GLN A 138 -12.33 -34.38 11.06
C GLN A 138 -11.68 -33.29 10.23
N GLY A 139 -12.08 -32.04 10.39
CA GLY A 139 -11.46 -30.97 9.65
C GLY A 139 -12.37 -30.43 8.55
N ILE A 140 -12.23 -29.13 8.28
CA ILE A 140 -13.02 -28.46 7.26
C ILE A 140 -12.14 -28.08 6.08
N LYS A 141 -12.77 -27.76 4.96
CA LYS A 141 -12.08 -27.24 3.79
C LYS A 141 -12.04 -25.72 3.86
N VAL A 142 -10.90 -25.15 3.51
CA VAL A 142 -10.68 -23.70 3.60
C VAL A 142 -10.13 -23.20 2.28
N ARG A 143 -10.72 -22.12 1.76
CA ARG A 143 -10.22 -21.42 0.60
C ARG A 143 -9.84 -20.00 0.99
N THR A 144 -8.68 -19.54 0.53
CA THR A 144 -8.26 -18.18 0.80
C THR A 144 -9.19 -17.20 0.09
N SER A 145 -9.68 -16.22 0.83
CA SER A 145 -10.66 -15.27 0.28
C SER A 145 -9.98 -14.29 -0.67
N SER A 146 -10.66 -14.01 -1.78
CA SER A 146 -10.23 -12.95 -2.69
C SER A 146 -10.60 -11.57 -2.19
N PHE A 147 -11.42 -11.48 -1.15
CA PHE A 147 -11.72 -10.21 -0.51
C PHE A 147 -10.68 -9.92 0.56
N THR A 148 -10.11 -8.72 0.52
CA THR A 148 -9.12 -8.33 1.51
C THR A 148 -9.79 -8.03 2.84
N ARG A 149 -9.17 -8.48 3.93
CA ARG A 149 -9.71 -8.25 5.26
C ARG A 149 -9.64 -6.77 5.62
N HIS A 150 -10.35 -6.40 6.68
CA HIS A 150 -10.51 -5.01 7.06
C HIS A 150 -9.17 -4.32 7.29
N HIS A 151 -9.14 -3.02 6.98
CA HIS A 151 -7.96 -2.18 7.13
C HIS A 151 -8.03 -1.44 8.46
N VAL A 152 -6.92 -1.46 9.21
CA VAL A 152 -6.92 -0.98 10.59
C VAL A 152 -7.26 0.50 10.70
N ASN A 153 -7.17 1.26 9.61
CA ASN A 153 -7.53 2.67 9.64
C ASN A 153 -8.77 2.99 8.82
N ILE A 154 -9.44 1.98 8.27
CA ILE A 154 -10.72 2.16 7.60
C ILE A 154 -11.87 1.74 8.50
N SER A 155 -11.78 0.56 9.10
CA SER A 155 -12.73 0.12 10.10
C SER A 155 -11.98 -0.17 11.40
N MET A 156 -12.70 -0.09 12.51
CA MET A 156 -12.11 -0.25 13.83
C MET A 156 -12.05 -1.73 14.16
N THR A 157 -10.88 -2.34 13.90
CA THR A 157 -10.75 -3.78 13.93
C THR A 157 -10.81 -4.37 15.35
N ARG A 158 -10.70 -3.54 16.38
CA ARG A 158 -10.83 -4.02 17.75
C ARG A 158 -12.27 -4.02 18.24
N ALA A 159 -13.17 -3.33 17.54
CA ALA A 159 -14.58 -3.31 17.90
C ALA A 159 -15.32 -4.35 17.07
N LYS A 160 -16.31 -4.99 17.70
CA LYS A 160 -17.16 -5.96 17.01
C LYS A 160 -18.43 -5.22 16.59
N SER A 161 -18.34 -4.54 15.46
CA SER A 161 -19.40 -3.67 14.98
C SER A 161 -20.28 -4.38 13.95
N ASN A 162 -21.55 -3.97 13.90
CA ASN A 162 -22.53 -4.64 13.05
C ASN A 162 -22.13 -4.55 11.58
N GLY A 163 -22.06 -3.33 11.04
CA GLY A 163 -21.88 -3.16 9.60
C GLY A 163 -20.57 -3.66 9.06
N ALA A 164 -19.58 -3.89 9.92
CA ALA A 164 -18.28 -4.35 9.44
C ALA A 164 -18.32 -5.79 8.94
N TYR A 165 -19.35 -6.55 9.31
CA TYR A 165 -19.42 -7.96 8.96
C TYR A 165 -19.98 -8.20 7.56
N ILE A 166 -20.12 -7.15 6.74
CA ILE A 166 -20.36 -7.36 5.32
C ILE A 166 -19.20 -8.12 4.69
N ASN A 167 -17.97 -7.75 5.06
CA ASN A 167 -16.78 -8.37 4.48
C ASN A 167 -16.72 -9.85 4.83
N SER A 168 -17.16 -10.21 6.03
CA SER A 168 -17.20 -11.63 6.42
C SER A 168 -18.23 -12.39 5.61
N MET A 169 -19.40 -11.79 5.36
CA MET A 169 -20.43 -12.46 4.57
C MET A 169 -19.99 -12.63 3.12
N LEU A 170 -19.35 -11.61 2.55
CA LEU A 170 -18.85 -11.72 1.18
C LEU A 170 -17.84 -12.84 1.05
N ALA A 171 -16.95 -12.98 2.04
CA ALA A 171 -15.89 -13.98 1.98
C ALA A 171 -16.43 -15.37 2.26
N LEU A 172 -17.35 -15.52 3.22
CA LEU A 172 -17.90 -16.83 3.53
C LEU A 172 -18.68 -17.38 2.33
N GLN A 173 -19.49 -16.54 1.69
CA GLN A 173 -20.23 -16.98 0.51
C GLN A 173 -19.29 -17.40 -0.60
N GLU A 174 -18.17 -16.70 -0.77
CA GLU A 174 -17.20 -17.09 -1.78
C GLU A 174 -16.61 -18.46 -1.48
N ALA A 175 -16.24 -18.70 -0.21
CA ALA A 175 -15.67 -19.99 0.16
C ALA A 175 -16.67 -21.12 -0.06
N ILE A 176 -17.95 -20.86 0.19
CA ILE A 176 -18.96 -21.90 0.02
C ILE A 176 -19.20 -22.16 -1.47
N SER A 177 -19.33 -21.09 -2.26
CA SER A 177 -19.54 -21.27 -3.70
C SER A 177 -18.35 -21.93 -4.39
N GLY A 178 -17.18 -21.92 -3.76
CA GLY A 178 -16.02 -22.59 -4.27
C GLY A 178 -15.82 -24.01 -3.78
N GLY A 179 -16.75 -24.51 -2.96
CA GLY A 179 -16.69 -25.87 -2.47
C GLY A 179 -16.15 -26.04 -1.07
N ALA A 180 -15.77 -24.96 -0.40
CA ALA A 180 -15.16 -25.03 0.93
C ALA A 180 -16.19 -24.72 2.01
N ASP A 181 -15.75 -24.86 3.25
CA ASP A 181 -16.58 -24.56 4.41
C ASP A 181 -16.28 -23.20 5.03
N GLU A 182 -15.06 -22.70 4.84
CA GLU A 182 -14.66 -21.45 5.47
C GLU A 182 -13.64 -20.76 4.58
N ALA A 183 -13.49 -19.45 4.79
CA ALA A 183 -12.52 -18.66 4.09
C ALA A 183 -11.37 -18.29 5.01
N MET A 184 -10.20 -18.05 4.43
CA MET A 184 -9.04 -17.52 5.15
C MET A 184 -8.79 -16.11 4.63
N MET A 185 -8.78 -15.14 5.55
CA MET A 185 -8.67 -13.74 5.18
C MET A 185 -7.23 -13.27 5.22
N LEU A 186 -6.86 -12.44 4.25
CA LEU A 186 -5.56 -11.79 4.21
C LEU A 186 -5.74 -10.30 4.46
N ASP A 187 -4.80 -9.72 5.22
CA ASP A 187 -4.83 -8.29 5.50
C ASP A 187 -4.41 -7.50 4.26
N PRO A 188 -4.55 -6.16 4.27
CA PRO A 188 -4.13 -5.37 3.11
C PRO A 188 -2.67 -5.52 2.72
N GLU A 189 -1.82 -6.11 3.56
CA GLU A 189 -0.44 -6.35 3.20
C GLU A 189 -0.21 -7.74 2.60
N GLY A 190 -1.21 -8.62 2.66
CA GLY A 190 -1.11 -9.95 2.09
C GLY A 190 -0.86 -11.06 3.08
N TYR A 191 -0.71 -10.75 4.35
CA TYR A 191 -0.46 -11.74 5.38
C TYR A 191 -1.78 -12.31 5.91
N VAL A 192 -1.69 -13.50 6.52
CA VAL A 192 -2.87 -14.16 7.06
C VAL A 192 -3.37 -13.41 8.28
N ALA A 193 -4.67 -13.14 8.32
CA ALA A 193 -5.29 -12.44 9.44
C ALA A 193 -6.16 -13.38 10.28
N GLU A 194 -7.19 -13.95 9.68
CA GLU A 194 -8.17 -14.76 10.41
C GLU A 194 -9.07 -15.47 9.40
N GLY A 195 -10.01 -16.24 9.92
CA GLY A 195 -11.10 -16.75 9.12
C GLY A 195 -12.16 -15.67 8.94
N SER A 196 -13.28 -16.07 8.35
CA SER A 196 -14.38 -15.13 8.16
C SER A 196 -14.91 -14.62 9.49
N GLY A 197 -14.87 -15.44 10.53
CA GLY A 197 -15.27 -15.02 11.86
C GLY A 197 -14.57 -15.80 12.96
N GLU A 198 -13.40 -16.34 12.63
CA GLU A 198 -12.62 -17.12 13.59
C GLU A 198 -11.15 -16.72 13.49
N ASN A 199 -10.47 -16.78 14.63
CA ASN A 199 -9.01 -16.66 14.63
C ASN A 199 -8.39 -17.98 14.19
N ILE A 200 -7.24 -17.89 13.53
CA ILE A 200 -6.60 -19.05 12.92
C ILE A 200 -5.29 -19.33 13.63
N PHE A 201 -4.98 -20.62 13.77
CA PHE A 201 -3.73 -21.09 14.37
C PHE A 201 -3.12 -22.14 13.45
N ILE A 202 -1.78 -22.21 13.47
CA ILE A 202 -1.06 -23.26 12.78
C ILE A 202 -0.01 -23.83 13.72
N ILE A 203 0.32 -25.10 13.51
CA ILE A 203 1.33 -25.80 14.28
C ILE A 203 2.40 -26.30 13.34
N LYS A 204 3.67 -26.07 13.69
CA LYS A 204 4.80 -26.54 12.89
C LYS A 204 5.87 -27.03 13.87
N ASP A 205 6.15 -28.33 13.84
CA ASP A 205 7.16 -28.96 14.69
C ASP A 205 6.86 -28.73 16.17
N GLY A 206 5.60 -28.91 16.55
CA GLY A 206 5.19 -28.82 17.94
C GLY A 206 5.06 -27.42 18.49
N VAL A 207 5.22 -26.39 17.66
CA VAL A 207 5.12 -25.00 18.10
C VAL A 207 3.87 -24.40 17.48
N ILE A 208 3.12 -23.64 18.27
CA ILE A 208 1.90 -23.00 17.81
C ILE A 208 2.24 -21.62 17.27
N TYR A 209 1.75 -21.33 16.07
CA TYR A 209 1.88 -19.99 15.48
C TYR A 209 0.50 -19.44 15.20
N THR A 210 0.34 -18.13 15.38
CA THR A 210 -0.92 -17.46 15.12
C THR A 210 -0.62 -16.01 14.77
N PRO A 211 -1.42 -15.40 13.91
CA PRO A 211 -1.18 -13.99 13.57
C PRO A 211 -1.27 -13.10 14.80
N GLU A 212 -0.33 -12.17 14.90
CA GLU A 212 -0.34 -11.22 15.99
C GLU A 212 -1.59 -10.35 15.91
N VAL A 213 -2.03 -9.88 17.08
CA VAL A 213 -3.23 -9.03 17.16
C VAL A 213 -2.98 -7.75 16.38
N THR A 214 -3.02 -7.85 15.06
CA THR A 214 -2.64 -6.76 14.17
C THR A 214 -3.87 -6.17 13.50
N ALA A 215 -4.33 -6.80 12.43
CA ALA A 215 -5.55 -6.40 11.74
C ALA A 215 -6.70 -7.38 11.95
N CYS A 216 -6.47 -8.46 12.67
CA CYS A 216 -7.51 -9.42 12.99
C CYS A 216 -8.19 -9.07 14.32
N LEU A 217 -9.28 -9.76 14.61
CA LEU A 217 -10.00 -9.51 15.86
C LEU A 217 -9.30 -10.21 17.02
N ASN A 218 -9.20 -9.49 18.14
CA ASN A 218 -8.65 -10.04 19.38
C ASN A 218 -9.71 -10.97 19.98
N GLY A 219 -9.80 -12.17 19.41
CA GLY A 219 -10.87 -13.08 19.80
C GLY A 219 -10.70 -13.59 21.22
N ILE A 220 -11.82 -13.63 21.95
CA ILE A 220 -11.80 -14.15 23.31
C ILE A 220 -11.43 -15.63 23.31
N THR A 221 -11.94 -16.39 22.34
CA THR A 221 -11.56 -17.80 22.24
C THR A 221 -10.08 -17.94 21.91
N ARG A 222 -9.56 -17.05 21.07
CA ARG A 222 -8.12 -17.02 20.83
C ARG A 222 -7.35 -16.75 22.12
N ASN A 223 -7.86 -15.85 22.97
CA ASN A 223 -7.20 -15.56 24.23
C ASN A 223 -7.23 -16.74 25.18
N THR A 224 -8.33 -17.51 25.16
CA THR A 224 -8.40 -18.69 26.01
C THR A 224 -7.42 -19.76 25.55
N ILE A 225 -7.23 -19.89 24.24
CA ILE A 225 -6.30 -20.89 23.72
C ILE A 225 -4.87 -20.53 24.10
N LEU A 226 -4.52 -19.24 24.07
CA LEU A 226 -3.21 -18.82 24.53
C LEU A 226 -3.00 -19.19 25.99
N THR A 227 -4.05 -19.07 26.80
CA THR A 227 -3.97 -19.49 28.20
C THR A 227 -3.85 -21.00 28.31
N LEU A 228 -4.69 -21.73 27.57
CA LEU A 228 -4.66 -23.19 27.64
C LEU A 228 -3.37 -23.76 27.06
N ALA A 229 -2.87 -23.17 25.97
CA ALA A 229 -1.61 -23.64 25.40
C ALA A 229 -0.46 -23.48 26.38
N ALA A 230 -0.44 -22.35 27.10
CA ALA A 230 0.58 -22.16 28.13
C ALA A 230 0.43 -23.15 29.26
N GLU A 231 -0.80 -23.45 29.67
CA GLU A 231 -1.04 -24.42 30.73
C GLU A 231 -0.67 -25.83 30.33
N HIS A 232 -0.60 -26.12 29.02
CA HIS A 232 -0.20 -27.43 28.54
C HIS A 232 1.26 -27.46 28.09
N GLY A 233 2.06 -26.46 28.48
CA GLY A 233 3.46 -26.44 28.14
C GLY A 233 3.76 -26.27 26.66
N PHE A 234 2.81 -25.76 25.88
CA PHE A 234 3.02 -25.52 24.47
C PHE A 234 3.71 -24.18 24.25
N LYS A 235 4.65 -24.15 23.32
CA LYS A 235 5.27 -22.90 22.90
C LYS A 235 4.39 -22.25 21.84
N LEU A 236 4.11 -20.96 22.01
CA LEU A 236 3.23 -20.23 21.12
C LEU A 236 3.92 -18.95 20.66
N VAL A 237 3.90 -18.69 19.36
CA VAL A 237 4.57 -17.56 18.74
C VAL A 237 3.54 -16.75 17.97
N GLU A 238 3.52 -15.45 18.23
CA GLU A 238 2.71 -14.50 17.47
C GLU A 238 3.62 -13.79 16.45
N LYS A 239 3.30 -13.92 15.17
CA LYS A 239 4.11 -13.31 14.13
C LYS A 239 3.28 -13.21 12.85
N ARG A 240 3.85 -12.56 11.86
CA ARG A 240 3.20 -12.46 10.56
C ARG A 240 3.30 -13.79 9.84
N ILE A 241 2.17 -14.28 9.35
CA ILE A 241 2.06 -15.59 8.70
C ILE A 241 1.62 -15.38 7.27
N THR A 242 2.33 -15.99 6.34
CA THR A 242 1.93 -15.95 4.94
C THR A 242 0.98 -17.11 4.63
N ARG A 243 0.30 -17.01 3.49
CA ARG A 243 -0.64 -18.06 3.12
C ARG A 243 0.08 -19.38 2.86
N ASP A 244 1.25 -19.33 2.22
CA ASP A 244 1.96 -20.56 1.92
C ASP A 244 2.65 -21.15 3.14
N GLU A 245 2.84 -20.35 4.20
CA GLU A 245 3.28 -20.90 5.47
C GLU A 245 2.20 -21.80 6.08
N VAL A 246 0.92 -21.47 5.86
CA VAL A 246 -0.16 -22.33 6.31
C VAL A 246 -0.17 -23.64 5.52
N TYR A 247 0.18 -23.59 4.22
CA TYR A 247 0.14 -24.79 3.39
C TYR A 247 1.05 -25.87 3.94
N ILE A 248 2.19 -25.49 4.50
CA ILE A 248 3.21 -26.46 4.93
C ILE A 248 3.22 -26.64 6.45
N ALA A 249 2.16 -26.21 7.13
CA ALA A 249 2.07 -26.44 8.57
C ALA A 249 1.69 -27.88 8.86
N ASP A 250 2.06 -28.35 10.06
CA ASP A 250 1.67 -29.69 10.48
C ASP A 250 0.19 -29.74 10.83
N GLU A 251 -0.31 -28.71 11.50
CA GLU A 251 -1.72 -28.63 11.89
C GLU A 251 -2.22 -27.21 11.64
N ALA A 252 -3.54 -27.06 11.69
CA ALA A 252 -4.19 -25.76 11.58
C ALA A 252 -5.59 -25.87 12.12
N PHE A 253 -6.06 -24.84 12.82
CA PHE A 253 -7.43 -24.83 13.29
C PHE A 253 -7.94 -23.41 13.45
N PHE A 254 -9.25 -23.31 13.61
CA PHE A 254 -9.95 -22.06 13.85
C PHE A 254 -10.43 -22.00 15.29
N THR A 255 -10.46 -20.79 15.86
CA THR A 255 -11.03 -20.57 17.18
C THR A 255 -12.08 -19.47 17.10
N GLY A 256 -13.16 -19.66 17.84
CA GLY A 256 -14.23 -18.68 17.88
C GLY A 256 -15.27 -19.12 18.88
N THR A 257 -16.14 -18.17 19.24
CA THR A 257 -17.21 -18.48 20.20
C THR A 257 -18.16 -19.53 19.63
N ALA A 258 -18.54 -19.39 18.36
CA ALA A 258 -19.43 -20.37 17.75
C ALA A 258 -18.67 -21.57 17.19
N ALA A 259 -17.44 -21.35 16.72
CA ALA A 259 -16.65 -22.42 16.11
C ALA A 259 -15.85 -23.22 17.14
N GLU A 260 -15.73 -22.73 18.38
CA GLU A 260 -14.93 -23.37 19.42
C GLU A 260 -13.51 -23.63 18.92
N VAL A 261 -13.16 -24.89 18.68
CA VAL A 261 -11.89 -25.26 18.05
C VAL A 261 -12.23 -26.14 16.87
N THR A 262 -12.12 -25.61 15.66
CA THR A 262 -12.45 -26.35 14.45
C THR A 262 -11.18 -26.67 13.68
N PRO A 263 -10.82 -27.95 13.53
CA PRO A 263 -9.60 -28.27 12.79
C PRO A 263 -9.72 -27.93 11.31
N ILE A 264 -8.57 -27.69 10.69
CA ILE A 264 -8.47 -27.36 9.28
C ILE A 264 -7.63 -28.44 8.60
N ARG A 265 -8.24 -29.19 7.69
CA ARG A 265 -7.52 -30.26 7.02
C ARG A 265 -6.98 -29.87 5.66
N GLU A 266 -7.51 -28.83 5.03
CA GLU A 266 -7.14 -28.47 3.66
C GLU A 266 -7.28 -26.97 3.48
N VAL A 267 -6.31 -26.37 2.80
CA VAL A 267 -6.32 -24.94 2.49
C VAL A 267 -5.94 -24.78 1.03
N ASP A 268 -6.85 -24.19 0.24
CA ASP A 268 -6.62 -23.93 -1.18
C ASP A 268 -6.20 -25.21 -1.91
N GLY A 269 -6.84 -26.31 -1.58
CA GLY A 269 -6.51 -27.60 -2.15
C GLY A 269 -5.24 -28.24 -1.62
N ARG A 270 -4.49 -27.55 -0.76
CA ARG A 270 -3.30 -28.12 -0.14
C ARG A 270 -3.70 -28.89 1.11
N LYS A 271 -3.35 -30.17 1.15
CA LYS A 271 -3.56 -30.97 2.35
C LYS A 271 -2.70 -30.43 3.49
N ILE A 272 -3.32 -30.23 4.66
CA ILE A 272 -2.61 -29.73 5.84
C ILE A 272 -2.06 -30.95 6.59
N GLY A 273 -0.76 -31.17 6.48
CA GLY A 273 -0.15 -32.29 7.17
C GLY A 273 -0.69 -33.60 6.65
N ALA A 274 -1.30 -34.38 7.55
CA ALA A 274 -1.88 -35.68 7.20
C ALA A 274 -3.34 -35.55 6.76
N GLY A 275 -3.90 -34.36 6.73
CA GLY A 275 -5.27 -34.18 6.31
C GLY A 275 -6.32 -34.50 7.34
N ARG A 276 -5.93 -34.70 8.60
CA ARG A 276 -6.87 -34.98 9.67
C ARG A 276 -6.50 -34.12 10.87
N ARG A 277 -7.28 -34.27 11.94
CA ARG A 277 -7.04 -33.50 13.16
C ARG A 277 -5.71 -33.94 13.79
N GLY A 278 -4.79 -33.00 13.94
CA GLY A 278 -3.49 -33.29 14.49
C GLY A 278 -3.53 -33.46 15.99
N PRO A 279 -2.39 -33.89 16.56
CA PRO A 279 -2.33 -34.16 17.99
C PRO A 279 -2.48 -32.92 18.84
N VAL A 280 -1.79 -31.84 18.46
CA VAL A 280 -1.86 -30.60 19.25
C VAL A 280 -3.26 -30.01 19.18
N THR A 281 -3.88 -30.01 17.99
CA THR A 281 -5.25 -29.53 17.88
C THR A 281 -6.19 -30.34 18.76
N GLU A 282 -6.01 -31.66 18.81
CA GLU A 282 -6.91 -32.50 19.60
C GLU A 282 -6.80 -32.20 21.09
N LYS A 283 -5.58 -31.98 21.58
CA LYS A 283 -5.40 -31.68 23.01
C LYS A 283 -5.98 -30.32 23.36
N LEU A 284 -5.79 -29.32 22.49
CA LEU A 284 -6.34 -28.00 22.76
C LEU A 284 -7.85 -27.99 22.59
N GLN A 285 -8.37 -28.72 21.61
CA GLN A 285 -9.82 -28.86 21.47
C GLN A 285 -10.41 -29.55 22.70
N LYS A 286 -9.76 -30.61 23.18
CA LYS A 286 -10.22 -31.28 24.39
C LYS A 286 -10.18 -30.33 25.58
N ALA A 287 -9.08 -29.60 25.73
CA ALA A 287 -8.94 -28.69 26.86
C ALA A 287 -9.98 -27.58 26.83
N TYR A 288 -10.30 -27.08 25.63
CA TYR A 288 -11.30 -26.02 25.54
C TYR A 288 -12.70 -26.54 25.83
N PHE A 289 -13.04 -27.73 25.32
CA PHE A 289 -14.36 -28.29 25.60
C PHE A 289 -14.51 -28.67 27.06
N ASP A 290 -13.46 -29.21 27.67
CA ASP A 290 -13.50 -29.50 29.11
C ASP A 290 -13.69 -28.23 29.92
N LEU A 291 -13.10 -27.13 29.46
CA LEU A 291 -13.19 -25.87 30.22
C LEU A 291 -14.60 -25.28 30.14
N VAL A 292 -15.14 -25.18 28.93
CA VAL A 292 -16.43 -24.49 28.77
C VAL A 292 -17.57 -25.33 29.33
N SER A 293 -17.45 -26.66 29.31
CA SER A 293 -18.51 -27.53 29.78
C SER A 293 -18.39 -27.88 31.25
N GLY A 294 -17.37 -27.38 31.93
CA GLY A 294 -17.21 -27.63 33.35
C GLY A 294 -16.70 -29.00 33.73
N LYS A 295 -16.26 -29.81 32.75
CA LYS A 295 -15.66 -31.09 33.09
C LYS A 295 -14.36 -30.90 33.87
N THR A 296 -13.71 -29.76 33.73
CA THR A 296 -12.57 -29.37 34.54
C THR A 296 -12.98 -28.19 35.40
N GLU A 297 -12.70 -28.28 36.70
CA GLU A 297 -13.13 -27.24 37.64
C GLU A 297 -12.22 -26.01 37.62
N ALA A 298 -11.15 -26.03 36.84
CA ALA A 298 -10.26 -24.88 36.78
C ALA A 298 -10.95 -23.69 36.12
N HIS A 299 -10.48 -22.49 36.46
CA HIS A 299 -11.01 -21.23 35.93
C HIS A 299 -12.51 -21.10 36.22
N ALA A 300 -12.84 -21.12 37.51
CA ALA A 300 -14.24 -21.03 37.92
C ALA A 300 -14.85 -19.68 37.59
N GLU A 301 -14.04 -18.62 37.58
CA GLU A 301 -14.53 -17.29 37.23
C GLU A 301 -14.92 -17.17 35.77
N TRP A 302 -14.54 -18.12 34.93
CA TRP A 302 -14.91 -18.12 33.52
C TRP A 302 -16.22 -18.82 33.24
N ARG A 303 -16.86 -19.39 34.25
CA ARG A 303 -18.16 -20.06 34.11
C ARG A 303 -19.13 -19.41 35.10
N THR A 304 -20.03 -18.57 34.59
CA THR A 304 -20.99 -17.86 35.40
C THR A 304 -22.33 -18.58 35.31
N LEU A 305 -22.75 -19.17 36.43
CA LEU A 305 -24.03 -19.88 36.47
C LEU A 305 -25.18 -18.96 36.10
N VAL A 306 -26.16 -19.53 35.40
CA VAL A 306 -27.29 -18.74 34.90
C VAL A 306 -28.43 -18.70 35.91
N LYS A 307 -28.71 -19.82 36.57
CA LYS A 307 -29.75 -19.86 37.60
C LYS A 307 -29.17 -19.57 38.98
N SER B 2 -38.40 12.16 16.33
CA SER B 2 -38.52 10.72 16.16
C SER B 2 -38.91 10.34 14.73
N MET B 3 -38.33 9.26 14.23
CA MET B 3 -38.59 8.78 12.88
C MET B 3 -39.61 7.65 12.84
N ALA B 4 -40.14 7.24 13.98
CA ALA B 4 -41.09 6.13 14.06
C ALA B 4 -42.47 6.58 14.52
N ASP B 5 -42.56 7.43 15.54
CA ASP B 5 -43.84 7.84 16.10
C ASP B 5 -44.32 9.09 15.36
N ARG B 6 -44.83 8.86 14.14
CA ARG B 6 -45.39 9.93 13.34
C ARG B 6 -46.42 9.33 12.39
N ASP B 7 -47.32 10.19 11.92
CA ASP B 7 -48.37 9.76 11.00
C ASP B 7 -47.81 9.61 9.59
N GLY B 8 -48.46 8.76 8.80
CA GLY B 8 -48.03 8.52 7.43
C GLY B 8 -48.05 7.06 7.06
N VAL B 9 -47.73 6.76 5.80
CA VAL B 9 -47.66 5.39 5.33
C VAL B 9 -46.26 5.13 4.78
N ILE B 10 -45.85 3.86 4.85
CA ILE B 10 -44.57 3.42 4.31
C ILE B 10 -44.83 2.20 3.44
N TRP B 11 -44.24 2.18 2.25
CA TRP B 11 -44.32 1.00 1.39
C TRP B 11 -43.52 -0.13 2.02
N TYR B 12 -44.18 -1.26 2.26
CA TYR B 12 -43.56 -2.37 2.98
C TYR B 12 -43.96 -3.66 2.27
N ASP B 13 -43.06 -4.16 1.41
CA ASP B 13 -43.23 -5.44 0.73
C ASP B 13 -44.57 -5.52 -0.03
N GLY B 14 -44.76 -4.56 -0.94
CA GLY B 14 -45.91 -4.57 -1.80
C GLY B 14 -47.19 -3.99 -1.21
N GLU B 15 -47.16 -3.57 0.05
CA GLU B 15 -48.35 -3.02 0.70
C GLU B 15 -47.97 -1.74 1.44
N LEU B 16 -48.95 -0.83 1.54
CA LEU B 16 -48.78 0.41 2.27
C LEU B 16 -49.26 0.19 3.70
N VAL B 17 -48.32 0.17 4.64
CA VAL B 17 -48.62 -0.03 6.05
C VAL B 17 -48.50 1.31 6.75
N GLN B 18 -49.13 1.40 7.93
CA GLN B 18 -49.03 2.62 8.72
C GLN B 18 -47.57 2.85 9.13
N TRP B 19 -47.22 4.13 9.29
CA TRP B 19 -45.84 4.48 9.60
C TRP B 19 -45.38 3.83 10.90
N ARG B 20 -46.22 3.86 11.94
CA ARG B 20 -45.86 3.24 13.20
C ARG B 20 -45.91 1.72 13.15
N ASP B 21 -46.61 1.16 12.17
CA ASP B 21 -46.69 -0.29 12.01
C ASP B 21 -45.60 -0.85 11.09
N ALA B 22 -44.79 0.02 10.48
CA ALA B 22 -43.69 -0.42 9.63
C ALA B 22 -42.52 -0.81 10.55
N THR B 23 -42.59 -2.03 11.08
CA THR B 23 -41.60 -2.53 12.01
C THR B 23 -40.96 -3.80 11.49
N THR B 24 -39.87 -4.19 12.13
CA THR B 24 -39.21 -5.45 11.83
C THR B 24 -38.63 -6.00 13.12
N HIS B 25 -38.43 -7.31 13.16
CA HIS B 25 -37.92 -7.96 14.36
C HIS B 25 -36.51 -7.48 14.66
N VAL B 26 -36.18 -7.47 15.95
CA VAL B 26 -34.89 -6.93 16.36
C VAL B 26 -33.74 -7.86 15.98
N LEU B 27 -34.03 -9.13 15.70
CA LEU B 27 -33.02 -10.05 15.18
C LEU B 27 -32.95 -10.03 13.67
N THR B 28 -33.32 -8.91 13.04
CA THR B 28 -33.21 -8.77 11.60
C THR B 28 -31.76 -8.87 11.17
N HIS B 29 -31.51 -9.64 10.12
CA HIS B 29 -30.14 -9.96 9.72
C HIS B 29 -29.36 -8.71 9.33
N THR B 30 -29.96 -7.87 8.47
CA THR B 30 -29.27 -6.65 8.04
C THR B 30 -28.96 -5.74 9.22
N HIS B 31 -29.82 -5.73 10.24
CA HIS B 31 -29.57 -4.92 11.42
C HIS B 31 -28.28 -5.33 12.12
N HIS B 32 -27.98 -6.63 12.13
CA HIS B 32 -26.86 -7.15 12.89
C HIS B 32 -25.57 -7.25 12.09
N TYR B 33 -25.65 -7.40 10.76
CA TYR B 33 -24.46 -7.65 9.96
C TYR B 33 -24.26 -6.64 8.84
N GLY B 34 -25.17 -5.68 8.66
CA GLY B 34 -24.97 -4.60 7.72
C GLY B 34 -25.25 -4.94 6.27
N MET B 35 -25.54 -6.20 5.96
CA MET B 35 -25.80 -6.62 4.57
C MET B 35 -27.13 -6.05 4.11
N GLY B 36 -27.09 -4.93 3.41
CA GLY B 36 -28.30 -4.32 2.89
C GLY B 36 -27.91 -3.14 2.02
N VAL B 37 -28.85 -2.77 1.15
CA VAL B 37 -28.62 -1.67 0.22
C VAL B 37 -29.80 -0.69 0.33
N PHE B 38 -29.51 0.59 0.11
CA PHE B 38 -30.52 1.63 0.25
C PHE B 38 -30.25 2.71 -0.78
N GLU B 39 -31.16 3.68 -0.84
CA GLU B 39 -31.03 4.81 -1.74
C GLU B 39 -31.45 6.09 -1.02
N GLY B 40 -31.02 7.21 -1.57
CA GLY B 40 -31.47 8.51 -1.11
C GLY B 40 -32.04 9.29 -2.27
N VAL B 41 -33.35 9.57 -2.23
CA VAL B 41 -34.05 10.21 -3.33
C VAL B 41 -34.77 11.44 -2.80
N ARG B 42 -34.82 12.48 -3.62
CA ARG B 42 -35.50 13.73 -3.27
C ARG B 42 -36.66 13.99 -4.22
N ALA B 43 -37.73 14.55 -3.67
CA ALA B 43 -38.85 15.04 -4.45
C ALA B 43 -38.97 16.54 -4.26
N TYR B 44 -39.30 17.25 -5.34
CA TYR B 44 -39.34 18.71 -5.32
C TYR B 44 -40.69 19.19 -5.85
N ASP B 45 -40.99 20.45 -5.53
CA ASP B 45 -42.19 21.11 -6.04
C ASP B 45 -41.87 21.73 -7.39
N THR B 46 -42.65 21.38 -8.40
CA THR B 46 -42.48 21.87 -9.76
C THR B 46 -43.76 22.54 -10.25
N PRO B 47 -43.69 23.36 -11.29
CA PRO B 47 -44.92 23.91 -11.87
C PRO B 47 -45.92 22.86 -12.30
N GLN B 48 -45.51 21.60 -12.44
CA GLN B 48 -46.40 20.50 -12.76
C GLN B 48 -46.85 19.72 -11.54
N GLY B 49 -46.33 20.06 -10.36
CA GLY B 49 -46.61 19.35 -9.13
C GLY B 49 -45.35 18.74 -8.55
N THR B 50 -45.53 17.95 -7.49
CA THR B 50 -44.41 17.32 -6.81
C THR B 50 -43.81 16.23 -7.71
N ALA B 51 -42.52 16.36 -8.02
CA ALA B 51 -41.85 15.45 -8.93
C ALA B 51 -40.59 14.88 -8.28
N ILE B 52 -40.37 13.59 -8.45
CA ILE B 52 -39.15 12.93 -7.99
C ILE B 52 -38.03 13.21 -8.99
N PHE B 53 -36.85 13.56 -8.48
CA PHE B 53 -35.71 13.86 -9.33
C PHE B 53 -34.92 12.59 -9.63
N ARG B 54 -34.83 12.26 -10.91
CA ARG B 54 -34.06 11.11 -11.42
C ARG B 54 -34.48 9.82 -10.73
N LEU B 55 -35.78 9.53 -10.78
CA LEU B 55 -36.31 8.33 -10.16
C LEU B 55 -35.71 7.08 -10.79
N GLN B 56 -35.50 7.08 -12.11
CA GLN B 56 -35.00 5.91 -12.79
C GLN B 56 -33.56 5.60 -12.38
N ALA B 57 -32.73 6.63 -12.25
CA ALA B 57 -31.32 6.41 -11.93
C ALA B 57 -31.16 5.84 -10.52
N HIS B 58 -32.01 6.28 -9.58
CA HIS B 58 -31.91 5.79 -8.21
C HIS B 58 -32.44 4.37 -8.08
N THR B 59 -33.51 4.03 -8.82
CA THR B 59 -34.00 2.65 -8.81
C THR B 59 -32.99 1.71 -9.46
N ASP B 60 -32.42 2.12 -10.59
CA ASP B 60 -31.43 1.29 -11.27
C ASP B 60 -30.23 1.02 -10.37
N ARG B 61 -29.72 2.06 -9.71
CA ARG B 61 -28.59 1.88 -8.81
C ARG B 61 -28.96 1.02 -7.61
N LEU B 62 -30.19 1.15 -7.11
CA LEU B 62 -30.65 0.28 -6.03
C LEU B 62 -30.58 -1.18 -6.43
N PHE B 63 -31.01 -1.50 -7.65
CA PHE B 63 -30.92 -2.88 -8.14
C PHE B 63 -29.48 -3.29 -8.40
N ASP B 64 -28.64 -2.36 -8.85
CA ASP B 64 -27.22 -2.65 -9.00
C ASP B 64 -26.58 -2.99 -7.66
N SER B 65 -26.91 -2.22 -6.62
CA SER B 65 -26.33 -2.47 -5.31
C SER B 65 -26.78 -3.81 -4.75
N ALA B 66 -28.07 -4.15 -4.92
CA ALA B 66 -28.54 -5.46 -4.49
C ALA B 66 -27.87 -6.57 -5.29
N HIS B 67 -27.68 -6.35 -6.59
CA HIS B 67 -27.01 -7.35 -7.43
C HIS B 67 -25.58 -7.58 -6.96
N ILE B 68 -24.89 -6.52 -6.57
CA ILE B 68 -23.52 -6.65 -6.07
C ILE B 68 -23.47 -7.54 -4.84
N MET B 69 -24.46 -7.40 -3.96
CA MET B 69 -24.53 -8.17 -2.72
C MET B 69 -25.26 -9.50 -2.88
N ASN B 70 -25.54 -9.92 -4.12
CA ASN B 70 -26.26 -11.17 -4.39
C ASN B 70 -27.64 -11.18 -3.71
N MET B 71 -28.27 -10.03 -3.60
CA MET B 71 -29.61 -9.91 -3.04
C MET B 71 -30.63 -9.79 -4.16
N GLN B 72 -31.63 -10.66 -4.13
CA GLN B 72 -32.68 -10.69 -5.16
C GLN B 72 -33.85 -9.85 -4.67
N ILE B 73 -34.09 -8.71 -5.31
CA ILE B 73 -35.23 -7.88 -4.99
C ILE B 73 -36.48 -8.57 -5.54
N PRO B 74 -37.46 -8.89 -4.70
CA PRO B 74 -38.63 -9.63 -5.19
C PRO B 74 -39.60 -8.77 -5.98
N TYR B 75 -39.11 -7.71 -6.60
CA TYR B 75 -39.94 -6.81 -7.39
C TYR B 75 -39.14 -6.31 -8.58
N SER B 76 -39.86 -5.87 -9.60
CA SER B 76 -39.24 -5.33 -10.80
C SER B 76 -38.96 -3.84 -10.63
N ARG B 77 -38.16 -3.30 -11.56
CA ARG B 77 -37.83 -1.88 -11.49
C ARG B 77 -39.06 -1.01 -11.66
N ASP B 78 -40.03 -1.45 -12.47
N ASP B 78 -40.03 -1.45 -12.47
CA ASP B 78 -41.25 -0.70 -12.64
CA ASP B 78 -41.26 -0.68 -12.63
C ASP B 78 -42.07 -0.67 -11.36
C ASP B 78 -42.07 -0.66 -11.35
N GLU B 79 -42.07 -1.78 -10.60
CA GLU B 79 -42.80 -1.82 -9.34
C GLU B 79 -42.13 -0.94 -8.28
N ILE B 80 -40.80 -0.84 -8.32
CA ILE B 80 -40.10 0.02 -7.36
C ILE B 80 -40.31 1.48 -7.72
N ASN B 81 -40.33 1.80 -9.01
CA ASN B 81 -40.62 3.17 -9.44
C ASN B 81 -42.01 3.58 -8.98
N GLU B 82 -43.00 2.72 -9.17
CA GLU B 82 -44.37 3.05 -8.76
C GLU B 82 -44.50 3.10 -7.24
N ALA B 83 -43.71 2.29 -6.52
CA ALA B 83 -43.76 2.33 -5.07
C ALA B 83 -43.10 3.58 -4.50
N THR B 84 -42.03 4.07 -5.16
CA THR B 84 -41.41 5.31 -4.70
C THR B 84 -42.36 6.49 -4.86
N ARG B 85 -43.09 6.53 -5.98
CA ARG B 85 -44.11 7.57 -6.16
C ARG B 85 -45.23 7.41 -5.14
N ALA B 86 -45.57 6.16 -4.77
CA ALA B 86 -46.64 5.95 -3.81
C ALA B 86 -46.26 6.47 -2.43
N ALA B 87 -45.00 6.31 -2.04
CA ALA B 87 -44.55 6.81 -0.74
C ALA B 87 -44.60 8.34 -0.66
N VAL B 88 -44.57 9.03 -1.79
CA VAL B 88 -44.67 10.48 -1.80
C VAL B 88 -46.12 10.93 -1.98
N ARG B 89 -46.85 10.28 -2.87
CA ARG B 89 -48.23 10.68 -3.15
C ARG B 89 -49.14 10.40 -1.96
N GLU B 90 -49.10 9.17 -1.44
CA GLU B 90 -50.00 8.78 -0.37
C GLU B 90 -49.77 9.57 0.91
N ASN B 91 -48.57 10.11 1.11
CA ASN B 91 -48.26 10.91 2.30
C ASN B 91 -48.56 12.39 2.11
N ASN B 92 -49.09 12.80 0.96
CA ASN B 92 -49.45 14.19 0.69
C ASN B 92 -48.27 15.13 0.89
N LEU B 93 -47.12 14.75 0.35
CA LEU B 93 -45.88 15.48 0.52
C LEU B 93 -45.64 16.39 -0.68
N GLU B 94 -45.29 17.65 -0.40
CA GLU B 94 -44.98 18.61 -1.46
C GLU B 94 -43.54 18.52 -1.91
N SER B 95 -42.60 18.37 -0.96
CA SER B 95 -41.21 18.12 -1.26
C SER B 95 -40.67 17.23 -0.15
N ALA B 96 -40.06 16.11 -0.53
CA ALA B 96 -39.74 15.08 0.45
C ALA B 96 -38.39 14.44 0.14
N TYR B 97 -37.82 13.82 1.17
CA TYR B 97 -36.70 12.91 1.05
C TYR B 97 -37.22 11.49 1.11
N ILE B 98 -36.71 10.63 0.22
CA ILE B 98 -37.21 9.27 0.06
C ILE B 98 -36.08 8.30 0.38
N ARG B 99 -36.39 7.28 1.18
CA ARG B 99 -35.42 6.27 1.60
C ARG B 99 -35.92 4.89 1.17
N PRO B 100 -35.58 4.46 -0.05
CA PRO B 100 -35.83 3.05 -0.41
C PRO B 100 -34.72 2.18 0.18
N MET B 101 -35.09 1.06 0.78
CA MET B 101 -34.13 0.25 1.50
C MET B 101 -34.44 -1.22 1.30
N VAL B 102 -33.43 -1.98 0.86
CA VAL B 102 -33.54 -3.42 0.64
C VAL B 102 -32.68 -4.12 1.69
N PHE B 103 -33.28 -5.05 2.44
CA PHE B 103 -32.57 -5.66 3.54
C PHE B 103 -33.00 -7.11 3.70
N TYR B 104 -32.16 -7.87 4.41
CA TYR B 104 -32.48 -9.25 4.75
C TYR B 104 -33.32 -9.30 6.02
N GLY B 105 -34.32 -10.17 6.04
CA GLY B 105 -35.22 -10.28 7.16
C GLY B 105 -34.62 -11.07 8.31
N SER B 106 -35.48 -11.37 9.27
CA SER B 106 -35.07 -12.12 10.46
C SER B 106 -35.40 -13.61 10.30
N GLU B 107 -34.82 -14.21 9.27
CA GLU B 107 -35.02 -15.63 8.98
C GLU B 107 -33.93 -16.49 9.62
N GLY B 108 -32.68 -16.03 9.56
CA GLY B 108 -31.59 -16.74 10.20
C GLY B 108 -30.61 -15.76 10.81
N MET B 109 -29.69 -16.29 11.61
CA MET B 109 -28.71 -15.47 12.30
C MET B 109 -27.28 -15.76 11.87
N GLY B 110 -27.06 -16.73 10.98
CA GLY B 110 -25.73 -17.00 10.50
C GLY B 110 -25.27 -16.01 9.45
N LEU B 111 -23.97 -16.07 9.14
CA LEU B 111 -23.39 -15.21 8.12
C LEU B 111 -23.75 -15.68 6.71
N ARG B 112 -24.27 -16.89 6.55
CA ARG B 112 -24.66 -17.39 5.24
C ARG B 112 -25.98 -16.77 4.81
N ALA B 113 -26.06 -16.38 3.53
CA ALA B 113 -27.25 -15.76 2.99
C ALA B 113 -28.32 -16.75 2.58
N SER B 114 -28.05 -18.05 2.67
CA SER B 114 -29.02 -19.06 2.28
C SER B 114 -30.16 -19.12 3.30
N GLY B 115 -31.37 -18.83 2.86
CA GLY B 115 -32.54 -18.88 3.71
C GLY B 115 -33.08 -17.52 4.13
N LEU B 116 -32.36 -16.44 3.86
CA LEU B 116 -32.79 -15.11 4.25
C LEU B 116 -33.73 -14.53 3.20
N LYS B 117 -34.92 -14.10 3.65
CA LYS B 117 -35.88 -13.48 2.75
C LYS B 117 -35.55 -12.00 2.59
N VAL B 118 -35.77 -11.48 1.39
CA VAL B 118 -35.44 -10.10 1.06
C VAL B 118 -36.68 -9.23 1.23
N HIS B 119 -36.53 -8.13 1.96
CA HIS B 119 -37.61 -7.18 2.18
C HIS B 119 -37.23 -5.83 1.57
N VAL B 120 -38.25 -5.08 1.15
CA VAL B 120 -38.06 -3.78 0.52
C VAL B 120 -38.94 -2.76 1.24
N ILE B 121 -38.34 -1.66 1.67
CA ILE B 121 -39.03 -0.59 2.38
C ILE B 121 -38.76 0.72 1.67
N ILE B 122 -39.79 1.55 1.52
CA ILE B 122 -39.67 2.89 0.93
C ILE B 122 -40.42 3.86 1.83
N ALA B 123 -39.69 4.75 2.47
CA ALA B 123 -40.26 5.75 3.36
C ALA B 123 -39.93 7.15 2.85
N ALA B 124 -40.91 8.04 2.92
CA ALA B 124 -40.75 9.41 2.47
C ALA B 124 -41.28 10.38 3.53
N TRP B 125 -40.52 11.44 3.78
CA TRP B 125 -40.89 12.45 4.76
C TRP B 125 -40.46 13.82 4.26
N SER B 126 -41.18 14.84 4.73
CA SER B 126 -40.96 16.19 4.25
C SER B 126 -39.55 16.67 4.56
N TRP B 127 -39.11 17.67 3.80
CA TRP B 127 -37.77 18.21 3.93
C TRP B 127 -37.77 19.54 4.67
N GLY B 132 -30.01 23.39 6.33
CA GLY B 132 -29.05 24.48 6.38
C GLY B 132 -28.98 25.27 5.09
N GLU B 133 -29.59 26.46 5.09
CA GLU B 133 -29.61 27.31 3.90
C GLU B 133 -28.46 28.31 3.87
N GLU B 134 -27.97 28.75 5.04
CA GLU B 134 -26.82 29.64 5.06
C GLU B 134 -25.57 28.94 4.57
N ALA B 135 -25.43 27.64 4.88
CA ALA B 135 -24.30 26.87 4.35
C ALA B 135 -24.39 26.70 2.84
N LEU B 136 -25.60 26.74 2.29
CA LEU B 136 -25.79 26.56 0.86
C LEU B 136 -25.30 27.77 0.06
N GLN B 137 -25.10 28.91 0.71
CA GLN B 137 -24.70 30.14 0.02
C GLN B 137 -23.40 30.75 0.52
N GLN B 138 -22.91 30.35 1.69
CA GLN B 138 -21.69 30.93 2.25
C GLN B 138 -20.54 29.95 2.35
N GLY B 139 -20.76 28.66 2.09
CA GLY B 139 -19.71 27.66 2.20
C GLY B 139 -19.62 27.07 3.59
N ILE B 140 -18.96 25.91 3.67
CA ILE B 140 -18.84 25.17 4.92
C ILE B 140 -17.37 24.96 5.24
N LYS B 141 -17.11 24.64 6.51
CA LYS B 141 -15.78 24.26 6.95
C LYS B 141 -15.61 22.75 6.83
N VAL B 142 -14.54 22.34 6.16
CA VAL B 142 -14.24 20.93 5.93
C VAL B 142 -12.90 20.62 6.56
N ARG B 143 -12.80 19.46 7.21
CA ARG B 143 -11.56 18.96 7.76
C ARG B 143 -11.30 17.57 7.22
N THR B 144 -10.10 17.35 6.69
CA THR B 144 -9.72 16.04 6.18
C THR B 144 -9.83 15.00 7.28
N SER B 145 -10.40 13.85 6.95
CA SER B 145 -10.61 12.79 7.92
C SER B 145 -9.33 12.00 8.16
N SER B 146 -9.04 11.72 9.42
CA SER B 146 -7.95 10.81 9.75
C SER B 146 -8.33 9.36 9.46
N PHE B 147 -9.62 9.07 9.32
CA PHE B 147 -10.07 7.75 8.89
C PHE B 147 -9.96 7.65 7.38
N THR B 148 -9.36 6.55 6.91
CA THR B 148 -9.20 6.33 5.49
C THR B 148 -10.52 5.85 4.88
N ARG B 149 -10.80 6.34 3.67
CA ARG B 149 -11.99 5.91 2.94
C ARG B 149 -11.90 4.43 2.58
N HIS B 150 -13.04 3.87 2.18
CA HIS B 150 -13.14 2.43 1.93
C HIS B 150 -12.17 1.97 0.86
N HIS B 151 -11.71 0.73 1.01
CA HIS B 151 -10.81 0.08 0.07
C HIS B 151 -11.62 -0.72 -0.93
N VAL B 152 -11.25 -0.62 -2.21
CA VAL B 152 -12.06 -1.16 -3.29
C VAL B 152 -12.11 -2.68 -3.30
N ASN B 153 -11.25 -3.36 -2.56
CA ASN B 153 -11.32 -4.80 -2.42
C ASN B 153 -11.73 -5.25 -1.03
N ILE B 154 -11.96 -4.33 -0.11
CA ILE B 154 -12.49 -4.70 1.21
C ILE B 154 -14.00 -4.56 1.24
N SER B 155 -14.52 -3.44 0.73
CA SER B 155 -15.93 -3.21 0.61
C SER B 155 -16.26 -2.85 -0.83
N MET B 156 -17.49 -3.14 -1.23
CA MET B 156 -17.93 -2.93 -2.61
C MET B 156 -18.35 -1.47 -2.76
N THR B 157 -17.44 -0.64 -3.26
CA THR B 157 -17.66 0.80 -3.27
C THR B 157 -18.70 1.23 -4.30
N ARG B 158 -19.03 0.40 -5.29
CA ARG B 158 -20.07 0.77 -6.24
C ARG B 158 -21.46 0.59 -5.65
N ALA B 159 -21.60 -0.30 -4.67
CA ALA B 159 -22.88 -0.51 -4.01
C ALA B 159 -23.06 0.49 -2.89
N LYS B 160 -24.27 1.05 -2.79
CA LYS B 160 -24.64 1.92 -1.67
C LYS B 160 -25.18 1.01 -0.57
N SER B 161 -24.25 0.46 0.21
CA SER B 161 -24.57 -0.54 1.22
C SER B 161 -24.74 0.08 2.60
N ASN B 162 -25.55 -0.57 3.43
CA ASN B 162 -25.89 -0.03 4.74
C ASN B 162 -24.69 -0.01 5.67
N GLY B 163 -24.06 -1.17 5.88
CA GLY B 163 -22.98 -1.27 6.85
C GLY B 163 -21.74 -0.49 6.48
N ALA B 164 -21.60 -0.10 5.21
CA ALA B 164 -20.41 0.64 4.79
C ALA B 164 -20.39 2.08 5.29
N TYR B 165 -21.48 2.56 5.88
CA TYR B 165 -21.54 3.94 6.32
C TYR B 165 -21.07 4.16 7.75
N ILE B 166 -20.58 3.11 8.43
CA ILE B 166 -19.88 3.31 9.69
C ILE B 166 -18.69 4.23 9.49
N ASN B 167 -17.93 4.01 8.41
CA ASN B 167 -16.77 4.82 8.11
C ASN B 167 -17.15 6.28 7.90
N SER B 168 -18.28 6.52 7.23
CA SER B 168 -18.75 7.90 7.04
C SER B 168 -19.11 8.55 8.37
N MET B 169 -19.77 7.81 9.25
CA MET B 169 -20.18 8.38 10.54
C MET B 169 -18.97 8.72 11.39
N LEU B 170 -17.97 7.83 11.44
CA LEU B 170 -16.76 8.10 12.21
C LEU B 170 -16.09 9.38 11.74
N ALA B 171 -16.05 9.60 10.43
CA ALA B 171 -15.37 10.77 9.89
C ALA B 171 -16.19 12.04 10.09
N LEU B 172 -17.52 11.95 9.96
CA LEU B 172 -18.35 13.13 10.21
C LEU B 172 -18.29 13.54 11.68
N GLN B 173 -18.31 12.57 12.60
CA GLN B 173 -18.17 12.90 14.02
C GLN B 173 -16.84 13.56 14.30
N GLU B 174 -15.77 13.07 13.66
CA GLU B 174 -14.44 13.67 13.86
C GLU B 174 -14.41 15.10 13.37
N ALA B 175 -14.90 15.35 12.16
CA ALA B 175 -14.89 16.70 11.60
C ALA B 175 -15.69 17.66 12.47
N ILE B 176 -16.85 17.20 12.97
CA ILE B 176 -17.67 18.05 13.84
C ILE B 176 -16.94 18.35 15.14
N SER B 177 -16.37 17.33 15.77
CA SER B 177 -15.63 17.54 17.01
C SER B 177 -14.42 18.44 16.81
N GLY B 178 -13.90 18.52 15.59
CA GLY B 178 -12.83 19.43 15.24
C GLY B 178 -13.26 20.83 14.88
N GLY B 179 -14.56 21.12 14.93
CA GLY B 179 -15.07 22.45 14.64
C GLY B 179 -15.54 22.66 13.22
N ALA B 180 -15.52 21.63 12.36
CA ALA B 180 -15.92 21.75 10.97
C ALA B 180 -17.30 21.15 10.76
N ASP B 181 -17.80 21.28 9.53
CA ASP B 181 -19.13 20.79 9.19
C ASP B 181 -19.11 19.47 8.43
N GLU B 182 -18.01 19.16 7.74
CA GLU B 182 -17.94 17.97 6.92
C GLU B 182 -16.49 17.50 6.87
N ALA B 183 -16.33 16.21 6.55
CA ALA B 183 -15.03 15.60 6.41
C ALA B 183 -14.71 15.39 4.93
N MET B 184 -13.42 15.47 4.61
CA MET B 184 -12.92 15.11 3.28
C MET B 184 -12.19 13.77 3.39
N MET B 185 -12.65 12.78 2.64
CA MET B 185 -12.13 11.42 2.73
C MET B 185 -11.00 11.20 1.73
N LEU B 186 -9.96 10.52 2.17
CA LEU B 186 -8.85 10.12 1.31
C LEU B 186 -8.85 8.61 1.15
N ASP B 187 -8.50 8.14 -0.06
CA ASP B 187 -8.48 6.71 -0.33
C ASP B 187 -7.24 6.08 0.29
N PRO B 188 -7.14 4.73 0.29
CA PRO B 188 -5.94 4.08 0.85
C PRO B 188 -4.62 4.57 0.26
N GLU B 189 -4.65 5.15 -0.94
CA GLU B 189 -3.45 5.66 -1.57
C GLU B 189 -3.13 7.10 -1.18
N GLY B 190 -4.04 7.78 -0.49
CA GLY B 190 -3.81 9.13 -0.04
C GLY B 190 -4.43 10.23 -0.88
N TYR B 191 -5.17 9.88 -1.93
CA TYR B 191 -5.75 10.88 -2.80
C TYR B 191 -7.19 11.20 -2.38
N VAL B 192 -7.66 12.37 -2.82
CA VAL B 192 -8.99 12.83 -2.44
C VAL B 192 -10.04 11.96 -3.11
N ALA B 193 -11.02 11.51 -2.33
CA ALA B 193 -12.08 10.63 -2.83
C ALA B 193 -13.45 11.30 -2.80
N GLU B 194 -13.91 11.72 -1.63
CA GLU B 194 -15.26 12.27 -1.48
C GLU B 194 -15.38 12.89 -0.11
N GLY B 195 -16.54 13.49 0.16
CA GLY B 195 -16.91 13.86 1.50
C GLY B 195 -17.41 12.66 2.28
N SER B 196 -17.95 12.94 3.47
CA SER B 196 -18.49 11.85 4.29
C SER B 196 -19.66 11.18 3.60
N GLY B 197 -20.51 11.96 2.92
CA GLY B 197 -21.63 11.40 2.19
C GLY B 197 -21.89 12.11 0.87
N GLU B 198 -20.90 12.85 0.39
CA GLU B 198 -21.05 13.63 -0.83
C GLU B 198 -19.81 13.47 -1.70
N ASN B 199 -20.01 13.61 -3.02
CA ASN B 199 -18.88 13.76 -3.93
C ASN B 199 -18.32 15.17 -3.82
N ILE B 200 -17.08 15.33 -4.25
CA ILE B 200 -16.36 16.59 -4.10
C ILE B 200 -15.90 17.06 -5.47
N PHE B 201 -15.99 18.38 -5.68
CA PHE B 201 -15.53 19.03 -6.90
C PHE B 201 -14.67 20.23 -6.53
N ILE B 202 -13.73 20.57 -7.41
CA ILE B 202 -12.92 21.77 -7.26
C ILE B 202 -12.84 22.47 -8.61
N ILE B 203 -12.52 23.76 -8.56
CA ILE B 203 -12.39 24.59 -9.75
C ILE B 203 -11.04 25.29 -9.68
N LYS B 204 -10.26 25.20 -10.76
CA LYS B 204 -8.95 25.85 -10.83
C LYS B 204 -8.81 26.45 -12.22
N ASP B 205 -8.72 27.78 -12.29
CA ASP B 205 -8.57 28.50 -13.55
C ASP B 205 -9.70 28.16 -14.51
N GLY B 206 -10.92 28.17 -13.99
CA GLY B 206 -12.10 27.93 -14.81
C GLY B 206 -12.35 26.49 -15.21
N VAL B 207 -11.56 25.56 -14.70
CA VAL B 207 -11.68 24.14 -15.06
C VAL B 207 -12.18 23.38 -13.83
N ILE B 208 -13.17 22.53 -14.04
CA ILE B 208 -13.74 21.72 -12.96
C ILE B 208 -12.99 20.40 -12.87
N TYR B 209 -12.58 20.03 -11.67
CA TYR B 209 -11.89 18.77 -11.40
C TYR B 209 -12.65 18.00 -10.33
N THR B 210 -12.77 16.69 -10.53
CA THR B 210 -13.40 15.82 -9.57
C THR B 210 -12.65 14.48 -9.56
N PRO B 211 -12.57 13.84 -8.40
CA PRO B 211 -11.89 12.53 -8.36
C PRO B 211 -12.56 11.53 -9.28
N GLU B 212 -11.75 10.70 -9.91
CA GLU B 212 -12.29 9.65 -10.77
C GLU B 212 -13.01 8.61 -9.93
N VAL B 213 -14.10 8.06 -10.49
CA VAL B 213 -14.94 7.11 -9.78
C VAL B 213 -14.15 5.81 -9.57
N THR B 214 -13.33 5.78 -8.52
CA THR B 214 -12.57 4.57 -8.18
C THR B 214 -12.86 4.14 -6.75
N ALA B 215 -12.47 4.91 -5.75
CA ALA B 215 -12.77 4.59 -4.36
C ALA B 215 -14.00 5.33 -3.83
N CYS B 216 -14.58 6.22 -4.63
CA CYS B 216 -15.78 6.96 -4.25
C CYS B 216 -17.02 6.35 -4.89
N LEU B 217 -18.18 6.84 -4.47
CA LEU B 217 -19.45 6.38 -5.01
C LEU B 217 -19.78 7.14 -6.29
N ASN B 218 -20.32 6.42 -7.27
CA ASN B 218 -20.77 7.03 -8.53
C ASN B 218 -22.07 7.78 -8.24
N GLY B 219 -21.93 8.97 -7.67
CA GLY B 219 -23.09 9.73 -7.25
C GLY B 219 -23.94 10.18 -8.42
N ILE B 220 -25.27 10.13 -8.21
CA ILE B 220 -26.19 10.58 -9.24
C ILE B 220 -26.22 12.09 -9.32
N THR B 221 -26.10 12.77 -8.18
CA THR B 221 -25.91 14.22 -8.20
C THR B 221 -24.59 14.59 -8.87
N ARG B 222 -23.57 13.76 -8.68
CA ARG B 222 -22.30 13.97 -9.39
C ARG B 222 -22.49 13.83 -10.90
N ASN B 223 -23.21 12.79 -11.32
CA ASN B 223 -23.48 12.59 -12.74
C ASN B 223 -24.32 13.74 -13.31
N THR B 224 -25.23 14.30 -12.50
CA THR B 224 -26.03 15.42 -12.98
C THR B 224 -25.17 16.67 -13.18
N ILE B 225 -24.23 16.93 -12.28
CA ILE B 225 -23.37 18.11 -12.41
C ILE B 225 -22.47 18.00 -13.63
N LEU B 226 -22.03 16.79 -13.97
CA LEU B 226 -21.24 16.62 -15.19
C LEU B 226 -22.04 17.02 -16.42
N THR B 227 -23.35 16.73 -16.43
CA THR B 227 -24.20 17.17 -17.53
C THR B 227 -24.42 18.67 -17.48
N LEU B 228 -24.69 19.22 -16.29
CA LEU B 228 -24.90 20.66 -16.17
C LEU B 228 -23.63 21.45 -16.46
N ALA B 229 -22.46 20.85 -16.22
CA ALA B 229 -21.20 21.53 -16.53
C ALA B 229 -20.97 21.59 -18.04
N ALA B 230 -21.28 20.51 -18.74
CA ALA B 230 -21.09 20.49 -20.19
C ALA B 230 -22.06 21.44 -20.88
N GLU B 231 -23.30 21.52 -20.39
CA GLU B 231 -24.28 22.42 -20.99
C GLU B 231 -23.94 23.89 -20.77
N HIS B 232 -23.15 24.20 -19.74
CA HIS B 232 -22.68 25.56 -19.49
C HIS B 232 -21.28 25.80 -20.03
N GLY B 233 -20.75 24.89 -20.84
CA GLY B 233 -19.46 25.10 -21.48
C GLY B 233 -18.25 24.93 -20.57
N PHE B 234 -18.40 24.26 -19.44
CA PHE B 234 -17.30 24.09 -18.49
C PHE B 234 -16.51 22.83 -18.81
N LYS B 235 -15.19 22.99 -18.97
CA LYS B 235 -14.32 21.84 -19.15
C LYS B 235 -14.18 21.08 -17.85
N LEU B 236 -14.57 19.80 -17.85
CA LEU B 236 -14.54 18.96 -16.67
C LEU B 236 -13.54 17.83 -16.86
N VAL B 237 -12.67 17.64 -15.87
CA VAL B 237 -11.60 16.66 -15.92
C VAL B 237 -11.74 15.74 -14.72
N GLU B 238 -11.76 14.43 -14.97
CA GLU B 238 -11.74 13.42 -13.92
C GLU B 238 -10.32 12.93 -13.74
N LYS B 239 -9.76 13.14 -12.56
CA LYS B 239 -8.38 12.74 -12.30
C LYS B 239 -8.20 12.59 -10.79
N ARG B 240 -7.05 12.05 -10.42
CA ARG B 240 -6.70 11.94 -9.00
C ARG B 240 -6.33 13.31 -8.46
N ILE B 241 -6.85 13.63 -7.29
CA ILE B 241 -6.67 14.94 -6.66
C ILE B 241 -6.02 14.72 -5.31
N THR B 242 -5.06 15.59 -4.98
CA THR B 242 -4.42 15.56 -3.67
C THR B 242 -5.07 16.60 -2.75
N ARG B 243 -4.86 16.41 -1.45
CA ARG B 243 -5.49 17.29 -0.48
C ARG B 243 -5.02 18.73 -0.64
N ASP B 244 -3.73 18.92 -0.97
CA ASP B 244 -3.18 20.26 -1.11
C ASP B 244 -3.54 20.88 -2.46
N GLU B 245 -3.93 20.07 -3.44
CA GLU B 245 -4.54 20.62 -4.64
C GLU B 245 -5.89 21.25 -4.33
N VAL B 246 -6.63 20.69 -3.38
CA VAL B 246 -7.89 21.30 -2.95
C VAL B 246 -7.64 22.60 -2.20
N TYR B 247 -6.53 22.68 -1.46
CA TYR B 247 -6.21 23.91 -0.73
C TYR B 247 -6.09 25.10 -1.68
N ILE B 248 -5.45 24.89 -2.84
CA ILE B 248 -5.14 25.98 -3.76
C ILE B 248 -6.19 26.11 -4.87
N ALA B 249 -7.30 25.38 -4.77
CA ALA B 249 -8.36 25.53 -5.76
C ALA B 249 -9.06 26.87 -5.61
N ASP B 250 -9.54 27.40 -6.73
CA ASP B 250 -10.30 28.64 -6.71
C ASP B 250 -11.68 28.43 -6.08
N GLU B 251 -12.26 27.25 -6.25
CA GLU B 251 -13.58 26.94 -5.75
C GLU B 251 -13.64 25.47 -5.34
N ALA B 252 -14.62 25.14 -4.51
CA ALA B 252 -14.84 23.76 -4.10
C ALA B 252 -16.27 23.63 -3.60
N PHE B 253 -16.89 22.49 -3.89
CA PHE B 253 -18.26 22.25 -3.44
C PHE B 253 -18.52 20.76 -3.39
N PHE B 254 -19.46 20.37 -2.53
CA PHE B 254 -19.92 19.00 -2.44
C PHE B 254 -21.17 18.82 -3.29
N THR B 255 -21.41 17.58 -3.71
CA THR B 255 -22.61 17.21 -4.43
C THR B 255 -23.21 15.97 -3.78
N GLY B 256 -24.52 15.97 -3.60
CA GLY B 256 -25.22 14.83 -3.07
C GLY B 256 -26.71 15.07 -3.13
N THR B 257 -27.46 13.96 -3.07
CA THR B 257 -28.91 14.07 -3.13
C THR B 257 -29.45 14.93 -1.99
N ALA B 258 -28.99 14.67 -0.77
CA ALA B 258 -29.44 15.46 0.38
C ALA B 258 -28.71 16.80 0.47
N ALA B 259 -27.49 16.88 -0.06
CA ALA B 259 -26.67 18.09 0.05
C ALA B 259 -26.83 19.03 -1.13
N GLU B 260 -27.42 18.58 -2.23
CA GLU B 260 -27.59 19.38 -3.45
C GLU B 260 -26.21 19.85 -3.89
N VAL B 261 -25.95 21.15 -3.96
CA VAL B 261 -24.61 21.68 -4.25
C VAL B 261 -24.25 22.56 -3.06
N THR B 262 -23.42 22.03 -2.16
CA THR B 262 -23.01 22.76 -0.97
C THR B 262 -21.58 23.27 -1.16
N PRO B 263 -21.37 24.57 -1.26
CA PRO B 263 -20.01 25.09 -1.46
C PRO B 263 -19.13 24.86 -0.25
N ILE B 264 -17.82 24.82 -0.51
CA ILE B 264 -16.80 24.61 0.52
C ILE B 264 -15.94 25.85 0.59
N ARG B 265 -15.90 26.49 1.76
CA ARG B 265 -15.16 27.74 1.91
C ARG B 265 -13.80 27.57 2.57
N GLU B 266 -13.57 26.46 3.27
CA GLU B 266 -12.32 26.25 3.97
C GLU B 266 -12.07 24.76 4.12
N VAL B 267 -10.82 24.35 3.90
CA VAL B 267 -10.41 22.96 4.06
C VAL B 267 -9.15 22.95 4.92
N ASP B 268 -9.23 22.29 6.09
CA ASP B 268 -8.10 22.15 7.00
C ASP B 268 -7.50 23.51 7.36
N GLY B 269 -8.36 24.50 7.59
CA GLY B 269 -7.93 25.82 7.94
C GLY B 269 -7.40 26.65 6.77
N ARG B 270 -7.33 26.08 5.57
CA ARG B 270 -6.95 26.84 4.38
C ARG B 270 -8.20 27.43 3.75
N LYS B 271 -8.22 28.76 3.61
CA LYS B 271 -9.32 29.40 2.91
C LYS B 271 -9.33 28.96 1.45
N ILE B 272 -10.50 28.57 0.95
CA ILE B 272 -10.65 28.15 -0.44
C ILE B 272 -10.97 29.40 -1.25
N GLY B 273 -9.99 29.90 -2.00
CA GLY B 273 -10.22 31.07 -2.82
C GLY B 273 -10.54 32.28 -1.95
N ALA B 274 -11.64 32.95 -2.28
CA ALA B 274 -12.07 34.12 -1.53
C ALA B 274 -12.80 33.76 -0.25
N GLY B 275 -13.03 32.48 0.02
CA GLY B 275 -13.68 32.06 1.24
C GLY B 275 -15.20 32.08 1.21
N ARG B 276 -15.80 32.15 0.03
CA ARG B 276 -17.25 32.13 -0.11
C ARG B 276 -17.58 31.36 -1.39
N ARG B 277 -18.87 31.35 -1.75
CA ARG B 277 -19.29 30.64 -2.94
C ARG B 277 -18.70 31.31 -4.18
N GLY B 278 -18.13 30.50 -5.07
CA GLY B 278 -17.47 31.00 -6.25
C GLY B 278 -18.41 31.15 -7.43
N PRO B 279 -17.93 31.77 -8.51
CA PRO B 279 -18.81 31.99 -9.68
C PRO B 279 -19.27 30.71 -10.35
N VAL B 280 -18.35 29.78 -10.59
CA VAL B 280 -18.73 28.52 -11.24
C VAL B 280 -19.70 27.74 -10.37
N THR B 281 -19.43 27.70 -9.06
CA THR B 281 -20.31 26.99 -8.14
C THR B 281 -21.71 27.59 -8.15
N GLU B 282 -21.82 28.92 -8.15
CA GLU B 282 -23.13 29.56 -8.16
C GLU B 282 -23.91 29.20 -9.43
N LYS B 283 -23.23 29.18 -10.58
CA LYS B 283 -23.91 28.85 -11.83
C LYS B 283 -24.40 27.40 -11.83
N LEU B 284 -23.56 26.47 -11.37
CA LEU B 284 -23.99 25.08 -11.30
C LEU B 284 -25.06 24.87 -10.24
N GLN B 285 -24.92 25.55 -9.10
CA GLN B 285 -25.94 25.42 -8.05
C GLN B 285 -27.28 25.97 -8.53
N LYS B 286 -27.26 27.13 -9.18
CA LYS B 286 -28.51 27.67 -9.72
C LYS B 286 -29.07 26.77 -10.81
N ALA B 287 -28.20 26.17 -11.62
CA ALA B 287 -28.66 25.25 -12.65
C ALA B 287 -29.26 23.99 -12.04
N TYR B 288 -28.70 23.53 -10.92
CA TYR B 288 -29.23 22.32 -10.29
C TYR B 288 -30.59 22.59 -9.65
N PHE B 289 -30.76 23.75 -9.03
CA PHE B 289 -32.06 24.07 -8.42
C PHE B 289 -33.12 24.32 -9.49
N ASP B 290 -32.76 24.99 -10.58
CA ASP B 290 -33.71 25.17 -11.67
C ASP B 290 -34.10 23.84 -12.30
N LEU B 291 -33.22 22.85 -12.23
CA LEU B 291 -33.49 21.55 -12.84
C LEU B 291 -34.43 20.72 -11.97
N VAL B 292 -34.13 20.60 -10.68
CA VAL B 292 -34.91 19.73 -9.82
C VAL B 292 -36.28 20.33 -9.52
N SER B 293 -36.42 21.65 -9.55
CA SER B 293 -37.67 22.32 -9.23
C SER B 293 -38.51 22.63 -10.47
N GLY B 294 -38.05 22.27 -11.65
CA GLY B 294 -38.83 22.49 -12.86
C GLY B 294 -38.79 23.90 -13.40
N LYS B 295 -37.92 24.76 -12.88
CA LYS B 295 -37.79 26.11 -13.43
C LYS B 295 -37.31 26.07 -14.88
N THR B 296 -36.53 25.06 -15.24
CA THR B 296 -36.21 24.77 -16.62
C THR B 296 -37.10 23.64 -17.13
N GLU B 297 -37.30 23.61 -18.43
CA GLU B 297 -38.15 22.59 -19.05
C GLU B 297 -37.37 21.35 -19.47
N ALA B 298 -36.06 21.46 -19.66
CA ALA B 298 -35.25 20.35 -20.12
C ALA B 298 -35.24 19.23 -19.08
N HIS B 299 -34.84 18.04 -19.55
CA HIS B 299 -34.70 16.85 -18.71
C HIS B 299 -36.01 16.49 -18.02
N ALA B 300 -37.08 16.43 -18.82
CA ALA B 300 -38.36 15.94 -18.32
C ALA B 300 -38.26 14.49 -17.84
N GLU B 301 -37.31 13.73 -18.36
CA GLU B 301 -37.08 12.38 -17.86
C GLU B 301 -36.64 12.39 -16.40
N TRP B 302 -35.91 13.41 -16.00
CA TRP B 302 -35.37 13.49 -14.65
C TRP B 302 -36.36 14.02 -13.62
N ARG B 303 -37.59 14.33 -14.03
CA ARG B 303 -38.64 14.77 -13.11
C ARG B 303 -39.87 13.90 -13.34
N THR B 304 -40.10 12.94 -12.46
CA THR B 304 -41.24 12.03 -12.54
C THR B 304 -42.32 12.55 -11.61
N LEU B 305 -43.42 13.05 -12.18
CA LEU B 305 -44.52 13.56 -11.37
C LEU B 305 -45.06 12.46 -10.47
N VAL B 306 -45.52 12.87 -9.29
CA VAL B 306 -45.99 11.95 -8.27
C VAL B 306 -47.51 11.98 -8.19
N MET C 1 33.67 -23.49 -22.64
CA MET C 1 33.16 -23.31 -21.29
C MET C 1 31.64 -23.35 -21.25
N SER C 2 31.10 -24.35 -20.56
CA SER C 2 29.66 -24.54 -20.48
C SER C 2 29.35 -25.44 -19.29
N MET C 3 28.15 -25.26 -18.73
CA MET C 3 27.68 -26.07 -17.63
C MET C 3 27.14 -27.43 -18.07
N ALA C 4 26.98 -27.64 -19.38
CA ALA C 4 26.47 -28.92 -19.87
C ALA C 4 27.57 -29.88 -20.27
N ASP C 5 28.62 -29.39 -20.94
CA ASP C 5 29.71 -30.23 -21.42
C ASP C 5 30.67 -30.52 -20.26
N ARG C 6 30.20 -31.37 -19.35
CA ARG C 6 30.95 -31.74 -18.16
C ARG C 6 31.00 -33.25 -18.02
N ASP C 7 31.99 -33.72 -17.27
CA ASP C 7 32.07 -35.12 -16.89
C ASP C 7 31.38 -35.35 -15.56
N GLY C 8 30.77 -36.51 -15.42
CA GLY C 8 30.10 -36.89 -14.21
C GLY C 8 28.70 -37.38 -14.49
N VAL C 9 27.94 -37.59 -13.41
CA VAL C 9 26.59 -38.10 -13.50
C VAL C 9 25.63 -37.12 -12.85
N ILE C 10 24.37 -37.21 -13.26
CA ILE C 10 23.29 -36.40 -12.70
C ILE C 10 22.13 -37.34 -12.39
N TRP C 11 21.66 -37.30 -11.15
CA TRP C 11 20.45 -38.04 -10.80
C TRP C 11 19.27 -37.46 -11.57
N TYR C 12 18.63 -38.30 -12.39
CA TYR C 12 17.60 -37.86 -13.33
C TYR C 12 16.49 -38.90 -13.32
N ASP C 13 15.43 -38.63 -12.56
CA ASP C 13 14.25 -39.49 -12.51
C ASP C 13 14.62 -40.93 -12.15
N GLY C 14 15.27 -41.07 -11.00
CA GLY C 14 15.55 -42.36 -10.41
C GLY C 14 16.89 -42.96 -10.77
N GLU C 15 17.47 -42.60 -11.92
CA GLU C 15 18.69 -43.22 -12.40
C GLU C 15 19.78 -42.17 -12.59
N LEU C 16 21.02 -42.67 -12.69
CA LEU C 16 22.17 -41.82 -12.89
C LEU C 16 22.49 -41.74 -14.38
N VAL C 17 22.37 -40.54 -14.94
CA VAL C 17 22.62 -40.29 -16.35
C VAL C 17 23.93 -39.52 -16.48
N GLN C 18 24.65 -39.77 -17.57
CA GLN C 18 25.85 -39.01 -17.87
C GLN C 18 25.51 -37.52 -17.97
N TRP C 19 26.46 -36.68 -17.56
CA TRP C 19 26.20 -35.25 -17.45
C TRP C 19 25.77 -34.64 -18.78
N ARG C 20 26.43 -35.02 -19.87
CA ARG C 20 26.10 -34.46 -21.17
C ARG C 20 24.77 -34.97 -21.70
N ASP C 21 24.32 -36.14 -21.25
CA ASP C 21 23.08 -36.72 -21.75
C ASP C 21 21.85 -36.28 -20.97
N ALA C 22 22.02 -35.59 -19.84
CA ALA C 22 20.89 -35.16 -19.01
C ALA C 22 20.27 -33.92 -19.64
N THR C 23 19.37 -34.13 -20.58
CA THR C 23 18.71 -33.05 -21.32
C THR C 23 17.20 -33.14 -21.14
N THR C 24 16.53 -32.09 -21.60
CA THR C 24 15.08 -32.02 -21.63
C THR C 24 14.67 -31.28 -22.89
N HIS C 25 13.41 -31.46 -23.28
CA HIS C 25 12.95 -30.85 -24.52
C HIS C 25 12.84 -29.34 -24.36
N VAL C 26 12.97 -28.63 -25.48
CA VAL C 26 12.95 -27.16 -25.45
C VAL C 26 11.59 -26.61 -25.08
N LEU C 27 10.53 -27.42 -25.15
CA LEU C 27 9.19 -27.02 -24.75
C LEU C 27 8.83 -27.51 -23.35
N THR C 28 9.83 -27.70 -22.49
CA THR C 28 9.57 -28.05 -21.10
C THR C 28 8.71 -26.98 -20.44
N HIS C 29 7.67 -27.42 -19.71
CA HIS C 29 6.70 -26.48 -19.16
C HIS C 29 7.35 -25.49 -18.19
N THR C 30 8.20 -26.01 -17.28
CA THR C 30 8.89 -25.14 -16.33
C THR C 30 9.79 -24.13 -17.05
N HIS C 31 10.35 -24.51 -18.20
CA HIS C 31 11.21 -23.61 -18.95
C HIS C 31 10.44 -22.37 -19.43
N HIS C 32 9.18 -22.55 -19.81
CA HIS C 32 8.37 -21.48 -20.38
C HIS C 32 7.54 -20.72 -19.35
N TYR C 33 7.23 -21.33 -18.20
CA TYR C 33 6.34 -20.69 -17.23
C TYR C 33 6.92 -20.58 -15.82
N GLY C 34 8.08 -21.15 -15.54
CA GLY C 34 8.74 -20.98 -14.27
C GLY C 34 8.23 -21.84 -13.13
N MET C 35 7.30 -22.75 -13.39
CA MET C 35 6.71 -23.59 -12.34
C MET C 35 7.68 -24.69 -11.97
N GLY C 36 8.50 -24.42 -10.96
CA GLY C 36 9.43 -25.42 -10.45
C GLY C 36 10.00 -24.96 -9.14
N VAL C 37 10.52 -25.93 -8.38
CA VAL C 37 11.14 -25.65 -7.09
C VAL C 37 12.50 -26.33 -7.05
N PHE C 38 13.41 -25.76 -6.26
CA PHE C 38 14.78 -26.22 -6.23
C PHE C 38 15.36 -26.01 -4.84
N GLU C 39 16.59 -26.51 -4.65
CA GLU C 39 17.32 -26.35 -3.41
C GLU C 39 18.78 -26.05 -3.71
N GLY C 40 19.44 -25.43 -2.74
CA GLY C 40 20.87 -25.27 -2.76
C GLY C 40 21.49 -25.92 -1.53
N VAL C 41 22.28 -26.97 -1.74
CA VAL C 41 22.87 -27.73 -0.65
C VAL C 41 24.37 -27.80 -0.86
N ARG C 42 25.10 -27.80 0.25
CA ARG C 42 26.56 -27.84 0.23
C ARG C 42 27.06 -29.09 0.94
N ALA C 43 28.07 -29.73 0.36
CA ALA C 43 28.80 -30.81 1.00
C ALA C 43 30.19 -30.31 1.38
N TYR C 44 30.65 -30.69 2.58
CA TYR C 44 31.93 -30.25 3.10
C TYR C 44 32.77 -31.45 3.50
N ASP C 45 34.08 -31.24 3.52
CA ASP C 45 35.03 -32.26 3.95
C ASP C 45 35.19 -32.18 5.46
N THR C 46 34.86 -33.26 6.14
CA THR C 46 34.98 -33.38 7.59
C THR C 46 36.00 -34.46 7.94
N PRO C 47 36.49 -34.48 9.18
CA PRO C 47 37.38 -35.59 9.59
C PRO C 47 36.76 -36.96 9.39
N GLN C 48 35.44 -37.08 9.46
CA GLN C 48 34.75 -38.34 9.19
C GLN C 48 34.57 -38.60 7.71
N GLY C 49 34.88 -37.64 6.85
CA GLY C 49 34.65 -37.76 5.42
C GLY C 49 33.70 -36.67 4.93
N THR C 50 33.47 -36.70 3.62
CA THR C 50 32.62 -35.70 2.99
C THR C 50 31.19 -35.80 3.53
N ALA C 51 30.68 -34.69 4.06
CA ALA C 51 29.39 -34.67 4.73
C ALA C 51 28.53 -33.54 4.19
N ILE C 52 27.27 -33.84 3.92
CA ILE C 52 26.30 -32.84 3.49
C ILE C 52 25.73 -32.14 4.71
N PHE C 53 25.71 -30.81 4.69
CA PHE C 53 25.27 -30.02 5.83
C PHE C 53 23.76 -29.86 5.80
N ARG C 54 23.09 -30.42 6.82
CA ARG C 54 21.64 -30.32 7.00
C ARG C 54 20.89 -30.79 5.76
N LEU C 55 21.15 -32.05 5.38
CA LEU C 55 20.47 -32.64 4.24
C LEU C 55 18.97 -32.77 4.49
N GLN C 56 18.59 -33.18 5.71
CA GLN C 56 17.17 -33.36 6.02
C GLN C 56 16.39 -32.06 5.86
N ALA C 57 16.95 -30.95 6.33
CA ALA C 57 16.25 -29.67 6.28
C ALA C 57 16.05 -29.21 4.83
N HIS C 58 17.05 -29.40 3.97
CA HIS C 58 16.92 -28.99 2.58
C HIS C 58 15.94 -29.88 1.83
N THR C 59 15.96 -31.19 2.11
CA THR C 59 15.01 -32.08 1.45
C THR C 59 13.58 -31.80 1.93
N ASP C 60 13.40 -31.56 3.23
CA ASP C 60 12.08 -31.21 3.74
C ASP C 60 11.58 -29.92 3.13
N ARG C 61 12.44 -28.91 3.03
CA ARG C 61 12.03 -27.65 2.42
C ARG C 61 11.73 -27.83 0.94
N LEU C 62 12.43 -28.74 0.26
CA LEU C 62 12.14 -29.00 -1.14
C LEU C 62 10.75 -29.59 -1.31
N PHE C 63 10.36 -30.53 -0.44
CA PHE C 63 9.00 -31.06 -0.48
C PHE C 63 7.99 -30.02 -0.04
N ASP C 64 8.35 -29.17 0.93
CA ASP C 64 7.48 -28.06 1.29
C ASP C 64 7.24 -27.14 0.10
N SER C 65 8.32 -26.73 -0.58
CA SER C 65 8.18 -25.86 -1.74
C SER C 65 7.34 -26.49 -2.83
N ALA C 66 7.56 -27.77 -3.11
CA ALA C 66 6.71 -28.48 -4.06
C ALA C 66 5.26 -28.49 -3.60
N HIS C 67 5.05 -28.79 -2.31
CA HIS C 67 3.70 -28.79 -1.76
C HIS C 67 3.03 -27.44 -1.91
N ILE C 68 3.79 -26.35 -1.72
CA ILE C 68 3.24 -25.02 -1.88
C ILE C 68 2.75 -24.80 -3.31
N MET C 69 3.53 -25.26 -4.28
CA MET C 69 3.19 -25.12 -5.69
C MET C 69 2.29 -26.24 -6.20
N ASN C 70 1.78 -27.10 -5.32
CA ASN C 70 0.92 -28.22 -5.69
C ASN C 70 1.60 -29.15 -6.69
N MET C 71 2.91 -29.34 -6.51
CA MET C 71 3.69 -30.26 -7.32
C MET C 71 3.97 -31.51 -6.50
N GLN C 72 3.57 -32.66 -7.03
CA GLN C 72 3.74 -33.95 -6.35
C GLN C 72 5.07 -34.56 -6.77
N ILE C 73 6.04 -34.57 -5.87
CA ILE C 73 7.33 -35.20 -6.17
C ILE C 73 7.14 -36.71 -6.24
N PRO C 74 7.55 -37.37 -7.32
CA PRO C 74 7.29 -38.81 -7.46
C PRO C 74 8.22 -39.68 -6.63
N TYR C 75 8.77 -39.13 -5.56
CA TYR C 75 9.67 -39.87 -4.69
C TYR C 75 9.42 -39.46 -3.25
N SER C 76 9.82 -40.33 -2.33
CA SER C 76 9.76 -39.99 -0.91
C SER C 76 10.96 -39.16 -0.51
N ARG C 77 10.91 -38.62 0.71
CA ARG C 77 12.03 -37.82 1.20
C ARG C 77 13.29 -38.66 1.36
N ASP C 78 13.13 -39.92 1.78
CA ASP C 78 14.29 -40.80 1.92
C ASP C 78 14.97 -41.03 0.59
N GLU C 79 14.19 -41.23 -0.48
CA GLU C 79 14.78 -41.42 -1.80
C GLU C 79 15.56 -40.18 -2.24
N ILE C 80 15.01 -39.00 -1.99
CA ILE C 80 15.69 -37.76 -2.38
C ILE C 80 16.97 -37.58 -1.57
N ASN C 81 16.90 -37.82 -0.26
CA ASN C 81 18.10 -37.73 0.57
C ASN C 81 19.18 -38.68 0.08
N GLU C 82 18.80 -39.93 -0.21
CA GLU C 82 19.77 -40.91 -0.70
C GLU C 82 20.30 -40.52 -2.07
N ALA C 83 19.43 -39.99 -2.94
CA ALA C 83 19.88 -39.54 -4.24
C ALA C 83 20.81 -38.35 -4.12
N THR C 84 20.56 -37.46 -3.16
CA THR C 84 21.47 -36.33 -2.95
C THR C 84 22.82 -36.80 -2.47
N ARG C 85 22.87 -37.81 -1.59
CA ARG C 85 24.14 -38.40 -1.21
C ARG C 85 24.84 -39.02 -2.42
N ALA C 86 24.08 -39.66 -3.30
CA ALA C 86 24.69 -40.29 -4.47
C ALA C 86 25.22 -39.26 -5.45
N ALA C 87 24.55 -38.11 -5.59
CA ALA C 87 25.01 -37.09 -6.52
C ALA C 87 26.41 -36.60 -6.18
N VAL C 88 26.77 -36.60 -4.90
CA VAL C 88 28.12 -36.22 -4.49
C VAL C 88 29.07 -37.40 -4.55
N ARG C 89 28.63 -38.58 -4.10
CA ARG C 89 29.49 -39.75 -4.06
C ARG C 89 29.91 -40.17 -5.46
N GLU C 90 28.92 -40.42 -6.34
CA GLU C 90 29.19 -40.94 -7.67
C GLU C 90 29.94 -39.95 -8.56
N ASN C 91 30.15 -38.72 -8.09
CA ASN C 91 30.98 -37.75 -8.80
C ASN C 91 32.36 -37.59 -8.17
N ASN C 92 32.64 -38.32 -7.09
CA ASN C 92 33.95 -38.27 -6.42
C ASN C 92 34.31 -36.85 -5.99
N LEU C 93 33.33 -36.15 -5.42
CA LEU C 93 33.50 -34.75 -5.03
C LEU C 93 33.87 -34.68 -3.55
N GLU C 94 35.01 -34.07 -3.26
CA GLU C 94 35.44 -33.88 -1.88
C GLU C 94 34.57 -32.84 -1.19
N SER C 95 34.16 -31.80 -1.93
CA SER C 95 33.21 -30.81 -1.46
C SER C 95 32.43 -30.33 -2.66
N ALA C 96 31.14 -30.06 -2.48
CA ALA C 96 30.29 -29.80 -3.64
C ALA C 96 29.13 -28.89 -3.28
N TYR C 97 28.66 -28.15 -4.28
CA TYR C 97 27.36 -27.50 -4.25
C TYR C 97 26.37 -28.41 -4.96
N ILE C 98 25.24 -28.66 -4.32
CA ILE C 98 24.24 -29.60 -4.82
C ILE C 98 22.99 -28.82 -5.21
N ARG C 99 22.44 -29.11 -6.38
CA ARG C 99 21.27 -28.42 -6.91
C ARG C 99 20.17 -29.44 -7.18
N PRO C 100 19.35 -29.79 -6.18
CA PRO C 100 18.13 -30.53 -6.45
C PRO C 100 17.10 -29.60 -7.08
N MET C 101 16.43 -30.09 -8.12
CA MET C 101 15.47 -29.25 -8.83
C MET C 101 14.31 -30.11 -9.31
N VAL C 102 13.09 -29.61 -9.08
CA VAL C 102 11.86 -30.29 -9.44
C VAL C 102 11.15 -29.43 -10.48
N PHE C 103 10.73 -30.05 -11.59
CA PHE C 103 10.15 -29.28 -12.68
C PHE C 103 9.12 -30.11 -13.42
N TYR C 104 8.21 -29.40 -14.09
CA TYR C 104 7.21 -30.03 -14.95
C TYR C 104 7.81 -30.33 -16.31
N GLY C 105 7.44 -31.49 -16.86
CA GLY C 105 7.95 -31.92 -18.14
C GLY C 105 7.27 -31.23 -19.31
N SER C 106 7.61 -31.71 -20.50
CA SER C 106 7.08 -31.15 -21.74
C SER C 106 5.87 -31.93 -22.24
N GLU C 107 4.91 -32.18 -21.33
CA GLU C 107 3.70 -32.91 -21.65
C GLU C 107 2.63 -32.01 -22.27
N GLY C 108 2.37 -30.86 -21.66
CA GLY C 108 1.41 -29.91 -22.17
C GLY C 108 2.03 -28.52 -22.27
N MET C 109 1.27 -27.61 -22.90
CA MET C 109 1.71 -26.25 -23.07
C MET C 109 0.73 -25.22 -22.52
N GLY C 110 -0.43 -25.64 -22.02
CA GLY C 110 -1.37 -24.73 -21.43
C GLY C 110 -0.91 -24.25 -20.05
N LEU C 111 -1.83 -23.55 -19.37
CA LEU C 111 -1.56 -23.01 -18.05
C LEU C 111 -2.12 -23.87 -16.93
N ARG C 112 -2.95 -24.86 -17.24
CA ARG C 112 -3.52 -25.73 -16.21
C ARG C 112 -2.49 -26.74 -15.71
N GLY C 115 -2.07 -32.51 -16.77
CA GLY C 115 -1.43 -33.71 -17.27
C GLY C 115 0.08 -33.60 -17.35
N LEU C 116 0.65 -32.66 -16.61
CA LEU C 116 2.09 -32.45 -16.62
C LEU C 116 2.81 -33.47 -15.75
N LYS C 117 3.93 -33.98 -16.26
CA LYS C 117 4.74 -34.94 -15.53
C LYS C 117 5.81 -34.21 -14.73
N VAL C 118 6.04 -34.68 -13.50
CA VAL C 118 6.98 -34.05 -12.59
C VAL C 118 8.33 -34.79 -12.69
N HIS C 119 9.37 -34.05 -13.07
CA HIS C 119 10.72 -34.57 -13.15
C HIS C 119 11.55 -34.04 -11.98
N VAL C 120 12.56 -34.82 -11.59
CA VAL C 120 13.46 -34.45 -10.51
C VAL C 120 14.90 -34.67 -10.96
N ILE C 121 15.74 -33.66 -10.78
CA ILE C 121 17.16 -33.78 -11.05
C ILE C 121 17.93 -33.33 -9.82
N ILE C 122 19.10 -33.92 -9.63
CA ILE C 122 20.02 -33.54 -8.56
C ILE C 122 21.41 -33.50 -9.17
N ALA C 123 21.95 -32.30 -9.36
CA ALA C 123 23.27 -32.11 -9.94
C ALA C 123 24.23 -31.63 -8.87
N ALA C 124 25.46 -32.12 -8.92
CA ALA C 124 26.49 -31.77 -7.94
C ALA C 124 27.78 -31.42 -8.66
N TRP C 125 28.46 -30.39 -8.17
CA TRP C 125 29.71 -29.95 -8.75
C TRP C 125 30.51 -29.19 -7.69
N SER C 126 31.80 -29.05 -7.93
CA SER C 126 32.68 -28.36 -7.00
C SER C 126 32.55 -26.84 -7.14
N GLN C 137 36.03 -12.38 2.05
CA GLN C 137 36.75 -11.12 2.03
C GLN C 137 36.53 -10.34 3.33
N GLN C 138 37.09 -9.12 3.39
CA GLN C 138 36.86 -8.25 4.53
C GLN C 138 35.48 -7.61 4.51
N GLY C 139 34.74 -7.75 3.43
CA GLY C 139 33.44 -7.14 3.28
C GLY C 139 33.22 -6.72 1.84
N ILE C 140 31.96 -6.68 1.43
CA ILE C 140 31.58 -6.35 0.07
C ILE C 140 30.87 -5.00 0.07
N LYS C 141 30.75 -4.42 -1.12
CA LYS C 141 29.94 -3.22 -1.32
C LYS C 141 28.51 -3.63 -1.66
N VAL C 142 27.56 -2.96 -1.03
CA VAL C 142 26.14 -3.25 -1.21
C VAL C 142 25.44 -1.96 -1.62
N ARG C 143 24.54 -2.07 -2.60
CA ARG C 143 23.66 -0.97 -2.99
C ARG C 143 22.22 -1.44 -2.90
N THR C 144 21.36 -0.61 -2.31
CA THR C 144 19.95 -0.96 -2.20
C THR C 144 19.31 -1.03 -3.58
N SER C 145 18.55 -2.10 -3.81
CA SER C 145 17.91 -2.32 -5.10
C SER C 145 16.73 -1.37 -5.30
N SER C 146 16.65 -0.76 -6.48
CA SER C 146 15.46 -0.01 -6.83
C SER C 146 14.28 -0.91 -7.18
N PHE C 147 14.50 -2.21 -7.30
CA PHE C 147 13.42 -3.17 -7.47
C PHE C 147 12.91 -3.60 -6.09
N THR C 148 11.60 -3.67 -5.96
CA THR C 148 10.97 -4.11 -4.73
C THR C 148 11.01 -5.63 -4.62
N ARG C 149 11.26 -6.12 -3.42
CA ARG C 149 11.26 -7.57 -3.17
C ARG C 149 9.84 -8.13 -3.33
N HIS C 150 9.78 -9.45 -3.51
CA HIS C 150 8.51 -10.13 -3.79
C HIS C 150 7.45 -9.83 -2.73
N HIS C 151 6.21 -9.76 -3.19
CA HIS C 151 5.05 -9.51 -2.33
C HIS C 151 4.48 -10.85 -1.87
N VAL C 152 4.14 -10.93 -0.58
CA VAL C 152 3.79 -12.21 0.04
C VAL C 152 2.50 -12.81 -0.49
N ASN C 153 1.67 -12.05 -1.19
CA ASN C 153 0.47 -12.59 -1.81
C ASN C 153 0.51 -12.58 -3.33
N ILE C 154 1.60 -12.11 -3.93
CA ILE C 154 1.78 -12.26 -5.37
C ILE C 154 2.57 -13.52 -5.68
N SER C 155 3.69 -13.74 -4.99
CA SER C 155 4.48 -14.95 -5.14
C SER C 155 4.61 -15.62 -3.78
N MET C 156 4.83 -16.93 -3.81
CA MET C 156 4.90 -17.71 -2.58
C MET C 156 6.31 -17.59 -2.03
N THR C 157 6.48 -16.72 -1.02
CA THR C 157 7.80 -16.39 -0.53
C THR C 157 8.43 -17.49 0.32
N ARG C 158 7.62 -18.40 0.87
CA ARG C 158 8.19 -19.52 1.61
C ARG C 158 8.71 -20.61 0.69
N ALA C 159 8.24 -20.67 -0.55
CA ALA C 159 8.69 -21.66 -1.52
C ALA C 159 9.89 -21.12 -2.28
N LYS C 160 10.88 -21.99 -2.50
CA LYS C 160 12.06 -21.63 -3.28
C LYS C 160 11.78 -22.06 -4.72
N SER C 161 11.18 -21.14 -5.48
CA SER C 161 10.69 -21.43 -6.82
C SER C 161 11.61 -20.86 -7.89
N ASN C 162 11.59 -21.51 -9.06
CA ASN C 162 12.49 -21.14 -10.14
C ASN C 162 12.21 -19.73 -10.67
N GLY C 163 10.99 -19.50 -11.14
CA GLY C 163 10.65 -18.24 -11.80
C GLY C 163 10.70 -17.01 -10.91
N ALA C 164 10.77 -17.19 -9.59
CA ALA C 164 10.82 -16.05 -8.68
C ALA C 164 12.19 -15.39 -8.62
N TYR C 165 13.19 -15.93 -9.31
CA TYR C 165 14.52 -15.37 -9.25
C TYR C 165 14.81 -14.35 -10.35
N ILE C 166 13.82 -14.02 -11.19
CA ILE C 166 13.97 -12.90 -12.10
C ILE C 166 14.20 -11.62 -11.31
N ASN C 167 13.49 -11.47 -10.19
CA ASN C 167 13.66 -10.29 -9.35
C ASN C 167 15.07 -10.21 -8.76
N SER C 168 15.65 -11.36 -8.44
CA SER C 168 17.02 -11.37 -7.91
C SER C 168 18.04 -11.04 -8.99
N MET C 169 17.84 -11.56 -10.21
CA MET C 169 18.77 -11.27 -11.29
C MET C 169 18.77 -9.79 -11.65
N LEU C 170 17.58 -9.17 -11.67
CA LEU C 170 17.50 -7.75 -11.98
C LEU C 170 18.18 -6.91 -10.90
N ALA C 171 18.00 -7.28 -9.64
CA ALA C 171 18.60 -6.51 -8.55
C ALA C 171 20.10 -6.69 -8.49
N LEU C 172 20.59 -7.93 -8.63
CA LEU C 172 22.02 -8.16 -8.64
C LEU C 172 22.70 -7.43 -9.79
N GLN C 173 22.11 -7.52 -10.99
N GLN C 173 22.11 -7.52 -10.99
CA GLN C 173 22.70 -6.85 -12.14
CA GLN C 173 22.70 -6.85 -12.15
C GLN C 173 22.69 -5.33 -11.97
C GLN C 173 22.68 -5.34 -11.99
N GLU C 174 21.69 -4.80 -11.27
CA GLU C 174 21.67 -3.37 -10.99
C GLU C 174 22.79 -2.98 -10.05
N ALA C 175 23.00 -3.76 -8.98
CA ALA C 175 24.04 -3.44 -8.02
C ALA C 175 25.42 -3.48 -8.65
N ILE C 176 25.65 -4.46 -9.52
CA ILE C 176 26.96 -4.60 -10.17
C ILE C 176 27.21 -3.45 -11.13
N SER C 177 26.18 -3.10 -11.92
CA SER C 177 26.33 -1.98 -12.86
C SER C 177 26.54 -0.67 -12.12
N GLY C 178 26.04 -0.55 -10.90
CA GLY C 178 26.28 0.61 -10.07
C GLY C 178 27.60 0.60 -9.33
N GLY C 179 28.46 -0.38 -9.58
CA GLY C 179 29.77 -0.42 -8.96
C GLY C 179 29.84 -1.16 -7.64
N ALA C 180 28.84 -1.96 -7.31
CA ALA C 180 28.79 -2.69 -6.05
C ALA C 180 28.82 -4.19 -6.32
N ASP C 181 28.78 -4.97 -5.24
CA ASP C 181 28.87 -6.42 -5.31
C ASP C 181 27.54 -7.13 -5.10
N GLU C 182 26.68 -6.61 -4.23
CA GLU C 182 25.43 -7.25 -3.91
C GLU C 182 24.34 -6.20 -3.73
N ALA C 183 23.09 -6.64 -3.82
CA ALA C 183 21.94 -5.79 -3.66
C ALA C 183 21.30 -6.02 -2.29
N MET C 184 20.65 -4.98 -1.77
CA MET C 184 19.82 -5.09 -0.57
C MET C 184 18.38 -4.87 -0.98
N MET C 185 17.53 -5.86 -0.68
CA MET C 185 16.14 -5.85 -1.11
C MET C 185 15.24 -5.26 -0.04
N LEU C 186 14.28 -4.43 -0.48
CA LEU C 186 13.26 -3.86 0.39
C LEU C 186 11.91 -4.46 0.04
N ASP C 187 11.10 -4.73 1.06
CA ASP C 187 9.77 -5.31 0.86
C ASP C 187 8.81 -4.23 0.36
N PRO C 188 7.59 -4.62 -0.08
CA PRO C 188 6.63 -3.61 -0.56
C PRO C 188 6.33 -2.51 0.46
N GLU C 189 6.63 -2.75 1.73
CA GLU C 189 6.45 -1.74 2.76
C GLU C 189 7.66 -0.81 2.91
N GLY C 190 8.77 -1.11 2.24
CA GLY C 190 9.97 -0.31 2.34
C GLY C 190 10.98 -0.78 3.37
N TYR C 191 10.71 -1.87 4.07
CA TYR C 191 11.63 -2.37 5.08
C TYR C 191 12.63 -3.33 4.47
N VAL C 192 13.81 -3.40 5.09
CA VAL C 192 14.87 -4.29 4.62
C VAL C 192 14.38 -5.73 4.68
N ALA C 193 14.53 -6.46 3.58
CA ALA C 193 14.04 -7.83 3.48
C ALA C 193 15.20 -8.83 3.47
N GLU C 194 16.12 -8.70 2.53
CA GLU C 194 17.19 -9.68 2.34
C GLU C 194 18.17 -9.11 1.32
N GLY C 195 19.20 -9.90 1.03
CA GLY C 195 20.08 -9.63 -0.09
C GLY C 195 19.52 -10.21 -1.38
N SER C 196 20.36 -10.21 -2.41
CA SER C 196 19.94 -10.74 -3.70
C SER C 196 19.59 -12.22 -3.60
N GLY C 197 20.42 -12.99 -2.90
CA GLY C 197 20.14 -14.40 -2.68
C GLY C 197 20.52 -14.87 -1.29
N GLU C 198 20.72 -13.93 -0.37
CA GLU C 198 21.17 -14.24 0.97
C GLU C 198 20.34 -13.47 2.00
N ASN C 199 20.19 -14.05 3.19
CA ASN C 199 19.63 -13.33 4.31
C ASN C 199 20.61 -12.28 4.79
N ILE C 200 20.10 -11.30 5.53
CA ILE C 200 20.90 -10.18 5.99
C ILE C 200 20.79 -10.08 7.52
N PHE C 201 21.90 -9.74 8.15
CA PHE C 201 22.00 -9.55 9.59
C PHE C 201 22.78 -8.28 9.88
N ILE C 202 22.44 -7.62 10.98
CA ILE C 202 23.17 -6.44 11.44
C ILE C 202 23.40 -6.56 12.94
N ILE C 203 24.44 -5.89 13.41
CA ILE C 203 24.81 -5.91 14.82
C ILE C 203 24.90 -4.48 15.32
N LYS C 204 24.22 -4.20 16.43
CA LYS C 204 24.24 -2.88 17.06
C LYS C 204 24.40 -3.08 18.56
N ASP C 205 25.54 -2.64 19.10
CA ASP C 205 25.83 -2.74 20.54
C ASP C 205 25.78 -4.19 21.02
N GLY C 206 26.44 -5.08 20.28
CA GLY C 206 26.55 -6.47 20.64
C GLY C 206 25.30 -7.31 20.42
N VAL C 207 24.22 -6.72 19.93
CA VAL C 207 22.97 -7.43 19.69
C VAL C 207 22.81 -7.69 18.20
N ILE C 208 22.38 -8.89 17.85
CA ILE C 208 22.16 -9.28 16.46
C ILE C 208 20.72 -8.97 16.08
N TYR C 209 20.54 -8.34 14.93
CA TYR C 209 19.22 -8.02 14.41
C TYR C 209 19.09 -8.56 12.99
N THR C 210 18.01 -9.28 12.73
CA THR C 210 17.71 -9.77 11.39
C THR C 210 16.24 -9.49 11.08
N PRO C 211 15.92 -9.20 9.82
CA PRO C 211 14.53 -8.90 9.48
C PRO C 211 13.60 -10.03 9.89
N GLU C 212 12.46 -9.64 10.47
CA GLU C 212 11.43 -10.63 10.77
C GLU C 212 10.99 -11.32 9.50
N VAL C 213 10.84 -12.64 9.57
CA VAL C 213 10.60 -13.46 8.39
C VAL C 213 9.27 -13.08 7.76
N THR C 214 9.22 -11.91 7.13
CA THR C 214 8.02 -11.43 6.45
C THR C 214 8.02 -11.91 5.00
N ALA C 215 8.62 -11.14 4.11
CA ALA C 215 8.89 -11.58 2.74
C ALA C 215 10.23 -12.30 2.64
N CYS C 216 10.73 -12.82 3.76
CA CYS C 216 12.06 -13.41 3.84
C CYS C 216 12.04 -14.84 3.29
N LEU C 217 13.20 -15.49 3.33
CA LEU C 217 13.38 -16.80 2.70
C LEU C 217 13.24 -17.97 3.66
N ASN C 218 13.22 -17.72 4.97
CA ASN C 218 13.30 -18.79 5.98
C ASN C 218 14.55 -19.63 5.75
N GLY C 219 15.67 -18.96 5.52
CA GLY C 219 16.88 -19.65 5.12
C GLY C 219 17.36 -20.61 6.20
N ILE C 220 17.81 -21.79 5.75
CA ILE C 220 18.37 -22.77 6.68
C ILE C 220 19.67 -22.25 7.28
N THR C 221 20.50 -21.61 6.47
CA THR C 221 21.70 -20.96 6.99
C THR C 221 21.34 -19.90 8.03
N ARG C 222 20.26 -19.16 7.77
CA ARG C 222 19.76 -18.22 8.77
C ARG C 222 19.38 -18.93 10.06
N ASN C 223 18.72 -20.10 9.94
CA ASN C 223 18.30 -20.83 11.13
C ASN C 223 19.48 -21.38 11.91
N THR C 224 20.57 -21.74 11.24
CA THR C 224 21.75 -22.19 11.95
C THR C 224 22.43 -21.04 12.68
N ILE C 225 22.40 -19.84 12.11
CA ILE C 225 22.99 -18.67 12.77
C ILE C 225 22.24 -18.34 14.05
N LEU C 226 20.91 -18.54 14.06
CA LEU C 226 20.17 -18.36 15.30
C LEU C 226 20.68 -19.29 16.38
N THR C 227 20.97 -20.54 16.02
CA THR C 227 21.50 -21.49 16.99
C THR C 227 22.92 -21.16 17.39
N LEU C 228 23.77 -20.80 16.42
CA LEU C 228 25.16 -20.48 16.74
C LEU C 228 25.28 -19.18 17.53
N ALA C 229 24.36 -18.24 17.33
CA ALA C 229 24.39 -17.01 18.11
C ALA C 229 23.99 -17.27 19.56
N ALA C 230 22.99 -18.12 19.78
CA ALA C 230 22.56 -18.42 21.13
C ALA C 230 23.62 -19.21 21.88
N GLU C 231 24.28 -20.15 21.21
CA GLU C 231 25.32 -20.93 21.86
C GLU C 231 26.55 -20.09 22.19
N HIS C 232 26.78 -19.00 21.47
CA HIS C 232 27.88 -18.09 21.74
C HIS C 232 27.46 -16.90 22.59
N GLY C 233 26.28 -16.95 23.20
CA GLY C 233 25.84 -15.92 24.13
C GLY C 233 25.47 -14.60 23.50
N PHE C 234 24.89 -14.62 22.29
CA PHE C 234 24.51 -13.40 21.59
C PHE C 234 22.99 -13.29 21.60
N LYS C 235 22.49 -12.16 22.11
CA LYS C 235 21.06 -11.88 22.04
C LYS C 235 20.68 -11.53 20.61
N LEU C 236 19.64 -12.19 20.10
CA LEU C 236 19.18 -11.99 18.74
C LEU C 236 17.73 -11.50 18.76
N VAL C 237 17.41 -10.60 17.84
CA VAL C 237 16.09 -9.99 17.76
C VAL C 237 15.61 -10.04 16.31
N GLU C 238 14.38 -10.54 16.12
CA GLU C 238 13.72 -10.53 14.81
C GLU C 238 12.72 -9.38 14.79
N LYS C 239 12.96 -8.40 13.92
CA LYS C 239 12.09 -7.23 13.85
C LYS C 239 12.22 -6.59 12.47
N ARG C 240 11.36 -5.61 12.23
CA ARG C 240 11.44 -4.85 10.99
C ARG C 240 12.65 -3.92 11.04
N ILE C 241 13.41 -3.89 9.94
CA ILE C 241 14.63 -3.11 9.85
C ILE C 241 14.51 -2.14 8.69
N THR C 242 14.89 -0.89 8.90
CA THR C 242 14.93 0.11 7.86
C THR C 242 16.33 0.19 7.25
N ARG C 243 16.40 0.75 6.04
CA ARG C 243 17.67 0.83 5.34
C ARG C 243 18.67 1.71 6.09
N ASP C 244 18.20 2.78 6.74
CA ASP C 244 19.12 3.65 7.46
C ASP C 244 19.50 3.09 8.82
N GLU C 245 18.73 2.14 9.34
CA GLU C 245 19.18 1.39 10.52
C GLU C 245 20.38 0.51 10.17
N VAL C 246 20.47 0.06 8.92
CA VAL C 246 21.65 -0.66 8.47
C VAL C 246 22.84 0.28 8.36
N TYR C 247 22.61 1.53 7.95
CA TYR C 247 23.70 2.48 7.78
C TYR C 247 24.46 2.70 9.08
N ILE C 248 23.75 2.73 10.21
CA ILE C 248 24.35 3.08 11.49
C ILE C 248 24.63 1.85 12.35
N ALA C 249 24.54 0.65 11.79
CA ALA C 249 24.84 -0.55 12.54
C ALA C 249 26.35 -0.70 12.71
N ASP C 250 26.74 -1.44 13.76
CA ASP C 250 28.15 -1.71 13.99
C ASP C 250 28.70 -2.69 12.97
N GLU C 251 27.92 -3.72 12.62
CA GLU C 251 28.33 -4.75 11.69
C GLU C 251 27.15 -5.14 10.81
N ALA C 252 27.44 -5.82 9.72
CA ALA C 252 26.42 -6.34 8.83
C ALA C 252 27.02 -7.44 7.97
N PHE C 253 26.27 -8.50 7.73
CA PHE C 253 26.74 -9.60 6.90
C PHE C 253 25.57 -10.32 6.27
N PHE C 254 25.87 -11.03 5.19
CA PHE C 254 24.91 -11.89 4.50
C PHE C 254 25.11 -13.33 4.92
N THR C 255 24.04 -14.13 4.82
CA THR C 255 24.11 -15.57 5.06
C THR C 255 23.40 -16.29 3.92
N GLY C 256 24.07 -17.28 3.36
CA GLY C 256 23.49 -18.14 2.34
C GLY C 256 24.19 -19.47 2.36
N THR C 257 23.59 -20.44 1.66
CA THR C 257 24.21 -21.76 1.59
C THR C 257 25.53 -21.69 0.84
N ALA C 258 25.55 -21.00 -0.31
CA ALA C 258 26.76 -20.85 -1.09
C ALA C 258 27.65 -19.70 -0.63
N ALA C 259 27.11 -18.74 0.11
CA ALA C 259 27.86 -17.59 0.58
C ALA C 259 28.30 -17.71 2.03
N GLU C 260 27.78 -18.69 2.78
CA GLU C 260 28.10 -18.88 4.19
C GLU C 260 27.86 -17.61 4.98
N VAL C 261 28.93 -16.85 5.24
CA VAL C 261 28.85 -15.57 5.95
C VAL C 261 29.70 -14.55 5.20
N THR C 262 29.06 -13.63 4.51
CA THR C 262 29.77 -12.61 3.74
C THR C 262 29.66 -11.27 4.44
N PRO C 263 30.75 -10.72 4.98
CA PRO C 263 30.67 -9.43 5.66
C PRO C 263 30.26 -8.32 4.72
N ILE C 264 29.63 -7.29 5.28
CA ILE C 264 29.21 -6.10 4.55
C ILE C 264 29.91 -4.90 5.17
N ARG C 265 30.71 -4.21 4.36
CA ARG C 265 31.45 -3.05 4.85
C ARG C 265 30.89 -1.72 4.38
N GLU C 266 29.98 -1.72 3.41
CA GLU C 266 29.45 -0.47 2.89
C GLU C 266 28.09 -0.72 2.26
N VAL C 267 27.10 0.10 2.61
CA VAL C 267 25.76 0.05 2.03
C VAL C 267 25.42 1.45 1.54
N ASP C 268 25.17 1.59 0.24
CA ASP C 268 24.79 2.87 -0.37
C ASP C 268 25.81 3.96 -0.05
N GLY C 269 27.10 3.60 -0.11
CA GLY C 269 28.16 4.54 0.18
C GLY C 269 28.33 4.88 1.65
N ARG C 270 27.49 4.34 2.53
CA ARG C 270 27.66 4.52 3.97
C ARG C 270 28.58 3.43 4.49
N LYS C 271 29.66 3.84 5.16
CA LYS C 271 30.58 2.88 5.76
C LYS C 271 29.90 2.19 6.94
N ILE C 272 29.90 0.86 6.94
CA ILE C 272 29.32 0.09 8.03
C ILE C 272 30.37 -0.06 9.12
N GLY C 273 30.14 0.58 10.26
CA GLY C 273 31.06 0.49 11.37
C GLY C 273 32.44 1.04 11.00
N ALA C 274 33.46 0.21 11.15
CA ALA C 274 34.82 0.57 10.78
C ALA C 274 35.14 0.22 9.33
N GLY C 275 34.18 -0.29 8.57
CA GLY C 275 34.41 -0.61 7.18
C GLY C 275 35.13 -1.92 6.95
N ARG C 276 35.20 -2.79 7.96
CA ARG C 276 35.86 -4.08 7.83
C ARG C 276 35.03 -5.13 8.54
N ARG C 277 35.50 -6.37 8.47
CA ARG C 277 34.84 -7.47 9.17
C ARG C 277 34.85 -7.21 10.68
N GLY C 278 33.68 -7.28 11.30
CA GLY C 278 33.54 -7.00 12.70
C GLY C 278 33.77 -8.22 13.58
N PRO C 279 33.85 -8.01 14.90
CA PRO C 279 34.15 -9.12 15.82
C PRO C 279 33.06 -10.18 15.85
N VAL C 280 31.80 -9.74 15.92
CA VAL C 280 30.69 -10.68 15.96
C VAL C 280 30.62 -11.46 14.65
N THR C 281 30.80 -10.76 13.53
CA THR C 281 30.78 -11.43 12.23
C THR C 281 31.91 -12.46 12.14
N GLU C 282 33.09 -12.12 12.65
CA GLU C 282 34.20 -13.07 12.64
C GLU C 282 33.90 -14.30 13.48
N LYS C 283 33.32 -14.11 14.67
CA LYS C 283 33.04 -15.25 15.54
C LYS C 283 31.96 -16.15 14.96
N LEU C 284 30.92 -15.55 14.37
CA LEU C 284 29.87 -16.36 13.75
C LEU C 284 30.35 -17.01 12.45
N GLN C 285 31.28 -16.38 11.74
CA GLN C 285 31.82 -16.98 10.53
C GLN C 285 32.68 -18.20 10.87
N LYS C 286 33.54 -18.08 11.88
CA LYS C 286 34.36 -19.22 12.29
C LYS C 286 33.51 -20.32 12.90
N ALA C 287 32.44 -19.96 13.62
CA ALA C 287 31.57 -20.97 14.21
C ALA C 287 30.80 -21.73 13.14
N TYR C 288 30.35 -21.03 12.10
CA TYR C 288 29.65 -21.69 11.00
C TYR C 288 30.58 -22.63 10.25
N PHE C 289 31.82 -22.20 10.01
CA PHE C 289 32.77 -23.05 9.29
C PHE C 289 33.16 -24.27 10.13
N ASP C 290 33.43 -24.07 11.43
CA ASP C 290 33.73 -25.20 12.30
C ASP C 290 32.55 -26.14 12.41
N LEU C 291 31.34 -25.64 12.20
CA LEU C 291 30.14 -26.47 12.24
C LEU C 291 30.02 -27.33 10.98
N VAL C 292 30.21 -26.72 9.81
CA VAL C 292 30.00 -27.44 8.56
C VAL C 292 31.19 -28.34 8.24
N SER C 293 32.38 -28.01 8.73
CA SER C 293 33.56 -28.83 8.49
C SER C 293 33.74 -29.92 9.54
N GLY C 294 32.85 -29.99 10.52
CA GLY C 294 32.95 -31.01 11.55
C GLY C 294 34.19 -30.90 12.40
N LYS C 295 34.67 -29.68 12.66
CA LYS C 295 35.86 -29.51 13.50
C LYS C 295 35.61 -30.07 14.90
N THR C 296 34.42 -29.80 15.45
CA THR C 296 33.99 -30.39 16.70
C THR C 296 32.82 -31.33 16.44
N GLU C 297 32.55 -32.19 17.43
CA GLU C 297 31.47 -33.16 17.32
C GLU C 297 30.10 -32.56 17.63
N ALA C 298 30.01 -31.23 17.73
CA ALA C 298 28.74 -30.58 18.01
C ALA C 298 27.85 -30.59 16.77
N HIS C 299 26.56 -30.82 16.99
CA HIS C 299 25.55 -30.83 15.92
C HIS C 299 25.91 -31.84 14.83
N ALA C 300 26.30 -33.05 15.27
CA ALA C 300 26.59 -34.12 14.31
C ALA C 300 25.36 -34.54 13.52
N GLU C 301 24.16 -34.27 14.03
CA GLU C 301 22.94 -34.58 13.29
C GLU C 301 22.86 -33.78 12.00
N TRP C 302 23.54 -32.64 11.93
CA TRP C 302 23.47 -31.74 10.79
C TRP C 302 24.45 -32.13 9.69
N ARG C 303 25.24 -33.17 9.88
CA ARG C 303 26.22 -33.63 8.90
C ARG C 303 25.91 -35.07 8.54
N THR C 304 25.62 -35.32 7.26
CA THR C 304 25.30 -36.65 6.77
C THR C 304 26.44 -37.10 5.86
N LEU C 305 27.16 -38.14 6.28
CA LEU C 305 28.28 -38.65 5.50
C LEU C 305 27.81 -39.15 4.15
N VAL C 306 28.56 -38.78 3.11
CA VAL C 306 28.15 -39.11 1.75
C VAL C 306 28.40 -40.59 1.46
N LYS C 307 29.53 -41.12 1.93
CA LYS C 307 29.87 -42.52 1.69
C LYS C 307 28.99 -43.45 2.54
N SER D 2 2.02 -35.96 -25.29
CA SER D 2 3.25 -35.24 -24.97
C SER D 2 3.52 -34.13 -25.97
N MET D 3 3.99 -32.98 -25.47
CA MET D 3 4.29 -31.84 -26.31
C MET D 3 5.68 -31.94 -26.96
N ALA D 4 6.48 -32.93 -26.58
CA ALA D 4 7.80 -33.12 -27.17
C ALA D 4 7.81 -34.14 -28.29
N ASP D 5 6.95 -35.15 -28.23
CA ASP D 5 6.92 -36.22 -29.24
C ASP D 5 5.90 -35.85 -30.31
N ARG D 6 6.34 -35.00 -31.24
CA ARG D 6 5.50 -34.56 -32.34
C ARG D 6 6.29 -34.60 -33.64
N ASP D 7 5.57 -34.67 -34.74
CA ASP D 7 6.16 -34.63 -36.07
C ASP D 7 6.15 -33.20 -36.59
N GLY D 8 7.30 -32.74 -37.06
CA GLY D 8 7.43 -31.39 -37.57
C GLY D 8 8.83 -30.87 -37.32
N VAL D 9 8.96 -29.55 -37.43
CA VAL D 9 10.25 -28.90 -37.24
C VAL D 9 10.08 -27.75 -36.25
N ILE D 10 11.18 -27.41 -35.58
CA ILE D 10 11.24 -26.30 -34.64
C ILE D 10 12.41 -25.42 -35.05
N TRP D 11 12.16 -24.14 -35.28
CA TRP D 11 13.22 -23.20 -35.59
C TRP D 11 14.07 -23.01 -34.34
N TYR D 12 15.32 -23.46 -34.40
CA TYR D 12 16.20 -23.52 -33.23
C TYR D 12 17.54 -22.89 -33.63
N ASP D 13 17.77 -21.67 -33.14
CA ASP D 13 19.05 -20.97 -33.31
C ASP D 13 19.50 -20.92 -34.76
N GLY D 14 18.57 -20.55 -35.65
CA GLY D 14 18.87 -20.29 -37.04
C GLY D 14 18.45 -21.39 -38.00
N GLU D 15 18.31 -22.62 -37.52
CA GLU D 15 18.01 -23.74 -38.40
C GLU D 15 16.74 -24.45 -37.97
N LEU D 16 16.13 -25.14 -38.93
CA LEU D 16 14.94 -25.96 -38.70
C LEU D 16 15.41 -27.35 -38.29
N VAL D 17 15.30 -27.66 -37.01
CA VAL D 17 15.64 -28.97 -36.50
C VAL D 17 14.37 -29.78 -36.31
N GLN D 18 14.51 -31.09 -36.26
CA GLN D 18 13.37 -31.96 -36.01
C GLN D 18 12.79 -31.68 -34.62
N TRP D 19 11.49 -31.91 -34.47
CA TRP D 19 10.79 -31.52 -33.26
C TRP D 19 11.38 -32.21 -32.03
N ARG D 20 11.65 -33.50 -32.11
CA ARG D 20 12.21 -34.21 -30.97
C ARG D 20 13.70 -33.94 -30.76
N ASP D 21 14.38 -33.37 -31.77
CA ASP D 21 15.78 -33.01 -31.64
C ASP D 21 15.99 -31.64 -31.01
N ALA D 22 14.92 -30.86 -30.84
CA ALA D 22 15.03 -29.53 -30.22
C ALA D 22 15.02 -29.71 -28.71
N THR D 23 16.20 -30.00 -28.17
CA THR D 23 16.38 -30.21 -26.74
C THR D 23 17.34 -29.18 -26.17
N THR D 24 17.43 -29.16 -24.85
CA THR D 24 18.37 -28.30 -24.13
C THR D 24 18.77 -29.02 -22.87
N HIS D 25 19.93 -28.66 -22.33
CA HIS D 25 20.44 -29.34 -21.15
C HIS D 25 19.56 -29.04 -19.93
N VAL D 26 19.55 -29.99 -18.99
CA VAL D 26 18.69 -29.86 -17.82
C VAL D 26 19.17 -28.77 -16.87
N LEU D 27 20.40 -28.30 -17.03
CA LEU D 27 20.93 -27.17 -16.27
C LEU D 27 20.85 -25.87 -17.05
N THR D 28 19.83 -25.72 -17.88
CA THR D 28 19.61 -24.48 -18.62
C THR D 28 19.23 -23.36 -17.66
N HIS D 29 19.85 -22.20 -17.84
CA HIS D 29 19.72 -21.11 -16.88
C HIS D 29 18.27 -20.65 -16.74
N THR D 30 17.60 -20.39 -17.88
CA THR D 30 16.22 -19.95 -17.82
C THR D 30 15.33 -21.00 -17.16
N HIS D 31 15.67 -22.28 -17.31
CA HIS D 31 14.89 -23.35 -16.68
C HIS D 31 14.95 -23.25 -15.16
N HIS D 32 16.07 -22.81 -14.61
CA HIS D 32 16.25 -22.73 -13.17
C HIS D 32 15.89 -21.37 -12.58
N TYR D 33 15.94 -20.29 -13.37
CA TYR D 33 15.72 -18.96 -12.83
C TYR D 33 14.62 -18.17 -13.54
N GLY D 34 14.03 -18.70 -14.60
CA GLY D 34 12.89 -18.07 -15.24
C GLY D 34 13.20 -16.88 -16.12
N MET D 35 14.46 -16.46 -16.20
CA MET D 35 14.84 -15.29 -17.01
C MET D 35 14.74 -15.66 -18.49
N GLY D 36 13.62 -15.30 -19.10
CA GLY D 36 13.41 -15.52 -20.51
C GLY D 36 12.12 -14.84 -20.94
N VAL D 37 12.04 -14.57 -22.24
CA VAL D 37 10.87 -13.91 -22.81
C VAL D 37 10.31 -14.77 -23.93
N PHE D 38 9.03 -14.58 -24.21
CA PHE D 38 8.34 -15.39 -25.21
C PHE D 38 7.18 -14.61 -25.78
N GLU D 39 6.57 -15.19 -26.83
CA GLU D 39 5.42 -14.58 -27.50
C GLU D 39 4.39 -15.66 -27.78
N GLY D 40 3.15 -15.22 -27.94
CA GLY D 40 2.07 -16.07 -28.39
C GLY D 40 1.44 -15.50 -29.65
N VAL D 41 1.62 -16.19 -30.78
CA VAL D 41 1.19 -15.70 -32.07
C VAL D 41 0.27 -16.73 -32.71
N ARG D 42 -0.74 -16.25 -33.44
CA ARG D 42 -1.69 -17.11 -34.12
C ARG D 42 -1.58 -16.95 -35.63
N ALA D 43 -1.81 -18.06 -36.33
CA ALA D 43 -1.92 -18.09 -37.77
C ALA D 43 -3.32 -18.57 -38.12
N TYR D 44 -3.96 -17.89 -39.07
CA TYR D 44 -5.32 -18.23 -39.47
C TYR D 44 -5.37 -18.52 -40.96
N ASP D 45 -6.35 -19.32 -41.35
CA ASP D 45 -6.62 -19.57 -42.76
C ASP D 45 -7.41 -18.39 -43.33
N THR D 46 -6.91 -17.80 -44.41
CA THR D 46 -7.55 -16.69 -45.09
C THR D 46 -7.82 -17.06 -46.53
N PRO D 47 -8.69 -16.32 -47.22
CA PRO D 47 -8.85 -16.56 -48.66
C PRO D 47 -7.55 -16.53 -49.45
N GLN D 48 -6.55 -15.77 -48.97
CA GLN D 48 -5.24 -15.74 -49.60
C GLN D 48 -4.31 -16.85 -49.10
N GLY D 49 -4.74 -17.63 -48.12
CA GLY D 49 -3.93 -18.68 -47.55
C GLY D 49 -3.69 -18.45 -46.07
N THR D 50 -2.84 -19.31 -45.50
CA THR D 50 -2.49 -19.21 -44.09
C THR D 50 -1.71 -17.93 -43.83
N ALA D 51 -2.21 -17.11 -42.91
CA ALA D 51 -1.61 -15.81 -42.61
C ALA D 51 -1.46 -15.63 -41.11
N ILE D 52 -0.33 -15.05 -40.70
CA ILE D 52 -0.07 -14.75 -39.29
C ILE D 52 -0.64 -13.38 -38.97
N PHE D 53 -1.39 -13.30 -37.87
CA PHE D 53 -2.04 -12.05 -37.50
C PHE D 53 -1.07 -11.17 -36.72
N ARG D 54 -0.84 -9.96 -37.25
CA ARG D 54 0.00 -8.94 -36.63
C ARG D 54 1.36 -9.52 -36.23
N LEU D 55 2.05 -10.06 -37.24
CA LEU D 55 3.36 -10.65 -37.00
C LEU D 55 4.37 -9.61 -36.54
N GLN D 56 4.31 -8.40 -37.13
CA GLN D 56 5.27 -7.36 -36.77
C GLN D 56 5.09 -6.92 -35.32
N ALA D 57 3.85 -6.83 -34.84
CA ALA D 57 3.62 -6.40 -33.47
C ALA D 57 4.14 -7.43 -32.48
N HIS D 58 4.00 -8.72 -32.79
CA HIS D 58 4.48 -9.75 -31.88
C HIS D 58 6.01 -9.80 -31.88
N THR D 59 6.63 -9.62 -33.05
CA THR D 59 8.09 -9.62 -33.10
C THR D 59 8.66 -8.41 -32.39
N ASP D 60 8.07 -7.23 -32.59
CA ASP D 60 8.52 -6.03 -31.90
C ASP D 60 8.38 -6.17 -30.39
N ARG D 61 7.28 -6.77 -29.93
CA ARG D 61 7.10 -6.95 -28.50
C ARG D 61 8.08 -7.98 -27.94
N LEU D 62 8.40 -9.02 -28.73
CA LEU D 62 9.39 -9.99 -28.28
C LEU D 62 10.75 -9.32 -28.06
N PHE D 63 11.17 -8.45 -28.98
CA PHE D 63 12.41 -7.72 -28.79
C PHE D 63 12.32 -6.74 -27.64
N ASP D 64 11.17 -6.06 -27.50
CA ASP D 64 10.96 -5.18 -26.35
C ASP D 64 11.10 -5.94 -25.03
N SER D 65 10.48 -7.12 -24.95
CA SER D 65 10.56 -7.91 -23.73
C SER D 65 12.00 -8.35 -23.44
N ALA D 66 12.75 -8.67 -24.49
CA ALA D 66 14.15 -9.01 -24.30
C ALA D 66 14.96 -7.80 -23.88
N HIS D 67 14.72 -6.66 -24.52
CA HIS D 67 15.40 -5.42 -24.14
C HIS D 67 15.15 -5.08 -22.68
N ILE D 68 13.93 -5.32 -22.19
CA ILE D 68 13.62 -5.07 -20.79
C ILE D 68 14.47 -5.95 -19.89
N MET D 69 14.59 -7.23 -20.23
CA MET D 69 15.37 -8.17 -19.44
C MET D 69 16.87 -8.11 -19.72
N ASN D 70 17.31 -7.15 -20.55
CA ASN D 70 18.72 -7.00 -20.94
C ASN D 70 19.23 -8.27 -21.61
N MET D 71 18.40 -8.86 -22.47
CA MET D 71 18.77 -10.04 -23.24
C MET D 71 18.94 -9.64 -24.69
N GLN D 72 20.13 -9.90 -25.24
CA GLN D 72 20.44 -9.55 -26.63
C GLN D 72 20.05 -10.73 -27.52
N ILE D 73 18.98 -10.56 -28.29
CA ILE D 73 18.57 -11.55 -29.28
C ILE D 73 19.59 -11.53 -30.42
N PRO D 74 20.25 -12.66 -30.71
CA PRO D 74 21.29 -12.66 -31.76
C PRO D 74 20.74 -12.64 -33.17
N TYR D 75 19.57 -12.02 -33.37
CA TYR D 75 18.95 -11.96 -34.68
C TYR D 75 18.23 -10.63 -34.81
N SER D 76 18.03 -10.21 -36.05
CA SER D 76 17.29 -8.99 -36.33
C SER D 76 15.80 -9.29 -36.39
N ARG D 77 15.00 -8.22 -36.39
CA ARG D 77 13.55 -8.39 -36.41
C ARG D 77 13.07 -9.06 -37.68
N ASP D 78 13.73 -8.79 -38.82
N ASP D 78 13.73 -8.79 -38.82
CA ASP D 78 13.31 -9.40 -40.07
CA ASP D 78 13.32 -9.40 -40.08
C ASP D 78 13.64 -10.89 -40.09
C ASP D 78 13.63 -10.89 -40.07
N GLU D 79 14.73 -11.30 -39.44
CA GLU D 79 15.06 -12.72 -39.37
C GLU D 79 14.07 -13.47 -38.48
N ILE D 80 13.68 -12.87 -37.35
CA ILE D 80 12.69 -13.50 -36.49
C ILE D 80 11.34 -13.55 -37.18
N ASN D 81 10.96 -12.46 -37.89
CA ASN D 81 9.73 -12.48 -38.67
C ASN D 81 9.75 -13.60 -39.70
N GLU D 82 10.87 -13.74 -40.41
CA GLU D 82 10.97 -14.79 -41.41
C GLU D 82 10.98 -16.16 -40.76
N ALA D 83 11.63 -16.28 -39.60
CA ALA D 83 11.65 -17.55 -38.89
C ALA D 83 10.26 -17.94 -38.40
N THR D 84 9.46 -16.97 -37.97
CA THR D 84 8.12 -17.28 -37.51
C THR D 84 7.25 -17.80 -38.65
N ARG D 85 7.38 -17.19 -39.84
CA ARG D 85 6.66 -17.70 -41.00
C ARG D 85 7.13 -19.09 -41.37
N ALA D 86 8.44 -19.34 -41.26
CA ALA D 86 8.96 -20.67 -41.55
C ALA D 86 8.42 -21.71 -40.58
N ALA D 87 8.22 -21.33 -39.32
CA ALA D 87 7.70 -22.28 -38.34
C ALA D 87 6.30 -22.75 -38.71
N VAL D 88 5.51 -21.90 -39.34
CA VAL D 88 4.17 -22.29 -39.79
C VAL D 88 4.23 -22.98 -41.15
N ARG D 89 4.99 -22.40 -42.09
CA ARG D 89 5.05 -22.94 -43.45
C ARG D 89 5.63 -24.36 -43.45
N GLU D 90 6.84 -24.51 -42.94
CA GLU D 90 7.55 -25.78 -43.02
C GLU D 90 6.94 -26.86 -42.14
N ASN D 91 5.91 -26.56 -41.35
CA ASN D 91 5.12 -27.56 -40.65
C ASN D 91 3.81 -27.87 -41.37
N ASN D 92 3.54 -27.20 -42.49
CA ASN D 92 2.34 -27.42 -43.30
C ASN D 92 1.07 -27.26 -42.46
N LEU D 93 0.96 -26.10 -41.81
CA LEU D 93 -0.13 -25.82 -40.88
C LEU D 93 -1.12 -24.87 -41.53
N GLU D 94 -2.40 -25.24 -41.52
CA GLU D 94 -3.45 -24.40 -42.07
C GLU D 94 -3.81 -23.27 -41.12
N SER D 95 -3.78 -23.55 -39.82
CA SER D 95 -3.98 -22.55 -38.77
C SER D 95 -3.18 -23.01 -37.56
N ALA D 96 -2.47 -22.10 -36.91
CA ALA D 96 -1.49 -22.51 -35.92
C ALA D 96 -1.40 -21.49 -34.78
N TYR D 97 -0.95 -21.99 -33.64
CA TYR D 97 -0.45 -21.16 -32.55
C TYR D 97 1.07 -21.23 -32.56
N ILE D 98 1.72 -20.08 -32.41
CA ILE D 98 3.16 -19.97 -32.56
C ILE D 98 3.75 -19.50 -31.24
N ARG D 99 4.82 -20.16 -30.79
CA ARG D 99 5.48 -19.86 -29.53
C ARG D 99 6.95 -19.51 -29.79
N PRO D 100 7.26 -18.26 -30.11
CA PRO D 100 8.66 -17.82 -30.09
C PRO D 100 9.11 -17.60 -28.66
N MET D 101 10.31 -18.08 -28.35
CA MET D 101 10.82 -18.01 -26.98
C MET D 101 12.32 -17.76 -26.99
N VAL D 102 12.77 -16.89 -26.10
CA VAL D 102 14.17 -16.50 -25.98
C VAL D 102 14.63 -16.82 -24.56
N PHE D 103 15.72 -17.58 -24.45
CA PHE D 103 16.17 -18.03 -23.14
C PHE D 103 17.69 -18.08 -23.08
N TYR D 104 18.22 -18.01 -21.86
CA TYR D 104 19.65 -18.16 -21.62
C TYR D 104 20.02 -19.64 -21.60
N GLY D 105 21.20 -19.94 -22.15
CA GLY D 105 21.64 -21.31 -22.28
C GLY D 105 22.19 -21.88 -20.99
N SER D 106 22.86 -23.02 -21.14
CA SER D 106 23.43 -23.75 -20.00
C SER D 106 24.93 -23.50 -19.89
N GLU D 107 25.33 -22.22 -19.84
CA GLU D 107 26.74 -21.87 -19.69
C GLU D 107 27.13 -21.53 -18.27
N GLY D 108 26.16 -21.21 -17.40
CA GLY D 108 26.45 -20.89 -16.02
C GLY D 108 25.28 -21.24 -15.13
N MET D 109 25.52 -21.16 -13.82
CA MET D 109 24.49 -21.46 -12.84
C MET D 109 24.31 -20.37 -11.79
N GLY D 110 25.03 -19.25 -11.90
CA GLY D 110 24.85 -18.14 -10.97
C GLY D 110 23.76 -17.18 -11.40
N LEU D 111 23.45 -16.24 -10.52
CA LEU D 111 22.42 -15.23 -10.78
C LEU D 111 22.90 -14.14 -11.74
N ARG D 112 24.19 -14.11 -12.09
CA ARG D 112 24.72 -13.15 -13.03
C ARG D 112 24.54 -13.67 -14.46
N ALA D 113 24.22 -12.76 -15.37
CA ALA D 113 23.99 -13.10 -16.78
C ALA D 113 25.26 -13.02 -17.62
N SER D 114 26.43 -12.85 -17.00
CA SER D 114 27.69 -12.74 -17.74
C SER D 114 28.13 -14.13 -18.19
N GLY D 115 28.26 -14.31 -19.50
CA GLY D 115 28.69 -15.56 -20.08
C GLY D 115 27.57 -16.43 -20.62
N LEU D 116 26.31 -16.09 -20.33
CA LEU D 116 25.19 -16.90 -20.78
C LEU D 116 24.92 -16.64 -22.26
N LYS D 117 24.73 -17.71 -23.02
CA LYS D 117 24.38 -17.60 -24.42
C LYS D 117 22.87 -17.41 -24.56
N VAL D 118 22.46 -16.61 -25.53
CA VAL D 118 21.05 -16.32 -25.78
C VAL D 118 20.57 -17.24 -26.90
N HIS D 119 19.61 -18.10 -26.59
CA HIS D 119 19.03 -19.03 -27.55
C HIS D 119 17.61 -18.58 -27.90
N VAL D 120 17.21 -18.85 -29.15
CA VAL D 120 15.89 -18.51 -29.64
C VAL D 120 15.28 -19.75 -30.29
N ILE D 121 14.06 -20.07 -29.89
CA ILE D 121 13.30 -21.16 -30.49
C ILE D 121 11.92 -20.66 -30.88
N ILE D 122 11.36 -21.26 -31.93
CA ILE D 122 10.03 -20.91 -32.42
C ILE D 122 9.31 -22.22 -32.75
N ALA D 123 8.26 -22.55 -32.00
CA ALA D 123 7.50 -23.77 -32.19
C ALA D 123 6.07 -23.43 -32.53
N ALA D 124 5.57 -23.98 -33.64
CA ALA D 124 4.21 -23.75 -34.11
C ALA D 124 3.48 -25.08 -34.22
N TRP D 125 2.24 -25.10 -33.76
CA TRP D 125 1.43 -26.32 -33.81
C TRP D 125 -0.03 -25.93 -34.03
N SER D 126 -0.82 -26.92 -34.45
CA SER D 126 -2.23 -26.71 -34.77
C SER D 126 -3.03 -26.28 -33.54
N GLU D 133 -16.21 -24.96 -28.07
CA GLU D 133 -16.92 -23.94 -28.85
C GLU D 133 -18.04 -23.29 -28.04
N GLU D 134 -18.55 -24.00 -27.04
CA GLU D 134 -19.64 -23.46 -26.23
C GLU D 134 -19.19 -22.27 -25.40
N ALA D 135 -17.91 -22.23 -25.02
CA ALA D 135 -17.40 -21.10 -24.26
C ALA D 135 -17.45 -19.80 -25.06
N LEU D 136 -17.19 -19.89 -26.37
CA LEU D 136 -17.24 -18.72 -27.23
C LEU D 136 -18.66 -18.20 -27.42
N GLN D 137 -19.67 -19.05 -27.24
CA GLN D 137 -21.06 -18.67 -27.46
C GLN D 137 -21.82 -18.40 -26.17
N GLN D 138 -21.55 -19.16 -25.10
CA GLN D 138 -22.33 -19.08 -23.88
C GLN D 138 -21.63 -18.36 -22.73
N GLY D 139 -20.35 -18.01 -22.90
CA GLY D 139 -19.60 -17.38 -21.84
C GLY D 139 -19.06 -18.38 -20.82
N ILE D 140 -18.13 -17.91 -20.01
CA ILE D 140 -17.44 -18.74 -19.03
C ILE D 140 -17.68 -18.19 -17.63
N LYS D 141 -17.50 -19.07 -16.64
CA LYS D 141 -17.56 -18.69 -15.23
C LYS D 141 -16.20 -18.19 -14.76
N VAL D 142 -16.21 -17.07 -14.04
CA VAL D 142 -14.99 -16.44 -13.57
C VAL D 142 -15.08 -16.25 -12.06
N ARG D 143 -14.02 -16.64 -11.36
CA ARG D 143 -13.88 -16.37 -9.93
C ARG D 143 -12.69 -15.45 -9.73
N THR D 144 -12.91 -14.36 -9.01
CA THR D 144 -11.81 -13.45 -8.69
C THR D 144 -10.73 -14.19 -7.92
N SER D 145 -9.48 -13.96 -8.30
CA SER D 145 -8.36 -14.67 -7.71
C SER D 145 -8.01 -14.08 -6.34
N SER D 146 -7.68 -14.96 -5.41
CA SER D 146 -7.16 -14.51 -4.12
C SER D 146 -5.68 -14.16 -4.17
N PHE D 147 -5.01 -14.48 -5.28
CA PHE D 147 -3.63 -14.08 -5.48
C PHE D 147 -3.58 -12.70 -6.12
N THR D 148 -2.78 -11.81 -5.53
CA THR D 148 -2.63 -10.46 -6.07
C THR D 148 -1.81 -10.48 -7.35
N ARG D 149 -2.26 -9.73 -8.35
CA ARG D 149 -1.55 -9.64 -9.61
C ARG D 149 -0.20 -8.96 -9.43
N HIS D 150 0.67 -9.11 -10.42
CA HIS D 150 2.04 -8.64 -10.36
C HIS D 150 2.11 -7.15 -10.02
N HIS D 151 3.16 -6.79 -9.29
CA HIS D 151 3.46 -5.41 -8.92
C HIS D 151 4.41 -4.81 -9.95
N VAL D 152 4.11 -3.58 -10.39
CA VAL D 152 4.85 -2.99 -11.50
C VAL D 152 6.32 -2.75 -11.18
N ASN D 153 6.70 -2.70 -9.90
CA ASN D 153 8.10 -2.55 -9.53
C ASN D 153 8.71 -3.81 -8.96
N ILE D 154 7.95 -4.90 -8.86
CA ILE D 154 8.52 -6.18 -8.48
C ILE D 154 8.85 -7.02 -9.71
N SER D 155 7.93 -7.08 -10.67
CA SER D 155 8.16 -7.76 -11.94
C SER D 155 7.87 -6.79 -13.08
N MET D 156 8.57 -6.99 -14.19
CA MET D 156 8.45 -6.12 -15.35
C MET D 156 7.20 -6.49 -16.11
N THR D 157 6.11 -5.78 -15.82
CA THR D 157 4.79 -6.16 -16.33
C THR D 157 4.65 -5.91 -17.83
N ARG D 158 5.44 -5.00 -18.40
CA ARG D 158 5.39 -4.78 -19.84
C ARG D 158 6.13 -5.87 -20.61
N ALA D 159 6.97 -6.64 -19.93
CA ALA D 159 7.65 -7.76 -20.55
C ALA D 159 6.84 -9.03 -20.38
N LYS D 160 6.83 -9.86 -21.42
CA LYS D 160 6.18 -11.16 -21.37
C LYS D 160 7.25 -12.19 -21.04
N SER D 161 7.50 -12.35 -19.74
CA SER D 161 8.61 -13.15 -19.25
C SER D 161 8.12 -14.51 -18.75
N ASN D 162 9.00 -15.51 -18.85
CA ASN D 162 8.65 -16.88 -18.50
C ASN D 162 8.31 -17.02 -17.03
N GLY D 163 9.21 -16.57 -16.16
CA GLY D 163 9.07 -16.80 -14.73
C GLY D 163 7.91 -16.08 -14.09
N ALA D 164 7.38 -15.05 -14.76
CA ALA D 164 6.26 -14.27 -14.23
C ALA D 164 4.93 -15.02 -14.28
N TYR D 165 4.86 -16.15 -14.99
CA TYR D 165 3.60 -16.85 -15.15
C TYR D 165 3.31 -17.86 -14.04
N ILE D 166 4.16 -17.92 -13.01
CA ILE D 166 3.80 -18.70 -11.82
C ILE D 166 2.53 -18.14 -11.19
N ASN D 167 2.44 -16.81 -11.12
CA ASN D 167 1.26 -16.16 -10.56
C ASN D 167 0.00 -16.53 -11.33
N SER D 168 0.12 -16.66 -12.66
CA SER D 168 -1.04 -16.99 -13.48
C SER D 168 -1.49 -18.44 -13.27
N MET D 169 -0.53 -19.36 -13.11
CA MET D 169 -0.89 -20.76 -12.88
C MET D 169 -1.57 -20.94 -11.54
N LEU D 170 -1.08 -20.26 -10.50
CA LEU D 170 -1.71 -20.35 -9.19
C LEU D 170 -3.16 -19.85 -9.25
N ALA D 171 -3.38 -18.75 -9.98
CA ALA D 171 -4.72 -18.18 -10.04
C ALA D 171 -5.66 -19.05 -10.87
N LEU D 172 -5.18 -19.61 -11.98
CA LEU D 172 -6.04 -20.43 -12.83
C LEU D 172 -6.45 -21.71 -12.11
N GLN D 173 -5.49 -22.40 -11.50
CA GLN D 173 -5.81 -23.63 -10.79
C GLN D 173 -6.75 -23.37 -9.62
N GLU D 174 -6.63 -22.20 -8.98
CA GLU D 174 -7.57 -21.84 -7.91
C GLU D 174 -8.98 -21.67 -8.46
N ALA D 175 -9.13 -20.98 -9.59
CA ALA D 175 -10.44 -20.80 -10.18
C ALA D 175 -11.03 -22.12 -10.64
N ILE D 176 -10.20 -23.03 -11.16
CA ILE D 176 -10.72 -24.30 -11.65
C ILE D 176 -11.19 -25.16 -10.47
N SER D 177 -10.39 -25.24 -9.41
CA SER D 177 -10.82 -25.98 -8.23
C SER D 177 -12.05 -25.38 -7.57
N GLY D 178 -12.31 -24.10 -7.81
CA GLY D 178 -13.48 -23.42 -7.31
C GLY D 178 -14.71 -23.56 -8.18
N GLY D 179 -14.65 -24.37 -9.24
CA GLY D 179 -15.79 -24.59 -10.10
C GLY D 179 -15.90 -23.64 -11.28
N ALA D 180 -14.97 -22.71 -11.42
CA ALA D 180 -15.01 -21.72 -12.50
C ALA D 180 -14.05 -22.11 -13.62
N ASP D 181 -14.13 -21.35 -14.71
CA ASP D 181 -13.29 -21.59 -15.87
C ASP D 181 -12.09 -20.67 -15.97
N GLU D 182 -12.10 -19.52 -15.27
CA GLU D 182 -11.03 -18.56 -15.39
C GLU D 182 -11.03 -17.67 -14.15
N ALA D 183 -9.89 -17.03 -13.90
CA ALA D 183 -9.71 -16.15 -12.76
C ALA D 183 -9.62 -14.70 -13.22
N MET D 184 -10.05 -13.78 -12.34
CA MET D 184 -9.92 -12.35 -12.58
C MET D 184 -8.91 -11.79 -11.59
N MET D 185 -7.82 -11.22 -12.12
CA MET D 185 -6.73 -10.74 -11.30
C MET D 185 -6.97 -9.31 -10.84
N LEU D 186 -6.66 -9.05 -9.57
CA LEU D 186 -6.69 -7.70 -9.01
C LEU D 186 -5.26 -7.24 -8.78
N ASP D 187 -5.00 -5.96 -9.07
CA ASP D 187 -3.66 -5.40 -8.89
C ASP D 187 -3.42 -5.16 -7.40
N PRO D 188 -2.19 -4.79 -7.00
CA PRO D 188 -1.91 -4.59 -5.57
C PRO D 188 -2.83 -3.58 -4.88
N GLU D 189 -3.45 -2.68 -5.64
CA GLU D 189 -4.36 -1.70 -5.07
C GLU D 189 -5.80 -2.18 -5.01
N GLY D 190 -6.09 -3.37 -5.53
CA GLY D 190 -7.43 -3.93 -5.48
C GLY D 190 -8.28 -3.73 -6.71
N TYR D 191 -7.78 -3.04 -7.72
CA TYR D 191 -8.53 -2.79 -8.94
C TYR D 191 -8.38 -3.96 -9.90
N VAL D 192 -9.39 -4.14 -10.76
CA VAL D 192 -9.34 -5.21 -11.74
C VAL D 192 -8.20 -4.97 -12.70
N ALA D 193 -7.40 -6.00 -12.95
CA ALA D 193 -6.27 -5.92 -13.87
C ALA D 193 -6.52 -6.69 -15.15
N GLU D 194 -6.79 -7.99 -15.06
CA GLU D 194 -6.85 -8.86 -16.23
C GLU D 194 -7.31 -10.24 -15.78
N GLY D 195 -7.43 -11.15 -16.73
CA GLY D 195 -7.59 -12.55 -16.45
C GLY D 195 -6.24 -13.19 -16.20
N SER D 196 -6.25 -14.53 -16.15
CA SER D 196 -5.00 -15.26 -15.93
C SER D 196 -4.03 -15.05 -17.10
N GLY D 197 -4.54 -15.03 -18.32
CA GLY D 197 -3.70 -14.82 -19.48
C GLY D 197 -4.32 -13.92 -20.53
N GLU D 198 -5.38 -13.21 -20.14
CA GLU D 198 -6.14 -12.38 -21.08
C GLU D 198 -6.41 -11.02 -20.46
N ASN D 199 -6.66 -10.04 -21.33
CA ASN D 199 -7.20 -8.77 -20.88
C ASN D 199 -8.72 -8.87 -20.73
N ILE D 200 -9.28 -7.95 -19.94
CA ILE D 200 -10.70 -7.99 -19.61
C ILE D 200 -11.34 -6.68 -20.07
N PHE D 201 -12.56 -6.80 -20.60
CA PHE D 201 -13.38 -5.66 -21.00
C PHE D 201 -14.77 -5.82 -20.40
N ILE D 202 -15.43 -4.70 -20.16
CA ILE D 202 -16.81 -4.71 -19.70
C ILE D 202 -17.60 -3.69 -20.52
N ILE D 203 -18.90 -3.93 -20.62
CA ILE D 203 -19.83 -3.02 -21.31
C ILE D 203 -20.89 -2.59 -20.31
N LYS D 204 -21.14 -1.29 -20.23
CA LYS D 204 -22.16 -0.74 -19.35
C LYS D 204 -22.85 0.40 -20.10
N ASP D 205 -24.13 0.23 -20.39
CA ASP D 205 -24.93 1.22 -21.10
C ASP D 205 -24.27 1.61 -22.43
N GLY D 206 -23.82 0.59 -23.17
CA GLY D 206 -23.29 0.78 -24.50
C GLY D 206 -21.89 1.33 -24.58
N VAL D 207 -21.19 1.46 -23.45
CA VAL D 207 -19.82 1.96 -23.41
C VAL D 207 -18.90 0.82 -22.99
N ILE D 208 -17.76 0.71 -23.65
CA ILE D 208 -16.78 -0.32 -23.35
C ILE D 208 -15.75 0.24 -22.38
N TYR D 209 -15.52 -0.47 -21.28
CA TYR D 209 -14.53 -0.09 -20.28
C TYR D 209 -13.51 -1.20 -20.13
N THR D 210 -12.23 -0.82 -20.05
CA THR D 210 -11.14 -1.77 -19.85
C THR D 210 -10.11 -1.15 -18.93
N PRO D 211 -9.44 -1.95 -18.10
CA PRO D 211 -8.47 -1.39 -17.16
C PRO D 211 -7.32 -0.70 -17.88
N GLU D 212 -6.84 0.39 -17.29
CA GLU D 212 -5.73 1.13 -17.88
C GLU D 212 -4.44 0.33 -17.75
N VAL D 213 -3.59 0.46 -18.76
CA VAL D 213 -2.34 -0.31 -18.83
C VAL D 213 -1.39 0.10 -17.71
N ALA D 215 -0.78 -2.64 -14.12
CA ALA D 215 -0.14 -3.91 -13.76
C ALA D 215 -0.55 -5.02 -14.74
N CYS D 216 -1.28 -4.63 -15.78
CA CYS D 216 -1.72 -5.56 -16.81
C CYS D 216 -0.83 -5.43 -18.05
N LEU D 217 -0.84 -6.48 -18.86
CA LEU D 217 -0.02 -6.52 -20.07
C LEU D 217 -0.70 -5.72 -21.18
N ASN D 218 0.09 -4.88 -21.86
CA ASN D 218 -0.39 -4.12 -23.01
C ASN D 218 -0.64 -5.10 -24.14
N GLY D 219 -1.82 -5.71 -24.12
CA GLY D 219 -2.11 -6.81 -25.04
C GLY D 219 -2.33 -6.33 -26.45
N ILE D 220 -1.77 -7.06 -27.41
CA ILE D 220 -1.97 -6.75 -28.82
C ILE D 220 -3.42 -7.00 -29.22
N THR D 221 -3.99 -8.12 -28.77
CA THR D 221 -5.41 -8.37 -29.01
C THR D 221 -6.28 -7.31 -28.37
N ARG D 222 -5.87 -6.81 -27.20
CA ARG D 222 -6.54 -5.66 -26.60
C ARG D 222 -6.45 -4.44 -27.50
N ASN D 223 -5.32 -4.28 -28.19
CA ASN D 223 -5.15 -3.11 -29.06
C ASN D 223 -6.02 -3.22 -30.31
N THR D 224 -6.16 -4.43 -30.87
CA THR D 224 -7.03 -4.59 -32.02
C THR D 224 -8.49 -4.35 -31.65
N ILE D 225 -8.89 -4.68 -30.43
CA ILE D 225 -10.27 -4.46 -30.01
C ILE D 225 -10.56 -2.97 -29.89
N LEU D 226 -9.57 -2.17 -29.44
CA LEU D 226 -9.73 -0.73 -29.46
C LEU D 226 -9.98 -0.23 -30.88
N THR D 227 -9.25 -0.78 -31.86
CA THR D 227 -9.46 -0.38 -33.24
C THR D 227 -10.81 -0.85 -33.75
N LEU D 228 -11.19 -2.10 -33.46
CA LEU D 228 -12.46 -2.62 -33.94
C LEU D 228 -13.64 -1.93 -33.26
N ALA D 229 -13.49 -1.54 -31.99
CA ALA D 229 -14.58 -0.87 -31.30
C ALA D 229 -14.83 0.52 -31.88
N ALA D 230 -13.77 1.22 -32.29
CA ALA D 230 -13.95 2.52 -32.92
C ALA D 230 -14.53 2.37 -34.32
N GLU D 231 -14.10 1.35 -35.07
CA GLU D 231 -14.64 1.13 -36.40
C GLU D 231 -16.12 0.79 -36.36
N HIS D 232 -16.58 0.14 -35.29
CA HIS D 232 -18.00 -0.19 -35.13
C HIS D 232 -18.73 0.84 -34.28
N GLY D 233 -18.18 2.03 -34.13
CA GLY D 233 -18.84 3.12 -33.43
C GLY D 233 -19.14 2.89 -31.97
N PHE D 234 -18.22 2.29 -31.22
CA PHE D 234 -18.40 2.05 -29.80
C PHE D 234 -17.49 2.96 -28.99
N LYS D 235 -18.07 3.68 -28.03
CA LYS D 235 -17.30 4.50 -27.11
C LYS D 235 -16.53 3.59 -26.15
N LEU D 236 -15.24 3.86 -25.99
CA LEU D 236 -14.37 3.05 -25.15
C LEU D 236 -13.62 3.95 -24.17
N VAL D 237 -13.58 3.54 -22.91
CA VAL D 237 -12.94 4.32 -21.85
C VAL D 237 -11.94 3.43 -21.13
N GLU D 238 -10.71 3.90 -21.02
CA GLU D 238 -9.67 3.23 -20.23
C GLU D 238 -9.64 3.89 -18.85
N LYS D 239 -9.88 3.09 -17.81
CA LYS D 239 -9.93 3.62 -16.44
C LYS D 239 -9.81 2.46 -15.46
N ARG D 240 -9.59 2.82 -14.19
CA ARG D 240 -9.54 1.82 -13.14
C ARG D 240 -10.95 1.26 -12.89
N ILE D 241 -11.03 -0.06 -12.76
CA ILE D 241 -12.30 -0.77 -12.62
C ILE D 241 -12.25 -1.60 -11.35
N THR D 242 -13.35 -1.61 -10.60
CA THR D 242 -13.45 -2.41 -9.39
C THR D 242 -14.19 -3.71 -9.69
N ARG D 243 -14.04 -4.67 -8.77
CA ARG D 243 -14.65 -5.98 -9.00
C ARG D 243 -16.16 -5.89 -9.03
N ASP D 244 -16.75 -5.08 -8.15
CA ASP D 244 -18.22 -4.94 -8.16
C ASP D 244 -18.69 -4.16 -9.38
N GLU D 245 -17.85 -3.32 -9.97
CA GLU D 245 -18.20 -2.67 -11.23
C GLU D 245 -18.38 -3.69 -12.34
N VAL D 246 -17.63 -4.80 -12.28
CA VAL D 246 -17.84 -5.90 -13.23
C VAL D 246 -19.15 -6.62 -12.95
N TYR D 247 -19.53 -6.75 -11.67
CA TYR D 247 -20.74 -7.48 -11.32
C TYR D 247 -21.97 -6.87 -11.98
N ILE D 248 -22.00 -5.54 -12.10
CA ILE D 248 -23.18 -4.83 -12.60
C ILE D 248 -23.02 -4.42 -14.06
N ALA D 249 -21.97 -4.89 -14.74
CA ALA D 249 -21.82 -4.59 -16.15
C ALA D 249 -22.88 -5.32 -16.97
N ASP D 250 -23.21 -4.75 -18.13
CA ASP D 250 -24.11 -5.42 -19.05
C ASP D 250 -23.43 -6.60 -19.73
N GLU D 251 -22.16 -6.42 -20.12
CA GLU D 251 -21.40 -7.46 -20.79
C GLU D 251 -19.98 -7.46 -20.23
N ALA D 252 -19.30 -8.59 -20.44
CA ALA D 252 -17.90 -8.72 -20.06
C ALA D 252 -17.28 -9.80 -20.92
N PHE D 253 -16.01 -9.62 -21.29
CA PHE D 253 -15.34 -10.63 -22.07
C PHE D 253 -13.83 -10.52 -21.88
N PHE D 254 -13.15 -11.62 -22.16
CA PHE D 254 -11.70 -11.70 -22.16
C PHE D 254 -11.18 -11.57 -23.57
N THR D 255 -9.94 -11.08 -23.69
CA THR D 255 -9.27 -10.96 -24.98
C THR D 255 -7.84 -11.45 -24.85
N GLY D 256 -7.42 -12.31 -25.77
CA GLY D 256 -6.06 -12.81 -25.80
C GLY D 256 -5.79 -13.42 -27.15
N THR D 257 -4.51 -13.74 -27.38
CA THR D 257 -4.15 -14.38 -28.64
C THR D 257 -4.74 -15.79 -28.73
N ALA D 258 -4.60 -16.58 -27.66
CA ALA D 258 -5.10 -17.94 -27.67
C ALA D 258 -6.60 -18.02 -27.45
N ALA D 259 -7.17 -17.08 -26.69
CA ALA D 259 -8.59 -17.09 -26.36
C ALA D 259 -9.43 -16.22 -27.28
N GLU D 260 -8.80 -15.39 -28.12
CA GLU D 260 -9.51 -14.49 -29.02
C GLU D 260 -10.48 -13.61 -28.24
N VAL D 261 -11.78 -13.87 -28.37
CA VAL D 261 -12.80 -13.14 -27.62
C VAL D 261 -13.68 -14.15 -26.91
N THR D 262 -13.52 -14.26 -25.60
CA THR D 262 -14.28 -15.21 -24.79
C THR D 262 -15.27 -14.47 -23.90
N PRO D 263 -16.57 -14.58 -24.12
CA PRO D 263 -17.53 -13.88 -23.25
C PRO D 263 -17.47 -14.39 -21.83
N ILE D 264 -17.97 -13.56 -20.91
CA ILE D 264 -18.01 -13.84 -19.48
C ILE D 264 -19.46 -13.71 -19.03
N ARG D 265 -20.02 -14.79 -18.52
CA ARG D 265 -21.43 -14.77 -18.11
C ARG D 265 -21.61 -14.64 -16.61
N GLU D 266 -20.56 -14.87 -15.82
CA GLU D 266 -20.69 -14.89 -14.36
C GLU D 266 -19.35 -14.58 -13.74
N VAL D 267 -19.33 -13.66 -12.79
CA VAL D 267 -18.14 -13.35 -12.01
C VAL D 267 -18.52 -13.45 -10.54
N ASP D 268 -17.84 -14.34 -9.82
CA ASP D 268 -18.04 -14.51 -8.38
C ASP D 268 -19.50 -14.81 -8.04
N GLY D 269 -20.13 -15.65 -8.85
CA GLY D 269 -21.53 -15.96 -8.69
C GLY D 269 -22.49 -14.90 -9.17
N ARG D 270 -22.03 -13.68 -9.40
CA ARG D 270 -22.89 -12.62 -9.92
C ARG D 270 -23.10 -12.83 -11.42
N LYS D 271 -24.35 -12.96 -11.82
CA LYS D 271 -24.68 -13.04 -13.24
C LYS D 271 -24.35 -11.72 -13.92
N ILE D 272 -23.71 -11.79 -15.08
CA ILE D 272 -23.35 -10.61 -15.85
C ILE D 272 -24.44 -10.34 -16.87
N GLY D 273 -25.21 -9.28 -16.65
CA GLY D 273 -26.29 -8.95 -17.57
C GLY D 273 -27.30 -10.07 -17.64
N ALA D 274 -27.53 -10.59 -18.85
CA ALA D 274 -28.48 -11.67 -19.06
C ALA D 274 -27.87 -13.05 -18.90
N GLY D 275 -26.63 -13.15 -18.45
CA GLY D 275 -26.00 -14.44 -18.22
C GLY D 275 -25.53 -15.16 -19.47
N ARG D 276 -25.41 -14.44 -20.58
CA ARG D 276 -24.87 -15.00 -21.81
C ARG D 276 -24.17 -13.90 -22.59
N ARG D 277 -23.62 -14.28 -23.74
CA ARG D 277 -22.90 -13.32 -24.57
C ARG D 277 -23.82 -12.18 -24.99
N GLY D 278 -23.36 -10.94 -24.80
CA GLY D 278 -24.14 -9.77 -25.12
C GLY D 278 -23.96 -9.27 -26.55
N PRO D 279 -24.72 -8.24 -26.91
CA PRO D 279 -24.69 -7.74 -28.30
C PRO D 279 -23.34 -7.17 -28.72
N VAL D 280 -22.79 -6.27 -27.90
CA VAL D 280 -21.50 -5.66 -28.23
C VAL D 280 -20.42 -6.73 -28.31
N THR D 281 -20.40 -7.66 -27.35
CA THR D 281 -19.43 -8.74 -27.39
C THR D 281 -19.58 -9.56 -28.67
N GLU D 282 -20.82 -9.82 -29.09
CA GLU D 282 -21.03 -10.60 -30.31
C GLU D 282 -20.46 -9.88 -31.53
N LYS D 283 -20.69 -8.57 -31.63
CA LYS D 283 -20.23 -7.83 -32.80
C LYS D 283 -18.71 -7.70 -32.81
N LEU D 284 -18.09 -7.53 -31.63
CA LEU D 284 -16.63 -7.47 -31.58
C LEU D 284 -16.02 -8.84 -31.84
N GLN D 285 -16.60 -9.89 -31.24
CA GLN D 285 -16.15 -11.25 -31.54
C GLN D 285 -16.29 -11.54 -33.03
N LYS D 286 -17.41 -11.15 -33.63
CA LYS D 286 -17.59 -11.30 -35.07
C LYS D 286 -16.57 -10.48 -35.84
N ALA D 287 -16.32 -9.24 -35.42
CA ALA D 287 -15.37 -8.38 -36.11
C ALA D 287 -13.94 -8.89 -35.98
N TYR D 288 -13.61 -9.51 -34.85
CA TYR D 288 -12.26 -10.01 -34.67
C TYR D 288 -12.00 -11.24 -35.51
N PHE D 289 -12.95 -12.17 -35.56
CA PHE D 289 -12.79 -13.35 -36.40
C PHE D 289 -12.77 -12.98 -37.88
N ASP D 290 -13.63 -12.05 -38.29
CA ASP D 290 -13.60 -11.59 -39.68
C ASP D 290 -12.28 -10.92 -40.01
N LEU D 291 -11.66 -10.25 -39.04
CA LEU D 291 -10.39 -9.58 -39.29
C LEU D 291 -9.26 -10.58 -39.48
N VAL D 292 -9.17 -11.57 -38.58
CA VAL D 292 -8.06 -12.52 -38.65
C VAL D 292 -8.26 -13.53 -39.78
N SER D 293 -9.50 -13.84 -40.13
CA SER D 293 -9.79 -14.80 -41.20
C SER D 293 -9.72 -14.18 -42.58
N GLY D 294 -9.40 -12.89 -42.68
CA GLY D 294 -9.35 -12.25 -43.99
C GLY D 294 -10.70 -12.09 -44.66
N LYS D 295 -11.79 -12.22 -43.90
CA LYS D 295 -13.11 -12.00 -44.47
C LYS D 295 -13.30 -10.58 -44.96
N THR D 296 -12.53 -9.63 -44.42
CA THR D 296 -12.54 -8.24 -44.88
C THR D 296 -11.12 -7.87 -45.31
N GLU D 297 -11.00 -7.22 -46.46
CA GLU D 297 -9.69 -6.83 -46.96
C GLU D 297 -9.04 -5.73 -46.12
N ALA D 298 -9.78 -5.13 -45.19
CA ALA D 298 -9.22 -4.09 -44.33
C ALA D 298 -8.13 -4.67 -43.43
N HIS D 299 -7.17 -3.81 -43.07
CA HIS D 299 -6.05 -4.19 -42.22
C HIS D 299 -5.29 -5.37 -42.81
N ALA D 300 -5.04 -5.33 -44.12
CA ALA D 300 -4.31 -6.40 -44.77
C ALA D 300 -2.88 -6.48 -44.27
N GLU D 301 -2.32 -5.35 -43.79
CA GLU D 301 -0.98 -5.36 -43.24
C GLU D 301 -0.89 -6.24 -42.00
N TRP D 302 -2.00 -6.39 -41.28
CA TRP D 302 -2.06 -7.22 -40.09
C TRP D 302 -2.14 -8.71 -40.39
N ARG D 303 -2.24 -9.09 -41.66
CA ARG D 303 -2.24 -10.49 -42.08
C ARG D 303 -1.04 -10.73 -42.99
N THR D 304 -0.03 -11.42 -42.46
CA THR D 304 1.18 -11.72 -43.21
C THR D 304 1.10 -13.15 -43.73
N LEU D 305 1.03 -13.29 -45.06
CA LEU D 305 0.95 -14.62 -45.68
C LEU D 305 2.18 -15.44 -45.33
N VAL D 306 1.94 -16.68 -44.89
CA VAL D 306 3.03 -17.58 -44.55
C VAL D 306 3.73 -18.10 -45.79
N LYS D 307 3.01 -18.16 -46.92
CA LYS D 307 3.54 -18.62 -48.20
C LYS D 307 4.10 -20.04 -48.10
N MET E 1 10.18 40.60 20.94
CA MET E 1 10.33 39.17 21.17
C MET E 1 10.94 38.47 19.96
N SER E 2 12.07 37.80 20.18
CA SER E 2 12.80 37.13 19.11
C SER E 2 13.76 36.12 19.71
N MET E 3 14.10 35.11 18.92
CA MET E 3 15.07 34.10 19.29
C MET E 3 16.50 34.47 18.90
N ALA E 4 16.66 35.51 18.09
CA ALA E 4 17.97 35.97 17.65
C ALA E 4 18.51 37.09 18.54
N ASP E 5 17.67 38.06 18.89
CA ASP E 5 18.08 39.16 19.75
C ASP E 5 18.15 38.63 21.19
N ARG E 6 19.30 38.03 21.51
CA ARG E 6 19.50 37.36 22.79
C ARG E 6 20.91 37.62 23.28
N ASP E 7 21.06 37.66 24.61
CA ASP E 7 22.37 37.79 25.22
C ASP E 7 22.91 36.40 25.57
N GLY E 8 24.14 36.14 25.15
CA GLY E 8 24.78 34.88 25.44
C GLY E 8 25.75 34.51 24.34
N VAL E 9 26.05 33.21 24.26
CA VAL E 9 26.98 32.69 23.27
C VAL E 9 26.37 31.45 22.62
N ILE E 10 26.83 31.17 21.41
CA ILE E 10 26.43 29.99 20.65
C ILE E 10 27.69 29.36 20.07
N TRP E 11 27.85 28.05 20.28
CA TRP E 11 29.00 27.35 19.72
C TRP E 11 28.85 27.25 18.21
N TYR E 12 29.79 27.87 17.49
CA TYR E 12 29.70 27.99 16.03
C TYR E 12 31.05 27.57 15.44
N ASP E 13 31.14 26.30 15.01
CA ASP E 13 32.31 25.77 14.31
C ASP E 13 33.59 26.00 15.14
N GLY E 14 33.61 25.42 16.33
CA GLY E 14 34.79 25.44 17.16
C GLY E 14 35.02 26.70 17.96
N GLU E 15 34.19 27.73 17.77
CA GLU E 15 34.34 28.98 18.48
C GLU E 15 33.02 29.36 19.14
N LEU E 16 33.12 29.98 20.32
CA LEU E 16 31.95 30.48 21.03
C LEU E 16 31.70 31.91 20.60
N VAL E 17 30.79 32.09 19.64
CA VAL E 17 30.50 33.41 19.11
C VAL E 17 29.29 33.98 19.84
N GLN E 18 29.16 35.31 19.76
CA GLN E 18 28.03 35.97 20.41
C GLN E 18 26.72 35.53 19.77
N TRP E 19 25.65 35.55 20.58
CA TRP E 19 24.37 35.02 20.13
C TRP E 19 23.86 35.78 18.91
N ARG E 20 23.92 37.10 18.94
CA ARG E 20 23.44 37.89 17.82
C ARG E 20 24.35 37.79 16.60
N ASP E 21 25.59 37.34 16.78
CA ASP E 21 26.52 37.21 15.67
C ASP E 21 26.52 35.81 15.07
N ALA E 22 25.76 34.87 15.63
CA ALA E 22 25.66 33.52 15.07
C ALA E 22 24.64 33.54 13.95
N THR E 23 25.10 33.98 12.78
CA THR E 23 24.25 34.07 11.60
C THR E 23 24.79 33.19 10.48
N THR E 24 24.00 33.07 9.43
CA THR E 24 24.40 32.37 8.21
C THR E 24 23.73 33.08 7.05
N HIS E 25 24.30 32.91 5.86
CA HIS E 25 23.77 33.60 4.70
C HIS E 25 22.38 33.06 4.33
N VAL E 26 21.57 33.92 3.73
CA VAL E 26 20.20 33.55 3.40
C VAL E 26 20.15 32.50 2.30
N LEU E 27 21.23 32.34 1.53
CA LEU E 27 21.34 31.25 0.56
C LEU E 27 22.03 30.03 1.16
N THR E 28 21.76 29.73 2.43
CA THR E 28 22.27 28.52 3.06
C THR E 28 21.57 27.30 2.48
N HIS E 29 22.35 26.25 2.18
CA HIS E 29 21.80 25.09 1.47
C HIS E 29 20.72 24.39 2.28
N THR E 30 21.02 24.08 3.55
CA THR E 30 20.03 23.44 4.41
C THR E 30 18.79 24.30 4.56
N HIS E 31 18.95 25.63 4.52
CA HIS E 31 17.80 26.52 4.61
C HIS E 31 16.84 26.32 3.44
N HIS E 32 17.37 25.95 2.27
CA HIS E 32 16.57 25.82 1.06
C HIS E 32 16.15 24.39 0.76
N TYR E 33 16.86 23.38 1.26
CA TYR E 33 16.59 22.00 0.90
C TYR E 33 16.43 21.07 2.09
N GLY E 34 16.54 21.56 3.32
CA GLY E 34 16.28 20.78 4.51
C GLY E 34 17.31 19.73 4.85
N MET E 35 18.41 19.64 4.10
CA MET E 35 19.43 18.62 4.34
C MET E 35 20.26 19.04 5.55
N GLY E 36 19.96 18.45 6.69
CA GLY E 36 20.66 18.75 7.93
C GLY E 36 20.16 17.84 9.02
N VAL E 37 20.91 17.79 10.11
CA VAL E 37 20.56 16.96 11.25
C VAL E 37 20.69 17.79 12.52
N PHE E 38 19.91 17.43 13.54
CA PHE E 38 19.90 18.18 14.78
C PHE E 38 19.53 17.25 15.94
N GLU E 39 19.66 17.78 17.15
CA GLU E 39 19.33 17.06 18.36
C GLU E 39 18.54 17.95 19.30
N GLY E 40 17.90 17.33 20.28
CA GLY E 40 17.20 18.03 21.34
C GLY E 40 17.60 17.51 22.69
N VAL E 41 18.38 18.29 23.43
CA VAL E 41 18.97 17.85 24.70
C VAL E 41 18.51 18.79 25.81
N ARG E 42 18.29 18.23 26.99
CA ARG E 42 17.89 19.00 28.16
C ARG E 42 18.96 18.95 29.23
N ALA E 43 19.09 20.06 29.96
CA ALA E 43 19.95 20.14 31.12
C ALA E 43 19.08 20.42 32.35
N TYR E 44 19.32 19.67 33.42
CA TYR E 44 18.51 19.77 34.63
C TYR E 44 19.39 20.17 35.81
N ASP E 45 18.75 20.79 36.80
CA ASP E 45 19.42 21.18 38.03
C ASP E 45 19.37 20.01 39.01
N THR E 46 20.54 19.43 39.27
CA THR E 46 20.68 18.30 40.18
C THR E 46 21.35 18.75 41.47
N PRO E 47 21.25 17.95 42.54
CA PRO E 47 21.99 18.27 43.78
C PRO E 47 23.49 18.41 43.56
N GLN E 48 24.03 17.81 42.50
CA GLN E 48 25.44 17.95 42.16
C GLN E 48 25.71 19.13 41.23
N GLY E 49 24.68 19.88 40.85
CA GLY E 49 24.81 20.99 39.93
C GLY E 49 24.04 20.74 38.65
N THR E 50 24.20 21.67 37.71
CA THR E 50 23.52 21.57 36.42
C THR E 50 24.13 20.43 35.61
N ALA E 51 23.30 19.48 35.19
CA ALA E 51 23.75 18.29 34.49
C ALA E 51 22.95 18.08 33.21
N ILE E 52 23.62 17.56 32.20
CA ILE E 52 22.99 17.20 30.93
C ILE E 52 22.54 15.75 31.01
N PHE E 53 21.27 15.50 30.68
CA PHE E 53 20.71 14.17 30.77
C PHE E 53 21.04 13.38 29.51
N ARG E 54 21.84 12.32 29.67
CA ARG E 54 22.22 11.43 28.58
C ARG E 54 22.84 12.20 27.42
N LEU E 55 24.00 12.81 27.73
CA LEU E 55 24.73 13.57 26.72
C LEU E 55 25.32 12.66 25.66
N GLN E 56 25.81 11.48 26.07
CA GLN E 56 26.47 10.58 25.13
C GLN E 56 25.49 10.03 24.09
N ALA E 57 24.26 9.74 24.51
CA ALA E 57 23.28 9.17 23.59
C ALA E 57 22.86 10.20 22.53
N HIS E 58 22.78 11.47 22.91
CA HIS E 58 22.37 12.49 21.94
C HIS E 58 23.49 12.80 20.96
N THR E 59 24.74 12.84 21.43
CA THR E 59 25.85 13.07 20.51
C THR E 59 26.03 11.87 19.57
N ASP E 60 25.90 10.66 20.11
CA ASP E 60 25.98 9.46 19.26
C ASP E 60 24.88 9.48 18.20
N ARG E 61 23.67 9.88 18.58
CA ARG E 61 22.57 9.93 17.62
C ARG E 61 22.79 11.03 16.60
N LEU E 62 23.33 12.17 17.02
CA LEU E 62 23.65 13.24 16.08
C LEU E 62 24.61 12.75 15.00
N PHE E 63 25.66 12.02 15.40
CA PHE E 63 26.59 11.47 14.41
C PHE E 63 25.94 10.39 13.56
N ASP E 64 25.05 9.58 14.15
CA ASP E 64 24.30 8.61 13.36
C ASP E 64 23.45 9.30 12.31
N SER E 65 22.74 10.36 12.71
CA SER E 65 21.90 11.09 11.76
C SER E 65 22.73 11.69 10.64
N ALA E 66 23.90 12.24 10.98
CA ALA E 66 24.79 12.77 9.95
C ALA E 66 25.33 11.65 9.07
N HIS E 67 25.66 10.50 9.68
CA HIS E 67 26.16 9.37 8.91
C HIS E 67 25.11 8.85 7.93
N ILE E 68 23.83 8.88 8.34
CA ILE E 68 22.75 8.46 7.45
C ILE E 68 22.68 9.39 6.24
N MET E 69 22.86 10.69 6.46
CA MET E 69 22.74 11.70 5.41
C MET E 69 24.05 11.94 4.66
N ASN E 70 25.09 11.14 4.93
CA ASN E 70 26.40 11.33 4.31
C ASN E 70 26.95 12.73 4.57
N MET E 71 26.68 13.25 5.75
CA MET E 71 27.23 14.52 6.20
C MET E 71 28.38 14.23 7.15
N GLN E 72 29.56 14.77 6.85
CA GLN E 72 30.76 14.53 7.65
C GLN E 72 30.91 15.63 8.67
N ILE E 73 30.66 15.30 9.94
CA ILE E 73 30.86 16.25 11.04
C ILE E 73 32.36 16.47 11.23
N PRO E 74 32.86 17.69 11.05
CA PRO E 74 34.32 17.90 11.12
C PRO E 74 34.80 18.04 12.55
N TYR E 75 34.19 17.30 13.47
CA TYR E 75 34.56 17.30 14.88
C TYR E 75 34.30 15.93 15.45
N SER E 76 35.15 15.51 16.39
CA SER E 76 34.97 14.22 17.04
C SER E 76 33.81 14.30 18.03
N ARG E 77 33.35 13.11 18.45
CA ARG E 77 32.27 13.05 19.42
C ARG E 77 32.66 13.72 20.74
N ASP E 78 33.92 13.58 21.15
CA ASP E 78 34.38 14.24 22.36
C ASP E 78 34.31 15.75 22.22
N GLU E 79 34.68 16.29 21.06
CA GLU E 79 34.61 17.72 20.85
C GLU E 79 33.17 18.22 20.91
N ILE E 80 32.23 17.42 20.40
CA ILE E 80 30.82 17.80 20.47
C ILE E 80 30.31 17.68 21.89
N ASN E 81 30.74 16.64 22.61
CA ASN E 81 30.33 16.49 24.01
C ASN E 81 30.84 17.65 24.85
N GLU E 82 32.08 18.07 24.64
CA GLU E 82 32.63 19.18 25.40
C GLU E 82 31.97 20.50 25.00
N ALA E 83 31.64 20.65 23.72
CA ALA E 83 31.01 21.89 23.26
C ALA E 83 29.57 21.99 23.72
N THR E 84 28.88 20.85 23.87
CA THR E 84 27.51 20.89 24.38
C THR E 84 27.47 21.38 25.81
N ARG E 85 28.37 20.87 26.66
CA ARG E 85 28.49 21.38 28.02
C ARG E 85 28.85 22.86 28.02
N ALA E 86 29.68 23.29 27.06
CA ALA E 86 30.05 24.70 26.99
C ALA E 86 28.86 25.59 26.67
N ALA E 87 27.91 25.10 25.89
CA ALA E 87 26.75 25.92 25.54
C ALA E 87 25.85 26.17 26.74
N VAL E 88 25.89 25.28 27.74
CA VAL E 88 25.10 25.47 28.95
C VAL E 88 25.88 26.26 30.00
N ARG E 89 27.16 25.96 30.17
CA ARG E 89 27.95 26.63 31.20
C ARG E 89 28.17 28.09 30.86
N GLU E 90 28.71 28.37 29.66
CA GLU E 90 29.06 29.73 29.28
C GLU E 90 27.86 30.67 29.20
N ASN E 91 26.64 30.15 29.29
CA ASN E 91 25.45 30.99 29.35
C ASN E 91 24.85 31.04 30.75
N ASN E 92 25.50 30.45 31.74
CA ASN E 92 25.07 30.50 33.14
C ASN E 92 23.63 30.00 33.30
N LEU E 93 23.38 28.81 32.77
CA LEU E 93 22.04 28.23 32.73
C LEU E 93 21.89 27.20 33.83
N GLU E 94 20.87 27.38 34.67
CA GLU E 94 20.56 26.39 35.70
C GLU E 94 19.87 25.17 35.12
N SER E 95 18.90 25.39 34.22
CA SER E 95 18.28 24.32 33.45
C SER E 95 18.09 24.83 32.03
N ALA E 96 18.46 24.01 31.05
CA ALA E 96 18.53 24.49 29.67
C ALA E 96 18.04 23.43 28.69
N TYR E 97 17.53 23.90 27.56
CA TYR E 97 17.31 23.07 26.38
C TYR E 97 18.42 23.37 25.37
N ILE E 98 19.09 22.31 24.90
CA ILE E 98 20.24 22.44 24.01
C ILE E 98 19.83 21.98 22.62
N ARG E 99 20.22 22.76 21.61
CA ARG E 99 19.91 22.47 20.21
C ARG E 99 21.21 22.36 19.42
N PRO E 100 21.84 21.19 19.40
CA PRO E 100 22.91 20.95 18.44
C PRO E 100 22.32 20.75 17.04
N MET E 101 22.97 21.32 16.05
CA MET E 101 22.44 21.27 14.69
C MET E 101 23.59 21.31 13.69
N VAL E 102 23.53 20.40 12.71
CA VAL E 102 24.54 20.29 11.66
C VAL E 102 23.86 20.62 10.34
N PHE E 103 24.48 21.52 9.56
CA PHE E 103 23.86 21.96 8.32
C PHE E 103 24.93 22.23 7.27
N TYR E 104 24.52 22.13 6.01
CA TYR E 104 25.39 22.51 4.90
C TYR E 104 25.39 24.02 4.74
N GLY E 105 26.56 24.57 4.41
CA GLY E 105 26.73 26.00 4.31
C GLY E 105 26.18 26.59 3.03
N SER E 106 26.48 27.86 2.83
CA SER E 106 26.01 28.60 1.65
C SER E 106 27.07 28.59 0.56
N GLU E 107 27.46 27.38 0.17
CA GLU E 107 28.49 27.17 -0.84
C GLU E 107 27.91 26.98 -2.25
N GLY E 108 26.83 26.20 -2.38
CA GLY E 108 26.18 26.02 -3.65
C GLY E 108 24.68 25.92 -3.49
N MET E 109 23.97 26.04 -4.60
CA MET E 109 22.51 25.94 -4.62
C MET E 109 22.02 24.74 -5.43
N GLY E 110 22.91 23.87 -5.90
CA GLY E 110 22.48 22.67 -6.57
C GLY E 110 22.19 21.53 -5.62
N LEU E 111 21.39 20.57 -6.09
CA LEU E 111 21.02 19.42 -5.27
C LEU E 111 22.21 18.51 -4.97
N ARG E 112 23.30 18.62 -5.72
CA ARG E 112 24.49 17.83 -5.42
C ARG E 112 25.17 18.35 -4.16
N ALA E 113 25.54 17.44 -3.27
CA ALA E 113 26.16 17.80 -2.00
C ALA E 113 27.64 18.12 -2.12
N SER E 114 28.24 17.89 -3.28
CA SER E 114 29.67 18.12 -3.45
C SER E 114 29.99 19.61 -3.38
N GLY E 115 31.06 19.94 -2.66
CA GLY E 115 31.48 21.31 -2.49
C GLY E 115 30.84 22.05 -1.33
N LEU E 116 29.92 21.42 -0.61
CA LEU E 116 29.23 22.06 0.50
C LEU E 116 30.02 21.88 1.78
N LYS E 117 30.14 22.96 2.55
CA LYS E 117 30.83 22.94 3.83
C LYS E 117 29.87 22.59 4.95
N VAL E 118 30.34 21.76 5.88
CA VAL E 118 29.53 21.28 7.00
C VAL E 118 29.79 22.18 8.20
N HIS E 119 28.74 22.85 8.68
CA HIS E 119 28.80 23.69 9.85
C HIS E 119 28.07 23.03 11.02
N VAL E 120 28.53 23.32 12.23
CA VAL E 120 27.95 22.75 13.45
C VAL E 120 27.61 23.89 14.39
N ILE E 121 26.39 23.89 14.90
CA ILE E 121 25.90 24.91 15.83
C ILE E 121 25.37 24.21 17.07
N ILE E 122 25.66 24.80 18.23
CA ILE E 122 25.13 24.31 19.51
C ILE E 122 24.63 25.52 20.27
N ALA E 123 23.30 25.70 20.30
CA ALA E 123 22.67 26.79 21.02
C ALA E 123 21.91 26.24 22.21
N ALA E 124 21.97 26.96 23.33
CA ALA E 124 21.32 26.54 24.57
C ALA E 124 20.57 27.71 25.19
N TRP E 125 19.39 27.41 25.74
CA TRP E 125 18.57 28.43 26.39
C TRP E 125 17.67 27.75 27.41
N SER E 126 17.12 28.57 28.31
CA SER E 126 16.23 28.06 29.36
C SER E 126 14.91 27.56 28.76
N GLU E 134 1.13 22.60 33.49
CA GLU E 134 -0.09 21.91 33.92
C GLU E 134 -0.32 20.63 33.13
N ALA E 135 0.07 20.64 31.86
CA ALA E 135 -0.15 19.48 30.99
C ALA E 135 0.61 18.26 31.48
N LEU E 136 1.73 18.47 32.17
CA LEU E 136 2.50 17.35 32.71
C LEU E 136 1.71 16.58 33.77
N GLN E 137 0.91 17.29 34.57
CA GLN E 137 0.15 16.66 35.64
C GLN E 137 -1.29 16.38 35.26
N GLN E 138 -1.87 17.17 34.36
CA GLN E 138 -3.27 16.99 33.97
C GLN E 138 -3.44 15.98 32.84
N GLY E 139 -2.56 16.02 31.85
CA GLY E 139 -2.77 15.27 30.64
C GLY E 139 -3.31 16.14 29.52
N ILE E 140 -3.16 15.67 28.29
CA ILE E 140 -3.49 16.48 27.12
C ILE E 140 -4.58 15.78 26.30
N LYS E 141 -5.25 16.58 25.48
CA LYS E 141 -6.19 16.07 24.50
C LYS E 141 -5.45 15.81 23.19
N VAL E 142 -5.66 14.64 22.61
CA VAL E 142 -4.97 14.23 21.40
C VAL E 142 -6.01 13.95 20.33
N ARG E 143 -5.66 14.27 19.08
CA ARG E 143 -6.47 13.93 17.92
C ARG E 143 -5.58 13.25 16.90
N THR E 144 -6.08 12.16 16.32
CA THR E 144 -5.34 11.45 15.29
C THR E 144 -5.14 12.35 14.08
N SER E 145 -3.91 12.37 13.58
CA SER E 145 -3.58 13.22 12.43
C SER E 145 -4.09 12.61 11.14
N SER E 146 -4.68 13.45 10.29
CA SER E 146 -5.03 13.03 8.94
C SER E 146 -3.82 12.97 8.01
N PHE E 147 -2.68 13.51 8.44
CA PHE E 147 -1.44 13.42 7.68
C PHE E 147 -0.73 12.13 8.06
N THR E 148 -0.34 11.36 7.04
CA THR E 148 0.33 10.09 7.31
C THR E 148 1.77 10.33 7.75
N ARG E 149 2.21 9.56 8.74
CA ARG E 149 3.57 9.65 9.23
C ARG E 149 4.55 9.23 8.11
N HIS E 150 5.82 9.57 8.32
CA HIS E 150 6.84 9.36 7.30
C HIS E 150 6.95 7.90 6.89
N HIS E 151 7.30 7.70 5.61
CA HIS E 151 7.51 6.38 5.04
C HIS E 151 9.00 6.03 5.11
N VAL E 152 9.29 4.82 5.59
CA VAL E 152 10.67 4.42 5.87
C VAL E 152 11.55 4.28 4.64
N ASN E 153 10.98 4.37 3.44
CA ASN E 153 11.79 4.40 2.22
C ASN E 153 11.67 5.72 1.46
N ILE E 154 10.95 6.69 2.01
CA ILE E 154 10.93 8.05 1.47
C ILE E 154 11.80 8.97 2.30
N SER E 155 11.67 8.91 3.62
N SER E 155 11.66 8.91 3.62
CA SER E 155 12.53 9.65 4.53
CA SER E 155 12.49 9.64 4.56
C SER E 155 13.23 8.69 5.48
C SER E 155 13.26 8.65 5.42
N MET E 156 14.44 9.07 5.89
CA MET E 156 15.26 8.22 6.74
C MET E 156 14.77 8.39 8.18
N THR E 157 13.92 7.46 8.63
CA THR E 157 13.22 7.64 9.88
C THR E 157 14.11 7.44 11.10
N ARG E 158 15.30 6.86 10.94
CA ARG E 158 16.22 6.77 12.07
C ARG E 158 17.05 8.03 12.26
N ALA E 159 17.13 8.87 11.23
CA ALA E 159 17.83 10.14 11.32
C ALA E 159 16.87 11.21 11.80
N LYS E 160 17.38 12.11 12.65
CA LYS E 160 16.62 13.27 13.10
C LYS E 160 17.02 14.44 12.21
N SER E 161 16.39 14.49 11.03
CA SER E 161 16.74 15.46 10.00
C SER E 161 15.82 16.67 10.05
N ASN E 162 16.36 17.81 9.61
CA ASN E 162 15.63 19.08 9.71
C ASN E 162 14.40 19.08 8.81
N GLY E 163 14.57 18.78 7.53
CA GLY E 163 13.49 18.91 6.57
C GLY E 163 12.34 17.95 6.79
N ALA E 164 12.56 16.89 7.56
CA ALA E 164 11.51 15.89 7.79
C ALA E 164 10.41 16.38 8.71
N TYR E 165 10.62 17.51 9.41
CA TYR E 165 9.67 17.97 10.41
C TYR E 165 8.55 18.82 9.82
N ILE E 166 8.50 19.01 8.50
CA ILE E 166 7.33 19.61 7.88
C ILE E 166 6.08 18.81 8.24
N ASN E 167 6.19 17.49 8.19
CA ASN E 167 5.05 16.63 8.49
C ASN E 167 4.62 16.76 9.95
N SER E 168 5.56 17.01 10.86
CA SER E 168 5.20 17.20 12.25
C SER E 168 4.49 18.53 12.47
N MET E 169 4.91 19.58 11.77
CA MET E 169 4.26 20.87 11.90
C MET E 169 2.86 20.85 11.31
N LEU E 170 2.69 20.23 10.15
CA LEU E 170 1.36 20.09 9.56
C LEU E 170 0.43 19.37 10.50
N ALA E 171 0.93 18.33 11.18
CA ALA E 171 0.09 17.53 12.07
C ALA E 171 -0.24 18.28 13.36
N LEU E 172 0.76 18.95 13.95
CA LEU E 172 0.51 19.68 15.19
C LEU E 172 -0.46 20.82 14.97
N GLN E 173 -0.35 21.51 13.83
CA GLN E 173 -1.28 22.59 13.54
C GLN E 173 -2.70 22.06 13.36
N GLU E 174 -2.84 20.89 12.71
CA GLU E 174 -4.16 20.29 12.56
C GLU E 174 -4.75 19.94 13.91
N ALA E 175 -3.96 19.30 14.78
CA ALA E 175 -4.44 18.94 16.11
C ALA E 175 -4.91 20.17 16.87
N ILE E 176 -4.12 21.24 16.83
CA ILE E 176 -4.46 22.46 17.58
C ILE E 176 -5.69 23.14 16.98
N SER E 177 -5.77 23.19 15.65
CA SER E 177 -6.95 23.79 15.02
C SER E 177 -8.21 22.99 15.32
N GLY E 178 -8.08 21.71 15.63
CA GLY E 178 -9.18 20.87 16.04
C GLY E 178 -9.51 20.95 17.52
N GLY E 179 -8.87 21.84 18.27
CA GLY E 179 -9.12 21.97 19.69
C GLY E 179 -8.32 21.06 20.58
N ALA E 180 -7.35 20.32 20.04
CA ALA E 180 -6.55 19.39 20.81
C ALA E 180 -5.18 20.00 21.12
N ASP E 181 -4.37 19.23 21.85
CA ASP E 181 -3.03 19.67 22.23
C ASP E 181 -1.93 19.00 21.43
N GLU E 182 -2.18 17.81 20.88
CA GLU E 182 -1.14 17.05 20.20
C GLU E 182 -1.80 16.11 19.20
N ALA E 183 -1.02 15.68 18.22
CA ALA E 183 -1.49 14.75 17.21
C ALA E 183 -0.91 13.36 17.47
N MET E 184 -1.66 12.34 17.06
CA MET E 184 -1.19 10.97 17.05
C MET E 184 -0.99 10.55 15.59
N MET E 185 0.23 10.18 15.25
CA MET E 185 0.59 9.87 13.87
C MET E 185 0.36 8.40 13.57
N LEU E 186 -0.18 8.12 12.39
CA LEU E 186 -0.32 6.77 11.88
C LEU E 186 0.67 6.55 10.74
N ASP E 187 1.27 5.36 10.71
CA ASP E 187 2.21 5.01 9.65
C ASP E 187 1.46 4.78 8.34
N PRO E 188 2.17 4.61 7.22
CA PRO E 188 1.47 4.36 5.95
C PRO E 188 0.62 3.10 5.93
N GLU E 189 0.79 2.20 6.89
CA GLU E 189 -0.05 1.01 6.99
C GLU E 189 -1.28 1.22 7.86
N GLY E 190 -1.39 2.37 8.52
CA GLY E 190 -2.55 2.68 9.34
C GLY E 190 -2.39 2.41 10.82
N TYR E 191 -1.20 1.98 11.26
CA TYR E 191 -0.95 1.67 12.66
C TYR E 191 -0.36 2.86 13.39
N VAL E 192 -0.62 2.94 14.69
CA VAL E 192 -0.12 4.03 15.52
C VAL E 192 1.40 4.02 15.49
N ALA E 193 1.99 5.20 15.29
CA ALA E 193 3.44 5.35 15.22
C ALA E 193 3.98 6.16 16.39
N GLU E 194 3.54 7.40 16.54
CA GLU E 194 4.14 8.31 17.51
C GLU E 194 3.27 9.56 17.57
N GLY E 195 3.66 10.50 18.42
CA GLY E 195 3.12 11.84 18.37
C GLY E 195 3.87 12.68 17.35
N SER E 196 3.50 13.96 17.29
CA SER E 196 4.16 14.86 16.35
C SER E 196 5.64 15.00 16.68
N GLY E 197 5.99 15.00 17.96
CA GLY E 197 7.39 15.09 18.36
C GLY E 197 7.73 14.16 19.52
N GLU E 198 6.85 13.22 19.82
CA GLU E 198 7.03 12.33 20.96
C GLU E 198 6.70 10.89 20.56
N ASN E 199 7.22 9.95 21.33
CA ASN E 199 6.83 8.55 21.24
C ASN E 199 5.62 8.30 22.12
N ILE E 200 4.82 7.30 21.74
CA ILE E 200 3.55 7.03 22.41
C ILE E 200 3.63 5.68 23.11
N PHE E 201 2.97 5.58 24.26
CA PHE E 201 2.86 4.36 25.04
C PHE E 201 1.43 4.20 25.51
N ILE E 202 0.99 2.95 25.64
CA ILE E 202 -0.31 2.64 26.22
C ILE E 202 -0.13 1.55 27.27
N ILE E 203 -1.06 1.51 28.22
CA ILE E 203 -1.06 0.52 29.29
C ILE E 203 -2.41 -0.18 29.29
N LYS E 204 -2.38 -1.51 29.24
CA LYS E 204 -3.58 -2.33 29.31
C LYS E 204 -3.31 -3.49 30.26
N ASP E 205 -4.10 -3.56 31.34
CA ASP E 205 -3.98 -4.62 32.34
C ASP E 205 -2.57 -4.69 32.91
N GLY E 206 -2.02 -3.52 33.22
CA GLY E 206 -0.71 -3.42 33.82
C GLY E 206 0.45 -3.70 32.89
N VAL E 207 0.19 -3.96 31.61
CA VAL E 207 1.24 -4.20 30.62
C VAL E 207 1.40 -2.95 29.78
N ILE E 208 2.64 -2.52 29.58
CA ILE E 208 2.95 -1.35 28.78
C ILE E 208 3.17 -1.77 27.34
N TYR E 209 2.58 -1.05 26.40
CA TYR E 209 2.73 -1.33 24.99
C TYR E 209 3.16 -0.07 24.26
N THR E 210 4.04 -0.24 23.28
CA THR E 210 4.54 0.89 22.49
C THR E 210 4.81 0.39 21.07
N PRO E 211 4.64 1.24 20.07
CA PRO E 211 4.91 0.80 18.69
C PRO E 211 6.36 0.40 18.50
N GLU E 212 6.57 -0.57 17.61
CA GLU E 212 7.92 -0.97 17.26
C GLU E 212 8.63 0.18 16.57
N VAL E 213 9.93 0.32 16.85
CA VAL E 213 10.72 1.36 16.20
C VAL E 213 10.79 1.06 14.71
N THR E 214 9.75 1.49 13.99
CA THR E 214 9.65 1.24 12.56
C THR E 214 9.60 2.55 11.79
N ALA E 215 8.42 3.18 11.74
CA ALA E 215 8.26 4.49 11.14
C ALA E 215 8.42 5.61 12.15
N CYS E 216 8.62 5.29 13.43
CA CYS E 216 8.77 6.29 14.47
C CYS E 216 10.26 6.46 14.83
N LEU E 217 10.56 7.59 15.45
CA LEU E 217 11.93 7.88 15.86
C LEU E 217 12.30 7.07 17.10
N ASN E 218 13.48 6.47 17.08
CA ASN E 218 14.00 5.77 18.26
C ASN E 218 14.32 6.78 19.36
N GLY E 219 13.31 7.14 20.13
CA GLY E 219 13.47 8.20 21.11
C GLY E 219 14.37 7.79 22.27
N ILE E 220 15.19 8.75 22.72
CA ILE E 220 16.04 8.51 23.88
C ILE E 220 15.22 8.51 25.17
N THR E 221 14.22 9.39 25.25
CA THR E 221 13.28 9.32 26.36
C THR E 221 12.49 8.02 26.32
N ARG E 222 12.15 7.56 25.10
CA ARG E 222 11.52 6.25 24.94
C ARG E 222 12.39 5.15 25.53
N ASN E 223 13.64 5.04 25.05
CA ASN E 223 14.55 4.03 25.55
C ASN E 223 14.78 4.17 27.05
N THR E 224 14.79 5.39 27.56
CA THR E 224 14.92 5.60 29.00
C THR E 224 13.72 5.04 29.76
N ILE E 225 12.52 5.24 29.23
CA ILE E 225 11.33 4.69 29.88
C ILE E 225 11.34 3.17 29.85
N LEU E 226 11.90 2.58 28.79
CA LEU E 226 12.03 1.12 28.76
C LEU E 226 12.89 0.63 29.92
N THR E 227 13.95 1.36 30.25
CA THR E 227 14.79 0.97 31.38
C THR E 227 14.05 1.16 32.71
N LEU E 228 13.35 2.30 32.86
CA LEU E 228 12.65 2.55 34.11
C LEU E 228 11.47 1.60 34.30
N ALA E 229 10.78 1.26 33.21
CA ALA E 229 9.67 0.32 33.31
C ALA E 229 10.14 -1.07 33.73
N ALA E 230 11.34 -1.47 33.30
CA ALA E 230 11.89 -2.75 33.72
C ALA E 230 12.30 -2.70 35.18
N GLU E 231 12.91 -1.60 35.61
CA GLU E 231 13.36 -1.48 36.99
C GLU E 231 12.18 -1.45 37.97
N HIS E 232 11.01 -1.01 37.53
CA HIS E 232 9.82 -0.98 38.37
C HIS E 232 8.91 -2.18 38.15
N GLY E 233 9.39 -3.21 37.46
CA GLY E 233 8.65 -4.45 37.34
C GLY E 233 7.44 -4.41 36.43
N PHE E 234 7.52 -3.64 35.35
CA PHE E 234 6.42 -3.54 34.39
C PHE E 234 6.78 -4.32 33.14
N LYS E 235 5.93 -5.29 32.79
CA LYS E 235 6.09 -6.01 31.54
C LYS E 235 5.80 -5.08 30.38
N LEU E 236 6.74 -4.97 29.45
CA LEU E 236 6.62 -4.07 28.31
C LEU E 236 6.73 -4.88 27.03
N VAL E 237 5.81 -4.62 26.10
CA VAL E 237 5.75 -5.34 24.83
C VAL E 237 5.75 -4.33 23.69
N GLU E 238 6.65 -4.53 22.72
CA GLU E 238 6.71 -3.71 21.52
C GLU E 238 5.96 -4.44 20.41
N LYS E 239 4.87 -3.85 19.94
CA LYS E 239 4.07 -4.47 18.91
C LYS E 239 3.33 -3.39 18.13
N ARG E 240 2.68 -3.80 17.04
CA ARG E 240 1.88 -2.89 16.25
C ARG E 240 0.59 -2.56 17.00
N ILE E 241 0.22 -1.29 17.01
CA ILE E 241 -0.90 -0.79 17.80
C ILE E 241 -1.83 -0.04 16.86
N THR E 242 -3.12 -0.33 16.96
CA THR E 242 -4.11 0.38 16.17
C THR E 242 -4.69 1.54 16.97
N ARG E 243 -5.33 2.46 16.25
CA ARG E 243 -5.87 3.64 16.91
C ARG E 243 -6.97 3.27 17.90
N ASP E 244 -7.81 2.29 17.57
CA ASP E 244 -8.88 1.91 18.48
C ASP E 244 -8.38 1.09 19.66
N GLU E 245 -7.22 0.44 19.52
CA GLU E 245 -6.56 -0.14 20.68
C GLU E 245 -6.17 0.94 21.68
N VAL E 246 -5.75 2.11 21.17
CA VAL E 246 -5.45 3.23 22.06
C VAL E 246 -6.73 3.71 22.74
N TYR E 247 -7.88 3.62 22.07
CA TYR E 247 -9.13 4.11 22.65
C TYR E 247 -9.50 3.34 23.90
N ILE E 248 -9.26 2.03 23.92
CA ILE E 248 -9.69 1.17 25.02
C ILE E 248 -8.55 0.84 25.97
N ALA E 249 -7.41 1.50 25.84
CA ALA E 249 -6.32 1.30 26.78
C ALA E 249 -6.70 1.87 28.15
N ASP E 250 -6.03 1.35 29.19
CA ASP E 250 -6.24 1.86 30.53
C ASP E 250 -5.50 3.18 30.75
N GLU E 251 -4.33 3.31 30.14
CA GLU E 251 -3.52 4.53 30.25
C GLU E 251 -2.81 4.77 28.93
N ALA E 252 -2.30 5.99 28.78
CA ALA E 252 -1.47 6.34 27.63
C ALA E 252 -0.70 7.61 27.95
N PHE E 253 0.51 7.71 27.40
CA PHE E 253 1.33 8.88 27.62
C PHE E 253 2.33 9.05 26.48
N PHE E 254 2.88 10.25 26.38
CA PHE E 254 3.90 10.60 25.41
C PHE E 254 5.26 10.71 26.09
N THR E 255 6.32 10.43 25.32
CA THR E 255 7.69 10.55 25.81
C THR E 255 8.50 11.39 24.84
N GLY E 256 9.30 12.30 25.37
CA GLY E 256 10.20 13.10 24.57
C GLY E 256 11.07 13.94 25.46
N THR E 257 12.15 14.46 24.89
CA THR E 257 13.05 15.28 25.68
C THR E 257 12.36 16.54 26.19
N ALA E 258 11.57 17.19 25.32
CA ALA E 258 10.80 18.36 25.75
C ALA E 258 9.55 17.94 26.51
N ALA E 259 8.83 16.94 26.01
CA ALA E 259 7.58 16.51 26.63
C ALA E 259 7.78 15.71 27.90
N GLU E 260 9.00 15.24 28.18
CA GLU E 260 9.27 14.35 29.30
C GLU E 260 8.29 13.18 29.29
N VAL E 261 7.47 13.06 30.33
CA VAL E 261 6.40 12.07 30.37
C VAL E 261 5.09 12.84 30.49
N THR E 262 4.34 12.93 29.39
CA THR E 262 3.09 13.68 29.35
C THR E 262 1.92 12.71 29.23
N PRO E 263 1.04 12.63 30.22
CA PRO E 263 -0.10 11.72 30.11
C PRO E 263 -1.08 12.14 29.03
N ILE E 264 -1.81 11.16 28.52
CA ILE E 264 -2.85 11.36 27.51
C ILE E 264 -4.18 10.99 28.14
N ARG E 265 -5.07 11.96 28.29
CA ARG E 265 -6.36 11.70 28.92
C ARG E 265 -7.48 11.45 27.93
N GLU E 266 -7.29 11.77 26.65
CA GLU E 266 -8.35 11.63 25.66
C GLU E 266 -7.74 11.57 24.27
N VAL E 267 -8.30 10.71 23.42
CA VAL E 267 -7.88 10.61 22.02
C VAL E 267 -9.14 10.57 21.15
N ASP E 268 -9.25 11.50 20.21
CA ASP E 268 -10.39 11.57 19.29
C ASP E 268 -11.72 11.59 20.01
N GLY E 269 -11.77 12.27 21.16
CA GLY E 269 -12.96 12.32 21.97
C GLY E 269 -13.18 11.12 22.86
N ARG E 270 -12.50 10.00 22.62
CA ARG E 270 -12.60 8.83 23.49
C ARG E 270 -11.71 9.04 24.71
N LYS E 271 -12.32 9.03 25.88
CA LYS E 271 -11.55 9.13 27.11
C LYS E 271 -10.66 7.91 27.27
N ILE E 272 -9.44 8.13 27.76
CA ILE E 272 -8.48 7.04 27.97
C ILE E 272 -8.62 6.59 29.41
N GLY E 273 -9.19 5.41 29.61
CA GLY E 273 -9.39 4.91 30.96
C GLY E 273 -10.25 5.85 31.76
N ALA E 274 -9.69 6.37 32.86
CA ALA E 274 -10.38 7.32 33.71
C ALA E 274 -10.20 8.76 33.25
N GLY E 275 -9.71 8.98 32.03
CA GLY E 275 -9.49 10.32 31.53
C GLY E 275 -8.50 11.13 32.34
N ARG E 276 -7.54 10.44 32.96
CA ARG E 276 -6.68 11.04 33.97
C ARG E 276 -5.38 10.24 34.00
N ARG E 277 -4.32 10.89 34.46
CA ARG E 277 -3.03 10.23 34.61
C ARG E 277 -3.17 8.97 35.47
N GLY E 278 -3.05 7.80 34.85
CA GLY E 278 -3.24 6.56 35.55
C GLY E 278 -2.05 6.22 36.43
N PRO E 279 -2.17 5.12 37.18
CA PRO E 279 -1.12 4.78 38.15
C PRO E 279 0.23 4.51 37.53
N VAL E 280 0.28 3.70 36.46
CA VAL E 280 1.55 3.34 35.85
C VAL E 280 2.23 4.57 35.26
N THR E 281 1.45 5.46 34.63
CA THR E 281 2.03 6.67 34.06
C THR E 281 2.62 7.57 35.14
N GLU E 282 1.91 7.73 36.26
CA GLU E 282 2.41 8.59 37.33
C GLU E 282 3.69 8.04 37.94
N LYS E 283 3.74 6.73 38.18
CA LYS E 283 4.95 6.13 38.73
C LYS E 283 6.13 6.28 37.77
N LEU E 284 5.89 6.07 36.47
CA LEU E 284 6.96 6.26 35.50
C LEU E 284 7.32 7.73 35.34
N GLN E 285 6.34 8.62 35.45
CA GLN E 285 6.61 10.05 35.33
C GLN E 285 7.47 10.53 36.49
N LYS E 286 7.11 10.16 37.73
CA LYS E 286 7.92 10.53 38.88
C LYS E 286 9.31 9.89 38.79
N ALA E 287 9.38 8.65 38.31
CA ALA E 287 10.67 7.97 38.19
C ALA E 287 11.57 8.66 37.15
N TYR E 288 10.97 9.21 36.09
CA TYR E 288 11.77 9.89 35.08
C TYR E 288 12.23 11.27 35.57
N PHE E 289 11.34 11.99 36.27
CA PHE E 289 11.72 13.28 36.81
C PHE E 289 12.77 13.15 37.91
N ASP E 290 12.63 12.13 38.76
CA ASP E 290 13.66 11.88 39.77
C ASP E 290 14.98 11.48 39.13
N LEU E 291 14.94 10.86 37.96
CA LEU E 291 16.16 10.45 37.28
C LEU E 291 16.89 11.65 36.66
N VAL E 292 16.16 12.55 36.00
CA VAL E 292 16.81 13.64 35.30
C VAL E 292 17.28 14.73 36.27
N SER E 293 16.56 14.94 37.36
CA SER E 293 16.93 15.96 38.34
C SER E 293 17.86 15.42 39.41
N GLY E 294 18.32 14.19 39.29
CA GLY E 294 19.23 13.62 40.27
C GLY E 294 18.61 13.35 41.62
N LYS E 295 17.29 13.37 41.75
CA LYS E 295 16.66 13.03 43.01
C LYS E 295 16.91 11.58 43.40
N THR E 296 17.04 10.70 42.41
CA THR E 296 17.40 9.32 42.66
C THR E 296 18.91 9.21 42.81
N GLU E 297 19.44 7.99 42.73
CA GLU E 297 20.86 7.76 42.92
C GLU E 297 21.51 7.10 41.71
N ALA E 298 20.87 6.08 41.14
CA ALA E 298 21.50 5.29 40.09
C ALA E 298 21.53 6.07 38.78
N HIS E 299 22.16 5.46 37.77
CA HIS E 299 22.29 6.03 36.43
C HIS E 299 22.98 7.39 36.47
N ALA E 300 23.99 7.52 37.33
CA ALA E 300 24.80 8.74 37.36
C ALA E 300 25.55 8.94 36.05
N GLU E 301 25.80 7.88 35.30
CA GLU E 301 26.44 8.00 33.99
C GLU E 301 25.56 8.72 32.98
N TRP E 302 24.28 8.91 33.28
CA TRP E 302 23.37 9.62 32.40
C TRP E 302 23.24 11.10 32.76
N ARG E 303 24.02 11.59 33.72
CA ARG E 303 23.99 12.99 34.13
C ARG E 303 25.42 13.52 34.13
N THR E 304 25.75 14.30 33.09
CA THR E 304 27.08 14.87 32.94
C THR E 304 27.09 16.29 33.49
N LEU E 305 27.95 16.54 34.47
CA LEU E 305 28.07 17.88 35.04
C LEU E 305 28.56 18.87 33.99
N VAL E 306 28.02 20.08 34.04
CA VAL E 306 28.30 21.08 33.02
C VAL E 306 29.49 21.96 33.39
N LYS E 307 29.64 22.29 34.67
CA LYS E 307 30.74 23.14 35.11
C LYS E 307 32.06 22.38 35.13
N MET F 1 35.70 30.27 -2.68
CA MET F 1 34.47 30.13 -3.45
C MET F 1 33.28 29.82 -2.55
N SER F 2 32.20 30.60 -2.72
CA SER F 2 31.02 30.47 -1.89
C SER F 2 29.85 31.16 -2.59
N MET F 3 28.65 30.64 -2.33
CA MET F 3 27.43 31.27 -2.85
C MET F 3 27.08 32.54 -2.09
N ALA F 4 27.67 32.76 -0.92
CA ALA F 4 27.39 33.96 -0.15
C ALA F 4 28.29 35.13 -0.53
N ASP F 5 29.51 34.88 -0.95
CA ASP F 5 30.49 35.92 -1.25
C ASP F 5 30.45 36.23 -2.74
N ARG F 6 29.70 37.27 -3.11
CA ARG F 6 29.65 37.77 -4.47
C ARG F 6 28.95 39.13 -4.45
N ASP F 7 29.17 39.89 -5.51
CA ASP F 7 28.64 41.24 -5.59
C ASP F 7 27.20 41.23 -6.08
N GLY F 8 26.45 42.27 -5.69
CA GLY F 8 25.09 42.45 -6.13
C GLY F 8 24.16 42.69 -4.97
N VAL F 9 22.87 42.70 -5.27
CA VAL F 9 21.83 42.94 -4.27
C VAL F 9 20.87 41.77 -4.27
N ILE F 10 20.22 41.59 -3.12
CA ILE F 10 19.19 40.56 -2.93
C ILE F 10 17.96 41.23 -2.37
N TRP F 11 16.80 40.99 -3.00
CA TRP F 11 15.54 41.49 -2.48
C TRP F 11 15.21 40.75 -1.19
N TYR F 12 15.18 41.48 -0.08
CA TYR F 12 15.03 40.89 1.25
C TYR F 12 14.02 41.75 2.02
N ASP F 13 12.81 41.22 2.20
CA ASP F 13 11.77 41.86 2.98
C ASP F 13 11.49 43.29 2.50
N GLY F 14 11.21 43.41 1.22
CA GLY F 14 10.78 44.67 0.63
C GLY F 14 11.89 45.59 0.17
N GLU F 15 13.11 45.41 0.66
CA GLU F 15 14.22 46.31 0.35
C GLU F 15 15.33 45.56 -0.36
N LEU F 16 16.10 46.29 -1.14
CA LEU F 16 17.26 45.75 -1.87
C LEU F 16 18.49 45.92 -1.00
N VAL F 17 18.97 44.82 -0.41
CA VAL F 17 20.14 44.85 0.44
C VAL F 17 21.30 44.21 -0.30
N GLN F 18 22.51 44.59 0.09
CA GLN F 18 23.71 44.03 -0.52
C GLN F 18 23.75 42.52 -0.33
N TRP F 19 24.46 41.84 -1.24
CA TRP F 19 24.44 40.39 -1.28
C TRP F 19 24.98 39.78 0.02
N ARG F 20 26.15 40.23 0.46
CA ARG F 20 26.75 39.66 1.66
C ARG F 20 26.03 40.07 2.94
N ASP F 21 25.15 41.07 2.88
CA ASP F 21 24.37 41.45 4.05
C ASP F 21 23.10 40.61 4.19
N ALA F 22 22.68 39.92 3.14
CA ALA F 22 21.47 39.10 3.17
C ALA F 22 21.76 37.82 3.97
N THR F 23 21.63 37.94 5.28
CA THR F 23 21.86 36.85 6.21
C THR F 23 20.61 36.63 7.05
N THR F 24 20.61 35.50 7.77
CA THR F 24 19.58 35.20 8.75
C THR F 24 20.25 34.51 9.92
N HIS F 25 19.59 34.55 11.08
CA HIS F 25 20.17 33.96 12.27
C HIS F 25 20.23 32.45 12.16
N VAL F 26 21.21 31.85 12.85
CA VAL F 26 21.40 30.41 12.78
C VAL F 26 20.23 29.65 13.38
N LEU F 27 19.45 30.28 14.28
CA LEU F 27 18.25 29.66 14.82
C LEU F 27 17.00 30.01 14.02
N THR F 28 17.15 30.18 12.71
CA THR F 28 16.00 30.41 11.84
C THR F 28 15.13 29.16 11.79
N HIS F 29 13.82 29.36 11.91
CA HIS F 29 12.91 28.22 12.06
C HIS F 29 12.94 27.30 10.84
N THR F 30 12.84 27.88 9.64
CA THR F 30 12.90 27.06 8.43
C THR F 30 14.22 26.32 8.33
N HIS F 31 15.31 26.93 8.80
CA HIS F 31 16.61 26.29 8.79
C HIS F 31 16.60 24.97 9.56
N HIS F 32 15.77 24.88 10.61
CA HIS F 32 15.79 23.74 11.51
C HIS F 32 14.66 22.74 11.27
N TYR F 33 13.55 23.17 10.68
CA TYR F 33 12.37 22.32 10.59
C TYR F 33 11.81 22.15 9.19
N GLY F 34 12.29 22.88 8.20
CA GLY F 34 11.95 22.63 6.81
C GLY F 34 10.76 23.37 6.27
N MET F 35 9.95 24.01 7.12
CA MET F 35 8.74 24.69 6.67
C MET F 35 9.13 25.94 5.88
N GLY F 36 9.14 25.82 4.56
CA GLY F 36 9.35 26.95 3.69
C GLY F 36 8.96 26.56 2.28
N VAL F 37 8.79 27.58 1.43
CA VAL F 37 8.45 27.37 0.04
C VAL F 37 9.38 28.22 -0.82
N PHE F 38 9.75 27.71 -1.99
CA PHE F 38 10.68 28.39 -2.88
C PHE F 38 10.28 28.14 -4.32
N GLU F 39 10.90 28.91 -5.22
CA GLU F 39 10.69 28.78 -6.65
C GLU F 39 12.02 28.73 -7.37
N GLY F 40 11.98 28.23 -8.60
CA GLY F 40 13.11 28.26 -9.50
C GLY F 40 12.71 28.92 -10.80
N VAL F 41 13.26 30.11 -11.06
CA VAL F 41 12.89 30.91 -12.22
C VAL F 41 14.15 31.26 -13.00
N ARG F 42 14.03 31.30 -14.32
CA ARG F 42 15.15 31.62 -15.20
C ARG F 42 14.86 32.90 -15.98
N ALA F 43 15.90 33.70 -16.19
CA ALA F 43 15.84 34.86 -17.08
C ALA F 43 16.77 34.60 -18.26
N TYR F 44 16.28 34.86 -19.47
CA TYR F 44 17.02 34.57 -20.68
C TYR F 44 17.31 35.85 -21.46
N ASP F 45 18.46 35.87 -22.12
CA ASP F 45 18.80 36.96 -23.01
C ASP F 45 18.05 36.79 -24.33
N THR F 46 17.18 37.75 -24.64
CA THR F 46 16.39 37.74 -25.86
C THR F 46 16.76 38.94 -26.73
N PRO F 47 16.39 38.93 -28.01
CA PRO F 47 16.59 40.13 -28.83
C PRO F 47 15.90 41.36 -28.27
N GLN F 48 14.85 41.19 -27.47
CA GLN F 48 14.16 42.30 -26.83
C GLN F 48 14.79 42.69 -25.49
N GLY F 49 15.84 42.00 -25.07
CA GLY F 49 16.45 42.21 -23.77
C GLY F 49 16.22 41.01 -22.86
N THR F 50 16.72 41.15 -21.63
CA THR F 50 16.61 40.07 -20.64
C THR F 50 15.15 39.87 -20.24
N ALA F 51 14.64 38.65 -20.42
CA ALA F 51 13.25 38.34 -20.16
C ALA F 51 13.14 37.13 -19.24
N ILE F 52 12.24 37.22 -18.28
CA ILE F 52 11.94 36.12 -17.37
C ILE F 52 10.84 35.27 -18.00
N PHE F 53 11.03 33.95 -17.97
CA PHE F 53 10.09 33.03 -18.61
C PHE F 53 8.98 32.65 -17.64
N ARG F 54 7.75 33.02 -17.97
CA ARG F 54 6.54 32.67 -17.21
C ARG F 54 6.67 33.09 -15.74
N LEU F 55 6.97 34.37 -15.54
CA LEU F 55 7.11 34.91 -14.20
C LEU F 55 5.82 34.74 -13.40
N GLN F 56 4.67 35.01 -14.02
CA GLN F 56 3.40 34.95 -13.30
C GLN F 56 3.11 33.53 -12.83
N ALA F 57 3.44 32.52 -13.64
CA ALA F 57 3.20 31.15 -13.24
C ALA F 57 4.06 30.76 -12.04
N HIS F 58 5.31 31.22 -12.00
CA HIS F 58 6.16 30.89 -10.86
C HIS F 58 5.73 31.65 -9.61
N THR F 59 5.31 32.91 -9.76
CA THR F 59 4.82 33.65 -8.61
C THR F 59 3.53 33.04 -8.08
N ASP F 60 2.62 32.65 -8.96
CA ASP F 60 1.38 32.01 -8.53
C ASP F 60 1.65 30.71 -7.79
N ARG F 61 2.61 29.93 -8.28
CA ARG F 61 2.94 28.68 -7.60
C ARG F 61 3.57 28.94 -6.24
N LEU F 62 4.38 29.99 -6.14
CA LEU F 62 4.93 30.37 -4.84
C LEU F 62 3.82 30.66 -3.83
N PHE F 63 2.85 31.48 -4.23
CA PHE F 63 1.72 31.78 -3.34
C PHE F 63 0.90 30.53 -3.07
N ASP F 64 0.74 29.66 -4.08
CA ASP F 64 0.02 28.41 -3.86
C ASP F 64 0.77 27.51 -2.87
N SER F 65 2.09 27.42 -3.00
CA SER F 65 2.86 26.59 -2.07
C SER F 65 2.79 27.15 -0.65
N ALA F 66 2.87 28.47 -0.52
CA ALA F 66 2.77 29.09 0.80
C ALA F 66 1.37 28.92 1.39
N HIS F 67 0.34 29.03 0.54
CA HIS F 67 -1.02 28.80 1.01
C HIS F 67 -1.21 27.39 1.51
N ILE F 68 -0.53 26.42 0.89
CA ILE F 68 -0.63 25.03 1.34
C ILE F 68 -0.03 24.87 2.74
N MET F 69 1.09 25.54 3.00
CA MET F 69 1.79 25.45 4.26
C MET F 69 1.28 26.45 5.30
N ASN F 70 0.18 27.15 5.01
CA ASN F 70 -0.41 28.13 5.93
C ASN F 70 0.57 29.27 6.23
N MET F 71 1.38 29.64 5.25
CA MET F 71 2.32 30.74 5.37
C MET F 71 1.76 31.95 4.63
N GLN F 72 1.59 33.05 5.35
CA GLN F 72 1.08 34.29 4.78
C GLN F 72 2.26 35.12 4.27
N ILE F 73 2.37 35.26 2.95
CA ILE F 73 3.39 36.10 2.35
C ILE F 73 2.99 37.56 2.56
N PRO F 74 3.84 38.38 3.18
CA PRO F 74 3.44 39.77 3.49
C PRO F 74 3.41 40.68 2.28
N TYR F 75 3.22 40.11 1.09
CA TYR F 75 3.21 40.89 -0.14
C TYR F 75 2.19 40.30 -1.10
N SER F 76 1.77 41.12 -2.05
CA SER F 76 0.86 40.69 -3.10
C SER F 76 1.65 40.08 -4.26
N ARG F 77 0.91 39.45 -5.18
CA ARG F 77 1.54 38.85 -6.34
C ARG F 77 2.20 39.90 -7.23
N ASP F 78 1.60 41.09 -7.34
CA ASP F 78 2.21 42.15 -8.14
C ASP F 78 3.57 42.54 -7.60
N GLU F 79 3.67 42.73 -6.29
CA GLU F 79 4.95 43.11 -5.69
C GLU F 79 6.00 42.02 -5.89
N ILE F 80 5.60 40.75 -5.71
CA ILE F 80 6.53 39.65 -5.91
C ILE F 80 6.94 39.56 -7.38
N ASN F 81 6.00 39.76 -8.29
CA ASN F 81 6.36 39.84 -9.70
C ASN F 81 7.33 40.98 -9.96
N GLU F 82 7.05 42.16 -9.38
CA GLU F 82 7.95 43.29 -9.56
C GLU F 82 9.29 43.05 -8.87
N ALA F 83 9.26 42.44 -7.69
CA ALA F 83 10.50 42.16 -6.96
C ALA F 83 11.34 41.11 -7.65
N THR F 84 10.72 40.18 -8.36
CA THR F 84 11.49 39.19 -9.10
C THR F 84 12.17 39.81 -10.32
N ARG F 85 11.46 40.72 -11.00
CA ARG F 85 12.11 41.51 -12.04
C ARG F 85 13.25 42.34 -11.47
N ALA F 86 13.01 42.99 -10.33
CA ALA F 86 14.04 43.83 -9.72
C ALA F 86 15.27 43.02 -9.34
N ALA F 87 15.08 41.76 -8.94
CA ALA F 87 16.23 40.93 -8.57
C ALA F 87 17.19 40.71 -9.74
N VAL F 88 16.68 40.76 -10.96
CA VAL F 88 17.52 40.61 -12.14
C VAL F 88 17.96 41.97 -12.68
N ARG F 89 17.06 42.95 -12.64
CA ARG F 89 17.37 44.26 -13.20
C ARG F 89 18.41 44.99 -12.35
N GLU F 90 18.23 44.98 -11.03
CA GLU F 90 19.13 45.69 -10.14
C GLU F 90 20.49 45.03 -9.99
N ASN F 91 20.71 43.88 -10.63
CA ASN F 91 22.02 43.25 -10.71
C ASN F 91 22.64 43.35 -12.09
N ASN F 92 21.94 43.95 -13.05
CA ASN F 92 22.43 44.10 -14.43
C ASN F 92 22.76 42.75 -15.05
N LEU F 93 21.91 41.76 -14.80
CA LEU F 93 22.15 40.40 -15.29
C LEU F 93 21.55 40.24 -16.68
N GLU F 94 22.36 39.70 -17.60
CA GLU F 94 21.88 39.42 -18.95
C GLU F 94 21.06 38.15 -19.00
N SER F 95 21.41 37.17 -18.16
CA SER F 95 20.65 35.93 -18.00
C SER F 95 20.93 35.42 -16.60
N ALA F 96 19.91 34.88 -15.94
CA ALA F 96 20.06 34.53 -14.53
C ALA F 96 19.13 33.39 -14.14
N TYR F 97 19.52 32.70 -13.07
CA TYR F 97 18.64 31.84 -12.31
C TYR F 97 18.15 32.62 -11.10
N ILE F 98 16.86 32.49 -10.78
CA ILE F 98 16.21 33.29 -9.75
C ILE F 98 15.63 32.35 -8.71
N ARG F 99 15.89 32.66 -7.44
CA ARG F 99 15.48 31.83 -6.30
C ARG F 99 14.60 32.67 -5.37
N PRO F 100 13.31 32.79 -5.67
CA PRO F 100 12.38 33.33 -4.67
C PRO F 100 12.13 32.28 -3.60
N MET F 101 12.27 32.68 -2.33
CA MET F 101 12.14 31.74 -1.23
C MET F 101 11.42 32.40 -0.07
N VAL F 102 10.41 31.72 0.46
CA VAL F 102 9.60 32.20 1.58
C VAL F 102 9.88 31.31 2.77
N PHE F 103 10.29 31.89 3.89
CA PHE F 103 10.68 31.11 5.05
C PHE F 103 10.21 31.78 6.33
N TYR F 104 10.17 30.97 7.39
CA TYR F 104 9.88 31.46 8.73
C TYR F 104 11.15 31.98 9.38
N GLY F 105 11.03 33.09 10.09
CA GLY F 105 12.18 33.73 10.72
C GLY F 105 12.57 33.06 12.02
N SER F 106 13.53 33.70 12.70
CA SER F 106 14.07 33.18 13.96
C SER F 106 13.36 33.77 15.16
N GLU F 107 12.03 33.66 15.18
CA GLU F 107 11.24 34.22 16.28
C GLU F 107 11.07 33.21 17.41
N GLY F 108 10.74 31.96 17.07
CA GLY F 108 10.57 30.92 18.06
C GLY F 108 11.24 29.63 17.60
N MET F 109 11.39 28.71 18.55
CA MET F 109 12.04 27.43 18.28
C MET F 109 11.09 26.25 18.43
N GLY F 110 9.79 26.50 18.57
CA GLY F 110 8.82 25.42 18.68
C GLY F 110 8.24 25.02 17.34
N LEU F 111 7.49 23.91 17.35
CA LEU F 111 6.85 23.43 16.14
C LEU F 111 5.56 24.17 15.81
N ARG F 112 5.06 25.01 16.71
CA ARG F 112 3.85 25.78 16.44
C ARG F 112 4.18 26.97 15.56
N ALA F 113 3.38 27.17 14.50
CA ALA F 113 3.69 28.23 13.54
C ALA F 113 3.35 29.62 14.07
N SER F 114 2.58 29.72 15.15
CA SER F 114 2.20 31.02 15.69
C SER F 114 3.43 31.74 16.25
N GLY F 115 3.47 33.05 16.05
CA GLY F 115 4.58 33.87 16.49
C GLY F 115 5.72 33.97 15.49
N LEU F 116 5.79 33.07 14.52
CA LEU F 116 6.87 33.08 13.54
C LEU F 116 6.57 34.12 12.46
N LYS F 117 7.56 34.96 12.17
CA LYS F 117 7.43 35.98 11.14
C LYS F 117 7.82 35.41 9.79
N VAL F 118 7.03 35.74 8.77
CA VAL F 118 7.27 35.25 7.42
C VAL F 118 8.22 36.19 6.71
N HIS F 119 9.35 35.67 6.24
CA HIS F 119 10.32 36.42 5.48
C HIS F 119 10.35 35.93 4.04
N VAL F 120 10.65 36.84 3.12
CA VAL F 120 10.71 36.55 1.69
C VAL F 120 12.02 37.07 1.13
N ILE F 121 12.73 36.23 0.39
CA ILE F 121 13.94 36.64 -0.31
C ILE F 121 13.82 36.25 -1.77
N ILE F 122 14.50 37.01 -2.62
CA ILE F 122 14.60 36.72 -4.05
C ILE F 122 16.03 37.00 -4.46
N ALA F 123 16.76 35.94 -4.80
CA ALA F 123 18.16 36.05 -5.23
C ALA F 123 18.28 35.63 -6.69
N ALA F 124 18.99 36.42 -7.48
CA ALA F 124 19.22 36.15 -8.88
C ALA F 124 20.70 36.24 -9.19
N TRP F 125 21.20 35.28 -9.98
CA TRP F 125 22.61 35.23 -10.32
C TRP F 125 22.77 34.50 -11.66
N SER F 126 23.87 34.80 -12.34
CA SER F 126 24.14 34.18 -13.64
C SER F 126 24.46 32.69 -13.49
N GLU F 134 26.80 18.70 -23.40
CA GLU F 134 26.51 17.37 -23.94
C GLU F 134 25.27 16.77 -23.30
N ALA F 135 24.91 17.29 -22.12
CA ALA F 135 23.70 16.84 -21.45
C ALA F 135 22.46 17.14 -22.29
N LEU F 136 22.40 18.34 -22.87
CA LEU F 136 21.32 18.70 -23.77
C LEU F 136 21.52 18.15 -25.18
N GLN F 137 22.71 17.62 -25.47
CA GLN F 137 23.06 17.19 -26.82
C GLN F 137 22.88 15.69 -27.02
N GLN F 138 23.76 14.88 -26.43
CA GLN F 138 23.73 13.44 -26.68
C GLN F 138 22.72 12.72 -25.80
N GLY F 139 22.61 13.12 -24.54
CA GLY F 139 21.72 12.45 -23.60
C GLY F 139 22.50 12.03 -22.36
N ILE F 140 21.79 11.90 -21.25
CA ILE F 140 22.40 11.60 -19.97
C ILE F 140 22.11 10.15 -19.60
N LYS F 141 22.82 9.67 -18.58
CA LYS F 141 22.60 8.35 -18.02
C LYS F 141 21.71 8.46 -16.80
N VAL F 142 20.68 7.62 -16.73
CA VAL F 142 19.71 7.66 -15.64
C VAL F 142 19.67 6.30 -14.97
N ARG F 143 19.58 6.30 -13.64
CA ARG F 143 19.37 5.08 -12.86
C ARG F 143 18.17 5.30 -11.97
N THR F 144 17.27 4.31 -11.93
CA THR F 144 16.10 4.39 -11.07
C THR F 144 16.53 4.46 -9.61
N SER F 145 15.92 5.37 -8.86
CA SER F 145 16.25 5.53 -7.45
C SER F 145 15.69 4.37 -6.63
N SER F 146 16.47 3.93 -5.64
CA SER F 146 15.95 2.98 -4.66
C SER F 146 15.11 3.66 -3.59
N PHE F 147 15.25 4.98 -3.46
CA PHE F 147 14.36 5.74 -2.59
C PHE F 147 13.05 6.01 -3.30
N THR F 148 11.95 5.80 -2.58
CA THR F 148 10.62 6.04 -3.12
C THR F 148 10.31 7.53 -3.12
N ARG F 149 9.64 7.99 -4.18
CA ARG F 149 9.22 9.38 -4.27
C ARG F 149 8.13 9.68 -3.24
N HIS F 150 7.90 10.97 -3.02
CA HIS F 150 7.03 11.44 -1.95
C HIS F 150 5.62 10.86 -2.04
N HIS F 151 5.02 10.67 -0.86
CA HIS F 151 3.66 10.19 -0.75
C HIS F 151 2.72 11.39 -0.59
N VAL F 152 1.59 11.34 -1.29
CA VAL F 152 0.73 12.52 -1.47
C VAL F 152 -0.02 12.84 -0.18
N ASN F 153 0.11 11.99 0.84
CA ASN F 153 -0.48 12.27 2.15
C ASN F 153 0.56 12.35 3.26
N ILE F 154 1.84 12.35 2.91
CA ILE F 154 2.90 12.59 3.87
C ILE F 154 3.55 13.95 3.66
N SER F 155 3.87 14.28 2.42
CA SER F 155 4.34 15.60 2.06
C SER F 155 3.43 16.18 0.98
N MET F 156 3.25 17.49 1.02
CA MET F 156 2.33 18.16 0.10
C MET F 156 3.00 18.26 -1.26
N THR F 157 2.57 17.41 -2.19
CA THR F 157 3.27 17.27 -3.46
C THR F 157 3.01 18.43 -4.41
N ARG F 158 1.92 19.17 -4.24
CA ARG F 158 1.69 20.34 -5.08
C ARG F 158 2.45 21.56 -4.61
N ALA F 159 3.03 21.51 -3.41
CA ALA F 159 3.84 22.61 -2.88
C ALA F 159 5.31 22.33 -3.11
N LYS F 160 6.04 23.35 -3.56
CA LYS F 160 7.48 23.25 -3.75
C LYS F 160 8.15 23.71 -2.46
N SER F 161 8.20 22.79 -1.49
CA SER F 161 8.64 23.12 -0.14
C SER F 161 10.12 22.79 0.05
N ASN F 162 10.77 23.55 0.93
CA ASN F 162 12.20 23.43 1.15
C ASN F 162 12.56 22.05 1.71
N GLY F 163 12.00 21.70 2.87
CA GLY F 163 12.42 20.50 3.58
C GLY F 163 12.13 19.21 2.85
N ALA F 164 11.22 19.23 1.88
CA ALA F 164 10.85 18.02 1.15
C ALA F 164 11.90 17.60 0.13
N TYR F 165 12.98 18.37 -0.07
CA TYR F 165 13.96 18.07 -1.08
C TYR F 165 15.09 17.16 -0.59
N ILE F 166 15.01 16.68 0.65
CA ILE F 166 15.94 15.66 1.11
C ILE F 166 15.83 14.42 0.24
N ASN F 167 14.62 14.02 -0.09
CA ASN F 167 14.40 12.82 -0.90
C ASN F 167 15.04 12.97 -2.27
N SER F 168 14.92 14.15 -2.88
CA SER F 168 15.57 14.39 -4.17
C SER F 168 17.09 14.33 -4.04
N MET F 169 17.63 14.87 -2.95
CA MET F 169 19.07 14.87 -2.75
C MET F 169 19.60 13.46 -2.53
N LEU F 170 18.92 12.68 -1.70
CA LEU F 170 19.35 11.29 -1.49
C LEU F 170 19.35 10.52 -2.80
N ALA F 171 18.32 10.73 -3.63
CA ALA F 171 18.23 10.00 -4.89
C ALA F 171 19.29 10.46 -5.88
N LEU F 172 19.54 11.77 -5.94
CA LEU F 172 20.56 12.28 -6.85
C LEU F 172 21.94 11.77 -6.46
N GLN F 173 22.25 11.75 -5.17
CA GLN F 173 23.54 11.23 -4.73
C GLN F 173 23.67 9.75 -5.07
N GLU F 174 22.58 8.98 -4.95
CA GLU F 174 22.63 7.57 -5.31
C GLU F 174 22.88 7.40 -6.80
N ALA F 175 22.21 8.18 -7.65
CA ALA F 175 22.42 8.09 -9.08
C ALA F 175 23.86 8.45 -9.45
N ILE F 176 24.42 9.47 -8.80
CA ILE F 176 25.78 9.89 -9.11
C ILE F 176 26.79 8.85 -8.65
N SER F 177 26.62 8.32 -7.44
CA SER F 177 27.54 7.30 -6.95
C SER F 177 27.43 6.00 -7.73
N GLY F 178 26.35 5.80 -8.47
CA GLY F 178 26.17 4.65 -9.32
C GLY F 178 26.66 4.83 -10.75
N GLY F 179 27.30 5.94 -11.05
CA GLY F 179 27.80 6.21 -12.39
C GLY F 179 26.86 6.93 -13.31
N ALA F 180 25.70 7.35 -12.84
CA ALA F 180 24.70 8.00 -13.67
C ALA F 180 24.70 9.51 -13.45
N ASP F 181 23.89 10.20 -14.24
CA ASP F 181 23.75 11.65 -14.14
C ASP F 181 22.49 12.09 -13.42
N GLU F 182 21.44 11.27 -13.43
CA GLU F 182 20.17 11.65 -12.84
C GLU F 182 19.44 10.40 -12.39
N ALA F 183 18.54 10.57 -11.43
CA ALA F 183 17.72 9.49 -10.92
C ALA F 183 16.31 9.57 -11.49
N MET F 184 15.67 8.41 -11.62
CA MET F 184 14.26 8.33 -11.99
C MET F 184 13.48 7.88 -10.77
N MET F 185 12.52 8.70 -10.34
CA MET F 185 11.76 8.45 -9.12
C MET F 185 10.51 7.65 -9.41
N LEU F 186 10.24 6.66 -8.56
CA LEU F 186 9.00 5.90 -8.59
C LEU F 186 8.11 6.31 -7.41
N ASP F 187 6.81 6.42 -7.66
CA ASP F 187 5.87 6.79 -6.61
C ASP F 187 5.68 5.61 -5.66
N PRO F 188 4.97 5.80 -4.55
CA PRO F 188 4.76 4.67 -3.62
C PRO F 188 4.06 3.47 -4.25
N GLU F 189 3.40 3.64 -5.39
CA GLU F 189 2.74 2.54 -6.09
C GLU F 189 3.65 1.84 -7.09
N GLY F 190 4.88 2.32 -7.27
CA GLY F 190 5.84 1.68 -8.16
C GLY F 190 5.88 2.23 -9.57
N TYR F 191 5.06 3.21 -9.90
CA TYR F 191 5.04 3.78 -11.25
C TYR F 191 6.02 4.95 -11.34
N VAL F 192 6.45 5.23 -12.58
CA VAL F 192 7.39 6.32 -12.82
C VAL F 192 6.72 7.65 -12.48
N ALA F 193 7.41 8.47 -11.70
CA ALA F 193 6.89 9.77 -11.29
C ALA F 193 7.61 10.92 -11.97
N GLU F 194 8.91 11.05 -11.75
CA GLU F 194 9.68 12.20 -12.21
C GLU F 194 11.16 11.90 -12.00
N GLY F 195 12.00 12.85 -12.38
CA GLY F 195 13.39 12.84 -12.01
C GLY F 195 13.59 13.40 -10.61
N SER F 196 14.85 13.60 -10.26
CA SER F 196 15.17 14.17 -8.95
C SER F 196 14.61 15.59 -8.83
N GLY F 197 14.65 16.36 -9.93
CA GLY F 197 14.09 17.69 -9.92
C GLY F 197 13.51 18.05 -11.29
N GLU F 198 13.07 17.05 -12.03
CA GLU F 198 12.57 17.24 -13.39
C GLU F 198 11.40 16.30 -13.65
N ASN F 199 10.49 16.74 -14.50
CA ASN F 199 9.49 15.83 -15.04
C ASN F 199 10.09 15.03 -16.19
N ILE F 200 9.45 13.91 -16.50
CA ILE F 200 9.99 12.96 -17.48
C ILE F 200 8.96 12.73 -18.57
N PHE F 201 9.44 12.64 -19.80
CA PHE F 201 8.61 12.34 -20.97
C PHE F 201 9.26 11.19 -21.72
N ILE F 202 8.42 10.36 -22.34
CA ILE F 202 8.90 9.29 -23.22
C ILE F 202 8.14 9.39 -24.53
N ILE F 203 8.75 8.83 -25.58
CA ILE F 203 8.14 8.81 -26.91
C ILE F 203 8.13 7.37 -27.40
N LYS F 204 6.97 6.94 -27.91
CA LYS F 204 6.82 5.60 -28.49
C LYS F 204 5.96 5.71 -29.73
N ASP F 205 6.55 5.42 -30.89
CA ASP F 205 5.87 5.45 -32.18
C ASP F 205 5.30 6.84 -32.49
N GLY F 206 6.07 7.87 -32.18
CA GLY F 206 5.68 9.23 -32.47
C GLY F 206 4.65 9.81 -31.53
N VAL F 207 4.32 9.13 -30.44
CA VAL F 207 3.36 9.60 -29.45
C VAL F 207 4.12 9.95 -28.18
N ILE F 208 3.75 11.06 -27.55
CA ILE F 208 4.41 11.52 -26.33
C ILE F 208 3.62 11.02 -25.12
N TYR F 209 4.32 10.39 -24.18
CA TYR F 209 3.73 9.92 -22.94
C TYR F 209 4.46 10.56 -21.76
N THR F 210 3.70 10.93 -20.74
CA THR F 210 4.27 11.51 -19.53
C THR F 210 3.37 11.15 -18.36
N PRO F 211 3.94 10.94 -17.17
CA PRO F 211 3.11 10.53 -16.02
C PRO F 211 2.09 11.60 -15.64
N GLU F 212 0.91 11.14 -15.24
CA GLU F 212 -0.11 12.04 -14.72
C GLU F 212 0.40 12.74 -13.46
N VAL F 213 -0.04 13.98 -13.27
CA VAL F 213 0.33 14.76 -12.10
C VAL F 213 -0.38 14.17 -10.87
N THR F 214 0.18 13.11 -10.31
CA THR F 214 -0.34 12.52 -9.08
C THR F 214 0.60 12.77 -7.93
N ALA F 215 1.79 12.13 -7.92
CA ALA F 215 2.80 12.41 -6.93
C ALA F 215 3.90 13.34 -7.43
N CYS F 216 4.08 13.45 -8.74
CA CYS F 216 5.10 14.31 -9.29
C CYS F 216 4.65 15.76 -9.30
N LEU F 217 5.61 16.67 -9.20
CA LEU F 217 5.29 18.09 -9.16
C LEU F 217 4.76 18.56 -10.51
N ASN F 218 3.73 19.40 -10.46
CA ASN F 218 3.15 20.00 -11.67
C ASN F 218 4.14 21.02 -12.21
N GLY F 219 5.12 20.52 -12.96
CA GLY F 219 6.19 21.37 -13.45
C GLY F 219 5.68 22.40 -14.45
N ILE F 220 6.26 23.60 -14.37
CA ILE F 220 5.90 24.65 -15.32
C ILE F 220 6.53 24.39 -16.67
N THR F 221 7.77 23.89 -16.70
CA THR F 221 8.37 23.45 -17.96
C THR F 221 7.56 22.30 -18.56
N ARG F 222 7.06 21.40 -17.71
CA ARG F 222 6.17 20.35 -18.18
C ARG F 222 4.95 20.93 -18.88
N ASN F 223 4.30 21.90 -18.23
CA ASN F 223 3.12 22.52 -18.83
C ASN F 223 3.46 23.22 -20.14
N THR F 224 4.65 23.82 -20.21
CA THR F 224 5.06 24.50 -21.43
C THR F 224 5.22 23.51 -22.58
N ILE F 225 5.77 22.33 -22.30
CA ILE F 225 5.95 21.33 -23.35
C ILE F 225 4.62 20.73 -23.77
N LEU F 226 3.66 20.61 -22.84
CA LEU F 226 2.32 20.16 -23.21
C LEU F 226 1.68 21.14 -24.19
N THR F 227 1.87 22.44 -23.96
CA THR F 227 1.33 23.43 -24.88
C THR F 227 2.07 23.41 -26.21
N LEU F 228 3.41 23.33 -26.18
CA LEU F 228 4.18 23.29 -27.41
C LEU F 228 3.87 22.03 -28.22
N ALA F 229 3.67 20.90 -27.52
CA ALA F 229 3.36 19.66 -28.23
C ALA F 229 2.03 19.75 -28.97
N ALA F 230 1.02 20.36 -28.34
CA ALA F 230 -0.28 20.51 -28.99
C ALA F 230 -0.18 21.45 -30.18
N GLU F 231 0.55 22.56 -30.04
CA GLU F 231 0.70 23.51 -31.12
C GLU F 231 1.45 22.93 -32.30
N HIS F 232 2.39 22.01 -32.06
CA HIS F 232 3.13 21.34 -33.12
C HIS F 232 2.39 20.11 -33.65
N GLY F 233 1.19 19.83 -33.17
CA GLY F 233 0.42 18.72 -33.68
C GLY F 233 0.81 17.36 -33.14
N PHE F 234 1.54 17.30 -32.02
CA PHE F 234 1.91 16.03 -31.44
C PHE F 234 0.76 15.47 -30.60
N LYS F 235 0.55 14.16 -30.71
CA LYS F 235 -0.36 13.47 -29.81
C LYS F 235 0.33 13.23 -28.47
N LEU F 236 -0.28 13.66 -27.39
CA LEU F 236 0.29 13.52 -26.06
C LEU F 236 -0.70 12.81 -25.15
N VAL F 237 -0.19 11.85 -24.38
CA VAL F 237 -1.02 11.04 -23.49
C VAL F 237 -0.44 11.11 -22.09
N GLU F 238 -1.28 11.46 -21.12
CA GLU F 238 -0.93 11.41 -19.70
C GLU F 238 -1.50 10.12 -19.12
N LYS F 239 -0.64 9.28 -18.58
CA LYS F 239 -1.07 8.00 -18.02
C LYS F 239 0.02 7.52 -17.06
N ARG F 240 -0.26 6.40 -16.40
CA ARG F 240 0.71 5.80 -15.51
C ARG F 240 1.75 5.02 -16.32
N ILE F 241 3.01 5.31 -16.08
CA ILE F 241 4.12 4.73 -16.83
C ILE F 241 4.95 3.87 -15.89
N THR F 242 5.28 2.66 -16.33
CA THR F 242 6.15 1.80 -15.54
C THR F 242 7.61 1.98 -15.98
N ARG F 243 8.52 1.48 -15.14
CA ARG F 243 9.94 1.63 -15.43
C ARG F 243 10.34 0.89 -16.70
N ASP F 244 9.78 -0.29 -16.93
CA ASP F 244 10.10 -1.04 -18.14
C ASP F 244 9.43 -0.46 -19.37
N GLU F 245 8.38 0.32 -19.20
CA GLU F 245 7.82 1.06 -20.33
C GLU F 245 8.78 2.13 -20.81
N VAL F 246 9.55 2.72 -19.89
CA VAL F 246 10.59 3.67 -20.29
C VAL F 246 11.73 2.97 -21.02
N TYR F 247 12.03 1.72 -20.63
CA TYR F 247 13.15 1.01 -21.26
C TYR F 247 12.94 0.85 -22.76
N ILE F 248 11.70 0.59 -23.18
CA ILE F 248 11.41 0.26 -24.57
C ILE F 248 10.87 1.46 -25.34
N ALA F 249 10.99 2.66 -24.80
CA ALA F 249 10.54 3.85 -25.49
C ALA F 249 11.52 4.24 -26.58
N ASP F 250 11.00 4.86 -27.64
CA ASP F 250 11.88 5.36 -28.70
C ASP F 250 12.74 6.52 -28.20
N GLU F 251 12.16 7.40 -27.38
CA GLU F 251 12.86 8.56 -26.86
C GLU F 251 12.46 8.78 -25.40
N ALA F 252 13.26 9.59 -24.72
CA ALA F 252 12.97 10.00 -23.34
C ALA F 252 13.76 11.25 -23.04
N PHE F 253 13.17 12.16 -22.28
CA PHE F 253 13.87 13.38 -21.87
C PHE F 253 13.26 13.93 -20.59
N PHE F 254 14.02 14.80 -19.94
CA PHE F 254 13.61 15.50 -18.73
C PHE F 254 13.21 16.93 -19.06
N THR F 255 12.29 17.48 -18.26
CA THR F 255 11.91 18.89 -18.36
C THR F 255 11.99 19.54 -16.99
N GLY F 256 12.55 20.75 -16.96
CA GLY F 256 12.67 21.51 -15.73
C GLY F 256 13.19 22.90 -16.01
N THR F 257 13.01 23.79 -15.04
CA THR F 257 13.45 25.17 -15.22
C THR F 257 14.97 25.24 -15.40
N ALA F 258 15.71 24.51 -14.56
CA ALA F 258 17.17 24.53 -14.66
C ALA F 258 17.67 23.64 -15.79
N ALA F 259 17.03 22.48 -15.99
CA ALA F 259 17.51 21.51 -16.96
C ALA F 259 16.98 21.74 -18.38
N GLU F 260 15.99 22.61 -18.55
CA GLU F 260 15.34 22.85 -19.84
C GLU F 260 14.85 21.51 -20.35
N VAL F 261 15.11 21.14 -21.61
CA VAL F 261 14.77 19.82 -22.13
C VAL F 261 16.09 19.04 -22.25
N THR F 262 16.27 18.06 -21.37
CA THR F 262 17.50 17.26 -21.35
C THR F 262 17.20 15.86 -21.85
N PRO F 263 17.76 15.42 -22.98
CA PRO F 263 17.46 14.08 -23.48
C PRO F 263 18.04 13.01 -22.57
N ILE F 264 17.39 11.85 -22.56
CA ILE F 264 17.83 10.68 -21.82
C ILE F 264 18.22 9.61 -22.83
N ARG F 265 19.44 9.08 -22.69
CA ARG F 265 19.93 8.06 -23.62
C ARG F 265 19.99 6.68 -23.01
N GLU F 266 19.90 6.55 -21.69
CA GLU F 266 20.04 5.24 -21.04
C GLU F 266 19.38 5.30 -19.67
N VAL F 267 18.57 4.28 -19.38
CA VAL F 267 17.95 4.11 -18.07
C VAL F 267 18.25 2.71 -17.59
N ASP F 268 18.85 2.60 -16.39
CA ASP F 268 19.16 1.31 -15.77
C ASP F 268 19.91 0.39 -16.73
N GLY F 269 20.86 0.96 -17.47
CA GLY F 269 21.64 0.20 -18.42
C GLY F 269 20.94 -0.14 -19.70
N ARG F 270 19.65 0.20 -19.84
CA ARG F 270 18.91 -0.04 -21.07
C ARG F 270 19.07 1.15 -22.00
N LYS F 271 19.55 0.91 -23.20
CA LYS F 271 19.63 1.96 -24.20
C LYS F 271 18.24 2.38 -24.63
N ILE F 272 18.00 3.69 -24.69
CA ILE F 272 16.70 4.23 -25.08
C ILE F 272 16.72 4.45 -26.59
N GLY F 273 16.00 3.60 -27.33
CA GLY F 273 15.98 3.74 -28.78
C GLY F 273 17.37 3.57 -29.37
N ALA F 274 17.75 4.51 -30.23
CA ALA F 274 19.08 4.51 -30.82
C ALA F 274 20.14 5.08 -29.89
N GLY F 275 19.78 5.49 -28.68
CA GLY F 275 20.75 5.92 -27.69
C GLY F 275 21.26 7.33 -27.86
N ARG F 276 20.65 8.12 -28.74
CA ARG F 276 20.97 9.53 -28.92
C ARG F 276 19.68 10.34 -28.87
N ARG F 277 19.82 11.66 -28.95
CA ARG F 277 18.66 12.54 -28.92
C ARG F 277 17.77 12.26 -30.12
N GLY F 278 16.52 11.90 -29.87
CA GLY F 278 15.60 11.52 -30.91
C GLY F 278 14.98 12.72 -31.59
N PRO F 279 14.27 12.45 -32.70
CA PRO F 279 13.70 13.56 -33.49
C PRO F 279 12.67 14.37 -32.75
N VAL F 280 11.76 13.74 -32.01
CA VAL F 280 10.75 14.48 -31.27
C VAL F 280 11.39 15.31 -30.17
N THR F 281 12.34 14.72 -29.44
CA THR F 281 13.03 15.44 -28.38
C THR F 281 13.75 16.68 -28.92
N GLU F 282 14.43 16.53 -30.05
CA GLU F 282 15.15 17.66 -30.64
C GLU F 282 14.18 18.74 -31.09
N LYS F 283 13.04 18.35 -31.66
CA LYS F 283 12.04 19.32 -32.09
C LYS F 283 11.48 20.09 -30.90
N LEU F 284 11.15 19.39 -29.81
CA LEU F 284 10.61 20.06 -28.64
C LEU F 284 11.67 20.86 -27.91
N GLN F 285 12.89 20.32 -27.82
CA GLN F 285 13.99 21.05 -27.19
C GLN F 285 14.27 22.34 -27.94
N LYS F 286 14.33 22.28 -29.26
CA LYS F 286 14.54 23.48 -30.08
C LYS F 286 13.38 24.46 -29.91
N ALA F 287 12.15 23.95 -29.91
CA ALA F 287 10.99 24.83 -29.74
C ALA F 287 11.01 25.52 -28.38
N TYR F 288 11.38 24.78 -27.33
CA TYR F 288 11.42 25.37 -26.00
C TYR F 288 12.53 26.40 -25.88
N PHE F 289 13.70 26.12 -26.45
CA PHE F 289 14.81 27.07 -26.36
C PHE F 289 14.49 28.34 -27.15
N ASP F 290 13.90 28.20 -28.35
CA ASP F 290 13.51 29.38 -29.11
C ASP F 290 12.43 30.16 -28.38
N LEU F 291 11.59 29.48 -27.60
CA LEU F 291 10.54 30.17 -26.85
C LEU F 291 11.14 30.99 -25.71
N VAL F 292 12.03 30.38 -24.91
CA VAL F 292 12.56 31.07 -23.75
C VAL F 292 13.57 32.14 -24.13
N SER F 293 14.29 31.96 -25.24
N SER F 293 14.29 31.96 -25.24
CA SER F 293 15.29 32.91 -25.69
CA SER F 293 15.29 32.93 -25.68
C SER F 293 14.71 34.00 -26.58
C SER F 293 14.71 34.00 -26.59
N GLY F 294 13.39 34.02 -26.79
CA GLY F 294 12.78 35.04 -27.62
C GLY F 294 13.16 34.98 -29.08
N LYS F 295 13.67 33.85 -29.56
CA LYS F 295 14.00 33.70 -30.98
C LYS F 295 12.77 33.75 -31.87
N THR F 296 11.57 33.69 -31.29
CA THR F 296 10.34 33.82 -32.04
C THR F 296 9.37 34.68 -31.25
N GLU F 297 8.49 35.38 -31.96
CA GLU F 297 7.51 36.24 -31.31
C GLU F 297 6.39 35.45 -30.64
N ALA F 298 6.35 34.13 -30.79
CA ALA F 298 5.28 33.33 -30.22
C ALA F 298 5.33 33.36 -28.70
N HIS F 299 4.15 33.37 -28.09
CA HIS F 299 3.99 33.36 -26.63
C HIS F 299 4.77 34.49 -25.98
N ALA F 300 4.55 35.71 -26.48
CA ALA F 300 5.17 36.87 -25.87
C ALA F 300 4.67 37.14 -24.46
N GLU F 301 3.46 36.66 -24.14
CA GLU F 301 2.93 36.80 -22.78
C GLU F 301 3.70 35.96 -21.77
N TRP F 302 4.48 34.98 -22.22
CA TRP F 302 5.30 34.17 -21.33
C TRP F 302 6.67 34.77 -21.05
N ARG F 303 7.02 35.86 -21.72
CA ARG F 303 8.31 36.52 -21.51
C ARG F 303 8.06 37.88 -20.88
N THR F 304 8.62 38.08 -19.69
CA THR F 304 8.50 39.33 -18.96
C THR F 304 9.85 40.04 -19.00
N LEU F 305 9.91 41.16 -19.72
CA LEU F 305 11.15 41.92 -19.80
C LEU F 305 11.52 42.47 -18.43
N VAL F 306 12.80 42.38 -18.09
CA VAL F 306 13.26 42.71 -16.75
C VAL F 306 13.45 44.22 -16.60
N LYS F 307 13.93 44.88 -17.66
CA LYS F 307 14.14 46.33 -17.61
C LYS F 307 12.86 47.10 -17.90
#